data_1E2Y
#
_entry.id   1E2Y
#
_cell.length_a   123.800
_cell.length_b   97.200
_cell.length_c   133.800
_cell.angle_alpha   90.00
_cell.angle_beta   93.10
_cell.angle_gamma   90.00
#
_symmetry.space_group_name_H-M   'P 1 21 1'
#
loop_
_entity.id
_entity.type
_entity.pdbx_description
1 polymer 'TRYPAREDOXIN PEROXIDASE'
2 non-polymer 'CHLORIDE ION'
3 water water
#
_entity_poly.entity_id   1
_entity_poly.type   'polypeptide(L)'
_entity_poly.pdbx_seq_one_letter_code
;(MSE)SCGAAKLNHPAPEFDD(MSE)AL(MSE)PNGTFKKVSLSSYKGKYVVLFFYP(MSE)DFTFVCPTEIIQFSDDAK
RFAEINTEVISCSCDSEYSHLQWTSVDRKKGGLGP(MSE)AIP(MSE)LADKTKAIARAYGVLDEDSGVAYRGVFIIDPN
GKLRQIIIND(MSE)PIGRNVEEVIRLVEALQFVEEHGEVCPANWKKGDAKKKEGH
;
_entity_poly.pdbx_strand_id   A,B,C,D,E,F,G,H,I,J
#
loop_
_chem_comp.id
_chem_comp.type
_chem_comp.name
_chem_comp.formula
CL non-polymer 'CHLORIDE ION' 'Cl -1'
#
# COMPACT_ATOMS: atom_id res chain seq x y z
N GLY A 4 -9.20 26.24 -2.19
CA GLY A 4 -10.07 25.13 -2.54
C GLY A 4 -10.50 25.21 -3.99
N ALA A 5 -10.96 24.11 -4.56
CA ALA A 5 -11.42 24.17 -5.93
C ALA A 5 -12.59 25.14 -5.98
N ALA A 6 -12.41 26.07 -6.88
CA ALA A 6 -13.36 27.07 -7.22
C ALA A 6 -12.78 27.43 -8.56
N LYS A 7 -13.15 26.69 -9.59
CA LYS A 7 -12.58 27.04 -10.86
C LYS A 7 -13.57 27.94 -11.58
N LEU A 8 -13.07 28.66 -12.58
CA LEU A 8 -13.87 29.56 -13.39
C LEU A 8 -14.67 28.77 -14.40
N ASN A 9 -15.80 29.30 -14.80
CA ASN A 9 -16.65 28.62 -15.76
C ASN A 9 -17.06 27.22 -15.32
N HIS A 10 -16.95 26.96 -14.03
CA HIS A 10 -17.37 25.70 -13.47
C HIS A 10 -18.38 26.05 -12.40
N PRO A 11 -19.45 25.29 -12.30
CA PRO A 11 -20.45 25.61 -11.27
C PRO A 11 -19.83 26.00 -9.92
N ALA A 12 -20.17 27.19 -9.45
CA ALA A 12 -19.64 27.66 -8.18
C ALA A 12 -19.95 26.69 -7.05
N PRO A 13 -19.12 26.69 -6.02
CA PRO A 13 -19.29 25.82 -4.87
C PRO A 13 -20.61 26.08 -4.18
N GLU A 14 -21.41 25.05 -4.02
CA GLU A 14 -22.69 25.23 -3.38
C GLU A 14 -22.53 25.62 -1.93
N PHE A 15 -23.27 26.61 -1.47
CA PHE A 15 -23.22 26.96 -0.08
C PHE A 15 -24.63 26.85 0.44
N ASP A 16 -24.79 26.42 1.68
CA ASP A 16 -26.12 26.24 2.25
C ASP A 16 -25.92 26.38 3.75
N ASP A 17 -26.28 27.53 4.30
CA ASP A 17 -26.06 27.75 5.72
C ASP A 17 -26.84 28.94 6.24
N MSE A 18 -26.96 29.04 7.56
CA MSE A 18 -27.68 30.13 8.15
C MSE A 18 -27.28 31.49 7.72
O MSE A 18 -26.11 31.75 7.44
CB MSE A 18 -27.59 30.02 9.65
CG MSE A 18 -28.50 28.92 10.15
SE MSE A 18 -30.36 29.36 9.79
CE MSE A 18 -30.96 29.50 11.63
N ALA A 19 -28.26 32.37 7.65
CA ALA A 19 -28.03 33.75 7.26
C ALA A 19 -29.01 34.65 7.96
N LEU A 20 -28.55 35.83 8.35
CA LEU A 20 -29.37 36.81 9.02
C LEU A 20 -30.03 37.63 7.94
N MSE A 21 -31.27 37.27 7.62
CA MSE A 21 -32.02 37.97 6.59
C MSE A 21 -32.07 39.48 6.79
O MSE A 21 -31.78 39.99 7.88
CB MSE A 21 -33.43 37.40 6.55
CG MSE A 21 -33.43 35.93 6.27
SE MSE A 21 -32.40 35.49 4.71
CE MSE A 21 -33.76 35.37 3.35
N PRO A 22 -32.45 40.21 5.75
CA PRO A 22 -32.52 41.67 5.84
C PRO A 22 -33.31 42.13 7.04
N ASN A 23 -34.55 41.68 7.14
CA ASN A 23 -35.43 42.06 8.24
C ASN A 23 -34.89 41.71 9.63
N GLY A 24 -34.88 40.43 9.98
CA GLY A 24 -34.37 40.07 11.27
C GLY A 24 -34.52 38.59 11.52
N THR A 25 -35.02 37.87 10.52
CA THR A 25 -35.22 36.43 10.64
C THR A 25 -33.89 35.68 10.49
N PHE A 26 -33.92 34.40 10.81
CA PHE A 26 -32.78 33.52 10.66
C PHE A 26 -33.22 32.48 9.65
N LYS A 27 -32.70 32.58 8.42
CA LYS A 27 -33.06 31.62 7.40
C LYS A 27 -31.83 30.95 6.80
N LYS A 28 -31.95 29.68 6.50
CA LYS A 28 -30.86 28.95 5.89
C LYS A 28 -30.91 29.21 4.38
N VAL A 29 -29.92 29.93 3.89
CA VAL A 29 -29.80 30.26 2.47
C VAL A 29 -28.88 29.34 1.65
N SER A 30 -29.23 29.10 0.40
CA SER A 30 -28.45 28.24 -0.47
C SER A 30 -28.15 28.93 -1.80
N LEU A 31 -27.03 28.60 -2.40
CA LEU A 31 -26.69 29.24 -3.67
C LEU A 31 -27.62 28.85 -4.78
N SER A 32 -28.26 27.68 -4.66
CA SER A 32 -29.19 27.25 -5.70
C SER A 32 -30.47 28.09 -5.65
N SER A 33 -30.76 28.67 -4.49
CA SER A 33 -31.92 29.54 -4.34
C SER A 33 -31.87 30.63 -5.39
N TYR A 34 -30.67 31.14 -5.63
CA TYR A 34 -30.48 32.22 -6.58
C TYR A 34 -30.42 31.78 -8.03
N LYS A 35 -30.58 30.49 -8.32
CA LYS A 35 -30.49 30.07 -9.71
C LYS A 35 -31.43 30.90 -10.56
N GLY A 36 -30.86 31.79 -11.36
CA GLY A 36 -31.65 32.65 -12.21
C GLY A 36 -31.15 34.07 -12.20
N LYS A 37 -30.50 34.47 -11.12
CA LYS A 37 -29.96 35.81 -11.00
C LYS A 37 -28.44 35.73 -10.86
N TYR A 38 -27.77 36.87 -10.99
CA TYR A 38 -26.32 36.93 -10.80
C TYR A 38 -26.15 37.08 -9.28
N VAL A 39 -25.11 36.45 -8.74
CA VAL A 39 -24.91 36.57 -7.32
C VAL A 39 -23.53 37.10 -7.00
N VAL A 40 -23.45 37.87 -5.94
CA VAL A 40 -22.20 38.45 -5.54
C VAL A 40 -21.99 38.00 -4.12
N LEU A 41 -21.08 37.07 -3.97
CA LEU A 41 -20.71 36.56 -2.66
C LEU A 41 -19.43 37.29 -2.26
N PHE A 42 -19.38 37.81 -1.05
CA PHE A 42 -18.17 38.48 -0.59
C PHE A 42 -17.89 38.16 0.87
N PHE A 43 -16.62 38.00 1.22
CA PHE A 43 -16.25 37.64 2.57
C PHE A 43 -15.55 38.76 3.33
N TYR A 44 -15.56 38.64 4.64
CA TYR A 44 -14.91 39.59 5.53
C TYR A 44 -14.52 38.73 6.72
N PRO A 45 -13.36 39.04 7.32
CA PRO A 45 -12.75 38.38 8.46
C PRO A 45 -13.62 38.17 9.67
N MSE A 46 -13.76 39.22 10.47
CA MSE A 46 -14.55 39.17 11.69
C MSE A 46 -15.67 40.19 11.78
O MSE A 46 -15.74 41.08 10.95
CB MSE A 46 -13.62 39.27 12.86
CG MSE A 46 -12.69 38.16 12.77
SE MSE A 46 -11.34 38.40 13.97
CE MSE A 46 -10.13 39.41 12.87
N ASP A 47 -16.52 40.07 12.80
CA ASP A 47 -17.67 40.95 12.86
C ASP A 47 -17.52 42.31 13.50
N PHE A 48 -17.25 42.38 14.78
CA PHE A 48 -17.15 43.69 15.38
C PHE A 48 -15.76 44.26 15.18
N THR A 49 -15.22 43.99 14.00
CA THR A 49 -13.90 44.43 13.60
C THR A 49 -13.74 45.91 13.93
N PHE A 50 -12.62 46.25 14.56
CA PHE A 50 -12.29 47.61 14.96
C PHE A 50 -12.74 48.63 13.89
N VAL A 51 -12.78 48.17 12.65
CA VAL A 51 -13.24 48.95 11.51
C VAL A 51 -13.69 47.97 10.44
N CYS A 52 -13.68 48.43 9.19
CA CYS A 52 -14.07 47.66 7.99
C CYS A 52 -15.48 47.08 7.80
N PRO A 53 -16.52 47.85 8.20
CA PRO A 53 -17.93 47.49 8.06
C PRO A 53 -18.29 48.36 6.87
N THR A 54 -17.61 49.50 6.81
CA THR A 54 -17.75 50.48 5.76
C THR A 54 -17.90 49.73 4.46
N GLU A 55 -16.96 48.81 4.26
CA GLU A 55 -16.92 47.98 3.07
C GLU A 55 -18.21 47.17 3.03
N ILE A 56 -18.48 46.47 4.12
CA ILE A 56 -19.67 45.65 4.24
C ILE A 56 -20.91 46.48 3.89
N ILE A 57 -21.02 47.66 4.50
CA ILE A 57 -22.14 48.58 4.28
C ILE A 57 -22.29 49.00 2.81
N GLN A 58 -21.23 49.55 2.23
CA GLN A 58 -21.27 49.96 0.84
C GLN A 58 -22.06 48.94 0.00
N PHE A 59 -21.81 47.65 0.22
CA PHE A 59 -22.55 46.64 -0.53
C PHE A 59 -24.03 46.75 -0.20
N SER A 60 -24.35 46.76 1.09
CA SER A 60 -25.74 46.84 1.54
C SER A 60 -26.45 47.99 0.89
N ASP A 61 -25.78 49.13 0.82
CA ASP A 61 -26.38 50.28 0.20
C ASP A 61 -26.56 50.07 -1.28
N ASP A 62 -25.48 49.84 -2.01
CA ASP A 62 -25.59 49.62 -3.46
C ASP A 62 -26.42 48.35 -3.77
N ALA A 63 -27.03 47.80 -2.72
CA ALA A 63 -27.85 46.62 -2.88
C ALA A 63 -28.98 46.88 -3.87
N LYS A 64 -29.60 48.04 -3.70
CA LYS A 64 -30.68 48.49 -4.53
C LYS A 64 -30.16 48.57 -5.96
N ARG A 65 -29.11 49.36 -6.14
CA ARG A 65 -28.50 49.54 -7.44
C ARG A 65 -28.14 48.20 -8.10
N PHE A 66 -27.74 47.23 -7.30
CA PHE A 66 -27.39 45.90 -7.81
C PHE A 66 -28.64 45.20 -8.29
N ALA A 67 -29.64 45.18 -7.42
CA ALA A 67 -30.91 44.52 -7.72
C ALA A 67 -31.44 45.00 -9.05
N GLU A 68 -31.24 46.28 -9.31
CA GLU A 68 -31.69 46.93 -10.52
C GLU A 68 -31.12 46.19 -11.74
N ILE A 69 -29.95 45.60 -11.58
CA ILE A 69 -29.30 44.89 -12.69
C ILE A 69 -29.30 43.35 -12.58
N ASN A 70 -30.38 42.81 -12.03
CA ASN A 70 -30.57 41.37 -11.88
C ASN A 70 -29.54 40.68 -11.01
N THR A 71 -28.90 41.40 -10.11
CA THR A 71 -27.93 40.72 -9.28
C THR A 71 -28.26 40.88 -7.80
N GLU A 72 -28.09 39.80 -7.06
CA GLU A 72 -28.36 39.84 -5.64
C GLU A 72 -26.99 39.71 -4.99
N VAL A 73 -26.80 40.31 -3.82
CA VAL A 73 -25.51 40.19 -3.14
C VAL A 73 -25.72 39.64 -1.75
N ILE A 74 -24.70 38.99 -1.21
CA ILE A 74 -24.78 38.36 0.10
C ILE A 74 -23.38 38.26 0.70
N SER A 75 -23.29 38.57 1.99
CA SER A 75 -22.02 38.54 2.71
C SER A 75 -21.80 37.19 3.36
N CYS A 76 -20.67 37.06 4.03
CA CYS A 76 -20.32 35.81 4.69
C CYS A 76 -19.06 35.99 5.51
N SER A 77 -19.05 35.36 6.68
CA SER A 77 -17.92 35.42 7.59
C SER A 77 -18.05 34.25 8.52
N CYS A 78 -17.00 33.95 9.29
CA CYS A 78 -17.09 32.82 10.17
C CYS A 78 -17.68 33.12 11.51
N ASP A 79 -18.52 34.13 11.57
CA ASP A 79 -19.14 34.47 12.85
C ASP A 79 -20.55 33.95 12.94
N SER A 80 -21.05 33.80 14.16
CA SER A 80 -22.40 33.28 14.34
C SER A 80 -23.53 34.20 13.90
N GLU A 81 -24.61 33.57 13.43
CA GLU A 81 -25.82 34.25 13.02
C GLU A 81 -26.21 35.25 14.12
N TYR A 82 -26.04 34.82 15.36
CA TYR A 82 -26.38 35.65 16.50
C TYR A 82 -25.44 36.84 16.58
N SER A 83 -24.17 36.61 16.30
CA SER A 83 -23.20 37.67 16.33
C SER A 83 -23.52 38.71 15.25
N HIS A 84 -24.01 38.24 14.11
CA HIS A 84 -24.36 39.16 13.03
C HIS A 84 -25.47 40.04 13.54
N LEU A 85 -26.51 39.41 14.10
CA LEU A 85 -27.66 40.15 14.58
C LEU A 85 -27.19 41.25 15.52
N GLN A 86 -26.53 40.84 16.60
CA GLN A 86 -26.01 41.77 17.58
C GLN A 86 -25.29 42.91 16.91
N TRP A 87 -24.62 42.67 15.79
CA TRP A 87 -23.92 43.75 15.16
C TRP A 87 -24.89 44.62 14.39
N THR A 88 -25.96 44.03 13.91
CA THR A 88 -26.94 44.76 13.12
C THR A 88 -27.81 45.65 14.00
N SER A 89 -27.85 45.34 15.29
CA SER A 89 -28.65 46.12 16.23
C SER A 89 -27.99 47.44 16.59
N VAL A 90 -26.67 47.46 16.69
CA VAL A 90 -25.96 48.69 17.03
C VAL A 90 -26.10 49.69 15.89
N ASP A 91 -26.34 50.95 16.23
CA ASP A 91 -26.54 52.00 15.23
C ASP A 91 -25.27 52.35 14.47
N ARG A 92 -25.41 52.32 13.15
CA ARG A 92 -24.32 52.60 12.21
C ARG A 92 -23.50 53.80 12.67
N LYS A 93 -24.19 54.74 13.31
CA LYS A 93 -23.56 55.96 13.79
C LYS A 93 -22.51 55.70 14.87
N LYS A 94 -22.76 54.72 15.73
CA LYS A 94 -21.81 54.41 16.80
C LYS A 94 -20.96 53.18 16.48
N GLY A 95 -20.32 53.19 15.32
CA GLY A 95 -19.47 52.08 14.91
C GLY A 95 -20.21 50.77 14.69
N GLY A 96 -21.54 50.86 14.65
CA GLY A 96 -22.34 49.68 14.43
C GLY A 96 -22.50 49.39 12.95
N LEU A 97 -23.47 48.55 12.62
CA LEU A 97 -23.71 48.19 11.24
C LEU A 97 -25.09 48.68 10.79
N GLY A 98 -26.08 48.53 11.66
CA GLY A 98 -27.42 48.98 11.34
C GLY A 98 -28.03 48.09 10.29
N PRO A 99 -29.37 48.04 10.18
CA PRO A 99 -30.10 47.22 9.23
C PRO A 99 -29.45 47.09 7.87
N MSE A 100 -29.33 45.86 7.39
CA MSE A 100 -28.71 45.58 6.11
C MSE A 100 -29.79 45.14 5.14
O MSE A 100 -30.81 44.58 5.54
CB MSE A 100 -27.70 44.44 6.23
CG MSE A 100 -26.59 44.64 7.23
SE MSE A 100 -25.39 45.95 6.62
CE MSE A 100 -24.43 44.93 5.28
N ALA A 101 -29.55 45.37 3.85
CA ALA A 101 -30.49 44.96 2.82
C ALA A 101 -29.98 43.65 2.25
N ILE A 102 -28.87 43.20 2.81
CA ILE A 102 -28.23 41.99 2.36
C ILE A 102 -28.30 40.86 3.37
N PRO A 103 -28.48 39.63 2.88
CA PRO A 103 -28.55 38.51 3.81
C PRO A 103 -27.09 38.33 4.27
N MSE A 104 -26.88 37.95 5.53
CA MSE A 104 -25.52 37.76 6.01
C MSE A 104 -25.23 36.31 6.41
O MSE A 104 -25.62 35.85 7.49
CB MSE A 104 -25.26 38.69 7.17
CG MSE A 104 -25.25 40.13 6.76
SE MSE A 104 -25.07 41.24 8.31
CE MSE A 104 -23.18 41.24 8.52
N LEU A 105 -24.54 35.59 5.53
CA LEU A 105 -24.19 34.21 5.79
C LEU A 105 -23.29 34.10 7.00
N ALA A 106 -23.43 32.99 7.69
CA ALA A 106 -22.63 32.70 8.86
C ALA A 106 -22.19 31.25 8.80
N ASP A 107 -20.94 30.97 8.41
CA ASP A 107 -20.51 29.57 8.38
C ASP A 107 -19.59 29.25 9.53
N LYS A 108 -20.22 28.88 10.64
CA LYS A 108 -19.54 28.52 11.85
C LYS A 108 -18.68 27.30 11.59
N THR A 109 -19.03 26.60 10.52
CA THR A 109 -18.38 25.38 10.10
C THR A 109 -17.13 25.63 9.25
N LYS A 110 -17.05 26.84 8.69
CA LYS A 110 -15.91 27.26 7.84
C LYS A 110 -15.92 26.56 6.51
N ALA A 111 -16.95 25.73 6.32
CA ALA A 111 -17.11 24.96 5.10
C ALA A 111 -17.09 25.83 3.87
N ILE A 112 -17.72 27.00 3.95
CA ILE A 112 -17.79 27.89 2.79
C ILE A 112 -16.47 28.57 2.46
N ALA A 113 -15.87 29.18 3.46
CA ALA A 113 -14.59 29.86 3.28
C ALA A 113 -13.64 28.91 2.56
N ARG A 114 -13.59 27.68 3.06
CA ARG A 114 -12.73 26.67 2.48
C ARG A 114 -13.09 26.42 1.05
N ALA A 115 -14.38 26.28 0.77
CA ALA A 115 -14.86 26.02 -0.58
C ALA A 115 -14.40 27.03 -1.62
N TYR A 116 -14.34 28.30 -1.22
CA TYR A 116 -13.91 29.33 -2.12
C TYR A 116 -12.42 29.64 -1.98
N GLY A 117 -11.74 28.91 -1.09
CA GLY A 117 -10.32 29.10 -0.90
C GLY A 117 -10.00 30.49 -0.43
N VAL A 118 -10.73 30.93 0.57
CA VAL A 118 -10.60 32.26 1.10
C VAL A 118 -10.21 32.21 2.56
N LEU A 119 -10.19 31.01 3.11
CA LEU A 119 -9.87 30.84 4.51
C LEU A 119 -8.38 30.86 4.79
N ASP A 120 -8.02 31.52 5.89
CA ASP A 120 -6.64 31.57 6.33
C ASP A 120 -6.63 30.56 7.43
N GLU A 121 -6.31 29.32 7.08
CA GLU A 121 -6.30 28.23 8.04
C GLU A 121 -5.60 28.58 9.35
N ASP A 122 -4.58 29.41 9.27
CA ASP A 122 -3.82 29.80 10.46
C ASP A 122 -4.62 30.59 11.48
N SER A 123 -5.34 31.60 11.01
CA SER A 123 -6.13 32.45 11.89
C SER A 123 -7.56 31.97 12.08
N GLY A 124 -8.15 31.38 11.05
CA GLY A 124 -9.50 30.88 11.17
C GLY A 124 -10.57 31.83 10.67
N VAL A 125 -10.16 32.79 9.85
CA VAL A 125 -11.09 33.78 9.32
C VAL A 125 -10.86 33.88 7.86
N ALA A 126 -11.74 34.56 7.14
CA ALA A 126 -11.60 34.69 5.70
C ALA A 126 -11.00 36.00 5.22
N TYR A 127 -10.44 35.96 4.03
CA TYR A 127 -9.86 37.13 3.40
C TYR A 127 -10.96 37.90 2.65
N ARG A 128 -10.68 39.14 2.31
CA ARG A 128 -11.66 39.93 1.58
C ARG A 128 -11.83 39.33 0.22
N GLY A 129 -12.63 38.26 0.12
CA GLY A 129 -12.87 37.63 -1.17
C GLY A 129 -14.18 38.10 -1.76
N VAL A 130 -14.26 38.08 -3.09
CA VAL A 130 -15.45 38.50 -3.80
C VAL A 130 -15.60 37.65 -5.04
N PHE A 131 -16.73 36.97 -5.16
CA PHE A 131 -16.95 36.14 -6.33
C PHE A 131 -18.25 36.50 -6.96
N ILE A 132 -18.31 36.37 -8.28
CA ILE A 132 -19.51 36.67 -9.05
C ILE A 132 -20.01 35.39 -9.71
N ILE A 133 -21.20 34.94 -9.31
CA ILE A 133 -21.78 33.74 -9.93
C ILE A 133 -22.86 34.17 -10.92
N ASP A 134 -22.85 33.55 -12.11
CA ASP A 134 -23.82 33.92 -13.12
C ASP A 134 -25.12 33.20 -12.88
N PRO A 135 -26.19 33.62 -13.58
CA PRO A 135 -27.52 33.03 -13.46
C PRO A 135 -27.61 31.52 -13.66
N ASN A 136 -26.64 30.95 -14.36
CA ASN A 136 -26.63 29.51 -14.57
C ASN A 136 -25.89 28.81 -13.44
N GLY A 137 -25.46 29.59 -12.44
CA GLY A 137 -24.77 29.02 -11.30
C GLY A 137 -23.30 28.75 -11.47
N LYS A 138 -22.67 29.39 -12.46
CA LYS A 138 -21.25 29.21 -12.71
C LYS A 138 -20.42 30.38 -12.20
N LEU A 139 -19.23 30.11 -11.70
CA LEU A 139 -18.36 31.14 -11.16
C LEU A 139 -17.72 31.86 -12.31
N ARG A 140 -17.77 33.19 -12.28
CA ARG A 140 -17.18 33.93 -13.39
C ARG A 140 -16.26 35.06 -13.02
N GLN A 141 -15.92 35.18 -11.75
CA GLN A 141 -15.02 36.23 -11.33
C GLN A 141 -14.42 35.94 -9.98
N ILE A 142 -13.10 36.04 -9.88
CA ILE A 142 -12.45 35.82 -8.60
C ILE A 142 -11.66 37.03 -8.21
N ILE A 143 -11.80 37.43 -6.95
CA ILE A 143 -11.11 38.59 -6.39
C ILE A 143 -10.80 38.37 -4.91
N ILE A 144 -9.52 38.41 -4.55
CA ILE A 144 -9.21 38.23 -3.15
C ILE A 144 -8.27 39.32 -2.71
N ASN A 145 -8.77 40.21 -1.86
CA ASN A 145 -8.02 41.33 -1.33
C ASN A 145 -7.38 40.95 -0.01
N ASP A 146 -6.25 41.56 0.34
CA ASP A 146 -5.61 41.20 1.61
C ASP A 146 -6.51 41.71 2.72
N MSE A 147 -6.23 41.33 3.96
CA MSE A 147 -7.05 41.73 5.09
C MSE A 147 -7.17 43.20 5.36
O MSE A 147 -8.15 43.64 5.94
CB MSE A 147 -6.51 41.07 6.35
CG MSE A 147 -6.39 39.59 6.21
SE MSE A 147 -8.07 38.68 6.39
CE MSE A 147 -7.97 38.57 8.32
N PRO A 148 -6.19 44.01 4.95
CA PRO A 148 -6.36 45.42 5.22
C PRO A 148 -6.76 46.25 4.02
N ILE A 149 -6.93 45.62 2.87
CA ILE A 149 -7.25 46.40 1.69
C ILE A 149 -8.72 46.35 1.29
N GLY A 150 -9.42 47.45 1.47
CA GLY A 150 -10.84 47.51 1.11
C GLY A 150 -11.11 47.29 -0.37
N ARG A 151 -12.34 46.93 -0.70
CA ARG A 151 -12.71 46.67 -2.08
C ARG A 151 -13.45 47.85 -2.69
N ASN A 152 -13.57 47.88 -4.01
CA ASN A 152 -14.28 48.95 -4.69
C ASN A 152 -15.55 48.39 -5.28
N VAL A 153 -16.65 48.57 -4.56
CA VAL A 153 -17.92 48.04 -5.02
C VAL A 153 -18.27 48.44 -6.46
N GLU A 154 -17.98 49.67 -6.83
CA GLU A 154 -18.31 50.10 -8.18
C GLU A 154 -17.69 49.13 -9.19
N GLU A 155 -16.47 48.72 -8.93
CA GLU A 155 -15.79 47.80 -9.82
C GLU A 155 -16.55 46.49 -9.92
N VAL A 156 -17.04 45.98 -8.79
CA VAL A 156 -17.78 44.72 -8.80
C VAL A 156 -18.92 44.89 -9.83
N ILE A 157 -19.60 46.03 -9.73
CA ILE A 157 -20.69 46.33 -10.65
C ILE A 157 -20.19 46.33 -12.10
N ARG A 158 -19.15 47.13 -12.36
CA ARG A 158 -18.56 47.21 -13.69
C ARG A 158 -18.47 45.81 -14.26
N LEU A 159 -17.89 44.92 -13.46
CA LEU A 159 -17.67 43.54 -13.81
C LEU A 159 -18.95 42.81 -14.12
N VAL A 160 -19.96 43.00 -13.27
CA VAL A 160 -21.23 42.32 -13.50
C VAL A 160 -21.81 42.83 -14.81
N GLU A 161 -21.90 44.15 -14.95
CA GLU A 161 -22.44 44.75 -16.16
C GLU A 161 -21.64 44.16 -17.33
N ALA A 162 -20.33 44.24 -17.20
CA ALA A 162 -19.42 43.72 -18.21
C ALA A 162 -19.75 42.30 -18.61
N LEU A 163 -20.05 41.47 -17.63
CA LEU A 163 -20.37 40.08 -17.92
C LEU A 163 -21.65 40.01 -18.71
N GLN A 164 -22.66 40.73 -18.23
CA GLN A 164 -23.96 40.75 -18.89
C GLN A 164 -23.82 41.20 -20.33
N PHE A 165 -22.99 42.21 -20.56
CA PHE A 165 -22.80 42.69 -21.90
C PHE A 165 -22.43 41.54 -22.81
N VAL A 166 -21.36 40.85 -22.47
CA VAL A 166 -20.91 39.72 -23.27
C VAL A 166 -22.00 38.69 -23.47
N GLU A 167 -22.85 38.53 -22.46
CA GLU A 167 -23.93 37.56 -22.55
C GLU A 167 -24.85 38.03 -23.66
N GLU A 168 -25.39 39.22 -23.48
CA GLU A 168 -26.31 39.84 -24.42
C GLU A 168 -25.81 39.78 -25.86
N HIS A 169 -24.55 40.14 -26.05
CA HIS A 169 -23.98 40.15 -27.38
C HIS A 169 -23.28 38.85 -27.75
N GLY A 170 -22.00 38.96 -28.07
CA GLY A 170 -21.21 37.80 -28.43
C GLY A 170 -19.76 38.11 -28.78
N ALA B 6 -0.26 29.05 -4.51
CA ALA B 6 -0.43 30.54 -4.62
C ALA B 6 -1.33 31.08 -3.53
N LYS B 7 -0.80 31.29 -2.33
CA LYS B 7 -1.58 31.83 -1.22
C LYS B 7 -1.18 33.27 -0.93
N LEU B 8 -2.05 33.99 -0.23
CA LEU B 8 -1.81 35.37 0.12
C LEU B 8 -0.85 35.43 1.29
N ASN B 9 -0.12 36.53 1.40
CA ASN B 9 0.85 36.70 2.46
C ASN B 9 1.87 35.58 2.51
N HIS B 10 2.02 34.88 1.40
CA HIS B 10 3.01 33.82 1.29
C HIS B 10 3.85 34.20 0.06
N PRO B 11 5.17 33.98 0.12
CA PRO B 11 6.01 34.32 -1.02
C PRO B 11 5.43 33.90 -2.37
N ALA B 12 5.22 34.87 -3.24
CA ALA B 12 4.64 34.60 -4.55
C ALA B 12 5.41 33.51 -5.27
N PRO B 13 4.78 32.79 -6.19
CA PRO B 13 5.43 31.72 -6.93
C PRO B 13 6.54 32.34 -7.76
N GLU B 14 7.74 31.75 -7.68
CA GLU B 14 8.87 32.27 -8.42
C GLU B 14 8.68 31.95 -9.90
N PHE B 15 8.91 32.94 -10.74
CA PHE B 15 8.82 32.72 -12.17
C PHE B 15 10.18 33.13 -12.70
N ASP B 16 10.65 32.38 -13.68
CA ASP B 16 11.95 32.63 -14.28
C ASP B 16 11.83 32.13 -15.71
N ASP B 17 11.66 33.05 -16.65
CA ASP B 17 11.54 32.63 -18.04
C ASP B 17 11.83 33.76 -19.01
N MSE B 18 11.85 33.42 -20.30
CA MSE B 18 12.13 34.42 -21.32
C MSE B 18 11.09 35.52 -21.40
O MSE B 18 9.90 35.29 -21.23
CB MSE B 18 12.25 33.73 -22.68
CG MSE B 18 13.60 33.11 -22.89
SE MSE B 18 14.99 34.47 -22.86
CE MSE B 18 15.67 34.21 -24.64
N ALA B 19 11.58 36.72 -21.69
CA ALA B 19 10.71 37.88 -21.80
C ALA B 19 11.24 38.86 -22.83
N LEU B 20 10.33 39.41 -23.63
CA LEU B 20 10.66 40.38 -24.66
C LEU B 20 10.78 41.74 -24.01
N MSE B 21 11.99 42.11 -23.65
CA MSE B 21 12.25 43.39 -23.00
C MSE B 21 11.60 44.56 -23.72
O MSE B 21 11.17 44.43 -24.87
CB MSE B 21 13.75 43.60 -22.88
CG MSE B 21 14.40 42.48 -22.12
SE MSE B 21 13.43 42.24 -20.49
CE MSE B 21 14.59 43.22 -19.27
N PRO B 22 11.54 45.72 -23.06
CA PRO B 22 10.95 46.91 -23.67
C PRO B 22 11.54 47.22 -25.04
N ASN B 23 12.86 47.40 -25.08
CA ASN B 23 13.59 47.72 -26.30
C ASN B 23 13.39 46.69 -27.42
N GLY B 24 14.02 45.52 -27.28
CA GLY B 24 13.87 44.51 -28.30
C GLY B 24 14.68 43.26 -28.03
N THR B 25 15.36 43.27 -26.89
CA THR B 25 16.19 42.14 -26.49
C THR B 25 15.36 40.98 -25.99
N PHE B 26 16.02 39.84 -25.83
CA PHE B 26 15.38 38.64 -25.29
C PHE B 26 16.14 38.34 -24.01
N LYS B 27 15.53 38.65 -22.87
CA LYS B 27 16.17 38.42 -21.58
C LYS B 27 15.33 37.53 -20.69
N LYS B 28 15.98 36.65 -19.94
CA LYS B 28 15.31 35.74 -19.03
C LYS B 28 15.09 36.51 -17.72
N VAL B 29 13.82 36.77 -17.41
CA VAL B 29 13.43 37.53 -16.22
C VAL B 29 12.96 36.64 -15.09
N SER B 30 13.28 37.03 -13.86
CA SER B 30 12.90 36.26 -12.69
C SER B 30 12.22 37.17 -11.68
N LEU B 31 11.25 36.64 -10.93
CA LEU B 31 10.56 37.46 -9.96
C LEU B 31 11.50 38.01 -8.88
N SER B 32 12.57 37.28 -8.57
CA SER B 32 13.52 37.71 -7.54
C SER B 32 14.27 38.96 -7.97
N SER B 33 14.36 39.17 -9.28
CA SER B 33 15.02 40.35 -9.83
C SER B 33 14.38 41.59 -9.25
N TYR B 34 13.06 41.54 -9.07
CA TYR B 34 12.33 42.68 -8.57
C TYR B 34 12.34 42.82 -7.07
N LYS B 35 13.00 41.92 -6.37
CA LYS B 35 13.00 42.02 -4.92
C LYS B 35 13.39 43.44 -4.52
N GLY B 36 12.40 44.20 -4.08
CA GLY B 36 12.65 45.56 -3.66
C GLY B 36 11.54 46.48 -4.10
N LYS B 37 10.89 46.13 -5.19
CA LYS B 37 9.81 46.93 -5.71
C LYS B 37 8.52 46.12 -5.71
N TYR B 38 7.39 46.80 -5.92
CA TYR B 38 6.12 46.12 -5.99
C TYR B 38 6.04 45.64 -7.41
N VAL B 39 5.45 44.47 -7.63
CA VAL B 39 5.34 43.95 -8.98
C VAL B 39 3.91 43.62 -9.35
N VAL B 40 3.55 43.93 -10.59
CA VAL B 40 2.23 43.65 -11.07
C VAL B 40 2.38 42.68 -12.21
N LEU B 41 1.96 41.44 -11.96
CA LEU B 41 2.02 40.40 -12.96
C LEU B 41 0.61 40.23 -13.47
N PHE B 42 0.44 40.22 -14.77
CA PHE B 42 -0.89 40.04 -15.32
C PHE B 42 -0.87 39.14 -16.54
N PHE B 43 -1.88 38.30 -16.69
CA PHE B 43 -1.92 37.38 -17.80
C PHE B 43 -2.97 37.72 -18.85
N TYR B 44 -2.78 37.18 -20.05
CA TYR B 44 -3.70 37.33 -21.16
C TYR B 44 -3.58 36.04 -21.92
N PRO B 45 -4.68 35.57 -22.52
CA PRO B 45 -4.81 34.34 -23.28
C PRO B 45 -3.83 34.10 -24.41
N MSE B 46 -4.08 34.75 -25.54
CA MSE B 46 -3.25 34.58 -26.71
C MSE B 46 -2.73 35.89 -27.21
O MSE B 46 -3.12 36.93 -26.72
CB MSE B 46 -4.03 33.88 -27.79
CG MSE B 46 -4.41 32.50 -27.37
SE MSE B 46 -5.70 31.79 -28.52
CE MSE B 46 -7.30 32.32 -27.56
N ASP B 47 -1.84 35.84 -28.20
CA ASP B 47 -1.22 37.05 -28.70
C ASP B 47 -1.88 37.84 -29.80
N PHE B 48 -2.05 37.23 -30.96
CA PHE B 48 -2.63 37.96 -32.07
C PHE B 48 -4.14 37.83 -32.17
N THR B 49 -4.83 38.05 -31.06
CA THR B 49 -6.28 37.96 -31.03
C THR B 49 -6.89 38.94 -32.01
N PHE B 50 -8.21 38.88 -32.16
CA PHE B 50 -8.93 39.76 -33.07
C PHE B 50 -9.41 40.99 -32.34
N VAL B 51 -9.55 40.87 -31.03
CA VAL B 51 -10.00 41.99 -30.22
C VAL B 51 -8.81 42.92 -29.96
N CYS B 52 -9.11 44.21 -29.77
CA CYS B 52 -8.07 45.22 -29.53
C CYS B 52 -7.30 44.99 -28.23
N PRO B 53 -5.96 44.98 -28.33
CA PRO B 53 -5.02 44.77 -27.22
C PRO B 53 -5.09 45.87 -26.19
N THR B 54 -6.12 46.69 -26.28
CA THR B 54 -6.31 47.81 -25.37
C THR B 54 -5.94 47.50 -23.91
N GLU B 55 -6.32 46.33 -23.41
CA GLU B 55 -6.01 45.97 -22.03
C GLU B 55 -4.51 45.90 -21.81
N ILE B 56 -3.84 45.04 -22.58
CA ILE B 56 -2.40 44.88 -22.51
C ILE B 56 -1.75 46.24 -22.59
N ILE B 57 -2.15 47.02 -23.58
CA ILE B 57 -1.59 48.34 -23.79
C ILE B 57 -1.78 49.26 -22.59
N GLN B 58 -3.00 49.38 -22.11
CA GLN B 58 -3.25 50.25 -20.97
C GLN B 58 -2.18 50.11 -19.91
N PHE B 59 -1.75 48.88 -19.66
CA PHE B 59 -0.70 48.66 -18.67
C PHE B 59 0.60 49.32 -19.13
N SER B 60 1.02 48.96 -20.34
CA SER B 60 2.24 49.52 -20.91
C SER B 60 2.26 51.04 -20.79
N ASP B 61 1.12 51.68 -21.04
CA ASP B 61 1.08 53.13 -20.96
C ASP B 61 1.22 53.60 -19.53
N ASP B 62 0.30 53.17 -18.67
CA ASP B 62 0.37 53.58 -17.27
C ASP B 62 1.65 53.08 -16.61
N ALA B 63 2.53 52.45 -17.40
CA ALA B 63 3.80 51.91 -16.92
C ALA B 63 4.57 53.00 -16.20
N LYS B 64 4.63 54.15 -16.86
CA LYS B 64 5.31 55.32 -16.32
C LYS B 64 4.70 55.66 -14.96
N ARG B 65 3.39 55.89 -14.97
CA ARG B 65 2.63 56.23 -13.78
C ARG B 65 2.87 55.22 -12.65
N PHE B 66 3.03 53.95 -13.02
CA PHE B 66 3.27 52.88 -12.03
C PHE B 66 4.68 53.03 -11.46
N ALA B 67 5.65 53.14 -12.35
CA ALA B 67 7.04 53.30 -11.96
C ALA B 67 7.17 54.43 -10.95
N GLU B 68 6.37 55.46 -11.15
CA GLU B 68 6.35 56.62 -10.27
C GLU B 68 6.07 56.20 -8.83
N ILE B 69 5.32 55.11 -8.67
CA ILE B 69 4.96 54.65 -7.33
C ILE B 69 5.67 53.35 -6.90
N ASN B 70 6.94 53.24 -7.26
CA ASN B 70 7.79 52.09 -6.91
C ASN B 70 7.28 50.73 -7.39
N THR B 71 6.45 50.71 -8.42
CA THR B 71 5.96 49.42 -8.88
C THR B 71 6.30 49.17 -10.33
N GLU B 72 6.73 47.95 -10.63
CA GLU B 72 7.08 47.57 -11.99
C GLU B 72 5.99 46.61 -12.45
N VAL B 73 5.63 46.62 -13.73
CA VAL B 73 4.60 45.70 -14.21
C VAL B 73 5.15 44.84 -15.33
N ILE B 74 4.57 43.66 -15.49
CA ILE B 74 5.05 42.73 -16.49
C ILE B 74 3.92 41.80 -16.92
N SER B 75 3.83 41.56 -18.22
CA SER B 75 2.80 40.69 -18.78
C SER B 75 3.26 39.26 -18.85
N CYS B 76 2.39 38.39 -19.32
CA CYS B 76 2.69 36.98 -19.47
C CYS B 76 1.57 36.27 -20.20
N SER B 77 1.94 35.31 -21.04
CA SER B 77 0.98 34.52 -21.80
C SER B 77 1.73 33.29 -22.26
N CYS B 78 1.02 32.30 -22.78
CA CYS B 78 1.67 31.08 -23.20
C CYS B 78 2.20 31.11 -24.62
N ASP B 79 2.52 32.30 -25.10
CA ASP B 79 3.05 32.46 -26.46
C ASP B 79 4.56 32.64 -26.46
N SER B 80 5.19 32.28 -27.56
CA SER B 80 6.64 32.38 -27.71
C SER B 80 7.19 33.80 -27.76
N GLU B 81 8.34 33.96 -27.15
CA GLU B 81 9.06 35.23 -27.13
C GLU B 81 9.07 35.84 -28.53
N TYR B 82 9.19 34.98 -29.53
CA TYR B 82 9.23 35.41 -30.93
C TYR B 82 7.86 35.92 -31.34
N SER B 83 6.83 35.25 -30.87
CA SER B 83 5.47 35.65 -31.20
C SER B 83 5.20 37.02 -30.59
N HIS B 84 5.72 37.27 -29.40
CA HIS B 84 5.55 38.58 -28.79
C HIS B 84 6.23 39.56 -29.71
N LEU B 85 7.44 39.22 -30.10
CA LEU B 85 8.22 40.10 -30.95
C LEU B 85 7.43 40.48 -32.16
N GLN B 86 7.01 39.44 -32.88
CA GLN B 86 6.23 39.62 -34.09
C GLN B 86 5.02 40.60 -33.74
N TRP B 87 4.46 40.58 -32.51
CA TRP B 87 3.24 41.31 -32.31
C TRP B 87 3.59 42.64 -31.97
N THR B 88 4.81 42.81 -31.51
CA THR B 88 5.24 44.16 -31.14
C THR B 88 5.70 45.07 -32.30
N SER B 89 6.02 44.42 -33.41
CA SER B 89 6.48 45.09 -34.61
C SER B 89 5.32 45.75 -35.34
N VAL B 90 4.14 45.11 -35.34
CA VAL B 90 2.98 45.68 -36.02
C VAL B 90 2.55 46.96 -35.32
N ASP B 91 2.26 47.99 -36.12
CA ASP B 91 1.87 49.28 -35.57
C ASP B 91 0.51 49.26 -34.87
N ARG B 92 0.52 49.77 -33.64
CA ARG B 92 -0.67 49.83 -32.80
C ARG B 92 -1.90 50.26 -33.60
N LYS B 93 -1.67 51.14 -34.57
CA LYS B 93 -2.74 51.67 -35.40
C LYS B 93 -3.45 50.60 -36.24
N LYS B 94 -2.71 49.60 -36.70
CA LYS B 94 -3.30 48.54 -37.50
C LYS B 94 -3.51 47.26 -36.69
N GLY B 95 -4.19 47.41 -35.55
CA GLY B 95 -4.48 46.26 -34.71
C GLY B 95 -3.25 45.63 -34.11
N GLY B 96 -2.12 46.30 -34.21
CA GLY B 96 -0.91 45.76 -33.65
C GLY B 96 -0.79 46.09 -32.18
N LEU B 97 0.42 46.01 -31.66
CA LEU B 97 0.67 46.30 -30.25
C LEU B 97 1.65 47.47 -30.13
N GLY B 98 2.64 47.50 -31.01
CA GLY B 98 3.65 48.55 -30.99
C GLY B 98 4.51 48.49 -29.74
N PRO B 99 5.69 49.11 -29.76
CA PRO B 99 6.60 49.12 -28.62
C PRO B 99 5.94 49.20 -27.24
N MSE B 100 6.33 48.30 -26.35
CA MSE B 100 5.82 48.25 -24.99
C MSE B 100 6.90 48.73 -24.03
O MSE B 100 8.08 48.60 -24.32
CB MSE B 100 5.45 46.82 -24.61
CG MSE B 100 4.43 46.14 -25.52
SE MSE B 100 2.60 46.72 -25.25
CE MSE B 100 2.28 45.97 -23.52
N ALA B 101 6.47 49.29 -22.89
CA ALA B 101 7.42 49.77 -21.88
C ALA B 101 7.50 48.67 -20.80
N ILE B 102 6.80 47.58 -21.08
CA ILE B 102 6.71 46.45 -20.17
C ILE B 102 7.37 45.20 -20.73
N PRO B 103 8.05 44.45 -19.86
CA PRO B 103 8.69 43.21 -20.33
C PRO B 103 7.55 42.24 -20.59
N MSE B 104 7.66 41.39 -21.59
CA MSE B 104 6.56 40.47 -21.83
C MSE B 104 6.98 39.01 -21.66
O MSE B 104 7.59 38.42 -22.53
CB MSE B 104 6.00 40.69 -23.22
CG MSE B 104 5.33 42.04 -23.43
SE MSE B 104 4.76 42.21 -25.25
CE MSE B 104 3.11 41.24 -25.23
N LEU B 105 6.62 38.42 -20.51
CA LEU B 105 6.95 37.03 -20.25
C LEU B 105 6.33 36.09 -21.25
N ALA B 106 7.02 34.98 -21.50
CA ALA B 106 6.54 33.97 -22.42
C ALA B 106 6.81 32.60 -21.83
N ASP B 107 5.81 31.95 -21.25
CA ASP B 107 6.08 30.63 -20.69
C ASP B 107 5.51 29.55 -21.58
N LYS B 108 6.32 29.16 -22.54
CA LYS B 108 5.97 28.13 -23.50
C LYS B 108 5.73 26.84 -22.72
N THR B 109 6.29 26.82 -21.52
CA THR B 109 6.23 25.70 -20.60
C THR B 109 4.89 25.60 -19.84
N LYS B 110 4.24 26.76 -19.67
CA LYS B 110 2.96 26.90 -18.97
C LYS B 110 3.19 26.79 -17.47
N ALA B 111 4.43 26.62 -17.09
CA ALA B 111 4.74 26.50 -15.67
C ALA B 111 4.23 27.68 -14.86
N ILE B 112 4.31 28.88 -15.42
CA ILE B 112 3.88 30.05 -14.67
C ILE B 112 2.38 30.09 -14.47
N ALA B 113 1.67 29.96 -15.58
CA ALA B 113 0.23 30.01 -15.53
C ALA B 113 -0.25 29.04 -14.47
N ARG B 114 0.30 27.83 -14.47
CA ARG B 114 -0.11 26.85 -13.48
C ARG B 114 0.21 27.31 -12.07
N ALA B 115 1.41 27.85 -11.89
CA ALA B 115 1.84 28.33 -10.59
C ALA B 115 0.87 29.33 -9.98
N TYR B 116 0.28 30.18 -10.82
CA TYR B 116 -0.66 31.18 -10.33
C TYR B 116 -2.10 30.75 -10.44
N GLY B 117 -2.32 29.51 -10.88
CA GLY B 117 -3.66 28.96 -11.02
C GLY B 117 -4.54 29.79 -11.93
N VAL B 118 -3.98 30.15 -13.06
CA VAL B 118 -4.67 30.97 -14.03
C VAL B 118 -4.81 30.21 -15.34
N LEU B 119 -4.22 29.02 -15.42
CA LEU B 119 -4.29 28.25 -16.64
C LEU B 119 -5.57 27.46 -16.78
N ASP B 120 -6.13 27.47 -17.99
CA ASP B 120 -7.33 26.70 -18.30
C ASP B 120 -6.79 25.46 -18.97
N GLU B 121 -6.54 24.42 -18.17
CA GLU B 121 -5.98 23.20 -18.69
C GLU B 121 -6.65 22.73 -19.97
N ASP B 122 -7.95 22.92 -20.09
CA ASP B 122 -8.68 22.50 -21.29
C ASP B 122 -8.26 23.16 -22.59
N SER B 123 -8.05 24.47 -22.56
CA SER B 123 -7.69 25.21 -23.76
C SER B 123 -6.18 25.42 -23.89
N GLY B 124 -5.48 25.56 -22.77
CA GLY B 124 -4.05 25.74 -22.82
C GLY B 124 -3.60 27.18 -22.71
N VAL B 125 -4.52 28.06 -22.38
CA VAL B 125 -4.18 29.47 -22.25
C VAL B 125 -4.55 30.00 -20.88
N ALA B 126 -4.11 31.21 -20.56
CA ALA B 126 -4.42 31.75 -19.25
C ALA B 126 -5.60 32.70 -19.21
N TYR B 127 -6.20 32.82 -18.03
CA TYR B 127 -7.31 33.72 -17.83
C TYR B 127 -6.74 35.11 -17.53
N ARG B 128 -7.58 36.14 -17.58
CA ARG B 128 -7.13 37.49 -17.30
C ARG B 128 -6.82 37.60 -15.83
N GLY B 129 -5.63 37.15 -15.45
CA GLY B 129 -5.25 37.19 -14.07
C GLY B 129 -4.37 38.38 -13.75
N VAL B 130 -4.43 38.85 -12.53
CA VAL B 130 -3.60 39.98 -12.13
C VAL B 130 -3.23 39.78 -10.70
N PHE B 131 -1.92 39.79 -10.42
CA PHE B 131 -1.44 39.64 -9.07
C PHE B 131 -0.51 40.77 -8.68
N ILE B 132 -0.51 41.12 -7.41
CA ILE B 132 0.34 42.18 -6.93
C ILE B 132 1.29 41.59 -5.90
N ILE B 133 2.59 41.63 -6.20
CA ILE B 133 3.59 41.14 -5.26
C ILE B 133 4.24 42.35 -4.58
N ASP B 134 4.45 42.26 -3.26
CA ASP B 134 5.05 43.37 -2.55
C ASP B 134 6.56 43.27 -2.62
N PRO B 135 7.25 44.34 -2.22
CA PRO B 135 8.71 44.43 -2.22
C PRO B 135 9.45 43.31 -1.50
N ASN B 136 8.79 42.63 -0.57
CA ASN B 136 9.42 41.54 0.15
C ASN B 136 9.21 40.24 -0.60
N GLY B 137 8.56 40.33 -1.75
CA GLY B 137 8.29 39.16 -2.57
C GLY B 137 7.08 38.32 -2.18
N LYS B 138 6.14 38.91 -1.46
CA LYS B 138 4.94 38.19 -1.04
C LYS B 138 3.74 38.60 -1.85
N LEU B 139 2.85 37.63 -2.12
CA LEU B 139 1.62 37.86 -2.89
C LEU B 139 0.59 38.57 -2.03
N ARG B 140 0.06 39.68 -2.52
CA ARG B 140 -0.90 40.42 -1.72
C ARG B 140 -2.23 40.80 -2.36
N GLN B 141 -2.47 40.27 -3.55
CA GLN B 141 -3.70 40.57 -4.26
C GLN B 141 -3.91 39.58 -5.35
N ILE B 142 -5.11 39.01 -5.38
CA ILE B 142 -5.47 38.09 -6.43
C ILE B 142 -6.69 38.61 -7.17
N ILE B 143 -6.64 38.54 -8.49
CA ILE B 143 -7.74 38.97 -9.31
C ILE B 143 -7.73 38.13 -10.55
N ILE B 144 -8.85 37.47 -10.84
CA ILE B 144 -8.92 36.68 -12.06
C ILE B 144 -10.21 36.97 -12.78
N ASN B 145 -10.10 37.64 -13.92
CA ASN B 145 -11.26 38.00 -14.75
C ASN B 145 -11.48 36.91 -15.78
N ASP B 146 -12.73 36.74 -16.23
CA ASP B 146 -13.02 35.72 -17.22
C ASP B 146 -12.38 36.16 -18.54
N MSE B 147 -12.34 35.27 -19.51
CA MSE B 147 -11.70 35.58 -20.78
C MSE B 147 -12.21 36.78 -21.56
O MSE B 147 -11.45 37.39 -22.30
CB MSE B 147 -11.77 34.36 -21.69
CG MSE B 147 -11.25 33.07 -21.08
SE MSE B 147 -9.34 32.86 -21.15
CE MSE B 147 -9.22 32.22 -22.95
N PRO B 148 -13.49 37.13 -21.43
CA PRO B 148 -13.94 38.28 -22.20
C PRO B 148 -14.06 39.56 -21.41
N ILE B 149 -13.78 39.51 -20.12
CA ILE B 149 -13.92 40.70 -19.30
C ILE B 149 -12.65 41.48 -19.00
N GLY B 150 -12.52 42.63 -19.63
CA GLY B 150 -11.32 43.45 -19.44
C GLY B 150 -11.12 43.91 -18.02
N ARG B 151 -9.90 44.32 -17.71
CA ARG B 151 -9.55 44.80 -16.37
C ARG B 151 -9.48 46.32 -16.28
N ASN B 152 -9.55 46.85 -15.07
CA ASN B 152 -9.45 48.29 -14.86
C ASN B 152 -8.11 48.64 -14.22
N VAL B 153 -7.15 49.02 -15.05
CA VAL B 153 -5.83 49.34 -14.57
C VAL B 153 -5.82 50.33 -13.40
N GLU B 154 -6.68 51.33 -13.47
CA GLU B 154 -6.71 52.30 -12.40
C GLU B 154 -6.92 51.59 -11.10
N GLU B 155 -7.78 50.58 -11.09
CA GLU B 155 -8.04 49.84 -9.86
C GLU B 155 -6.76 49.17 -9.35
N VAL B 156 -6.03 48.54 -10.25
CA VAL B 156 -4.82 47.88 -9.85
C VAL B 156 -4.00 48.90 -9.09
N ILE B 157 -3.91 50.10 -9.64
CA ILE B 157 -3.15 51.16 -8.99
C ILE B 157 -3.71 51.43 -7.60
N ARG B 158 -5.00 51.75 -7.54
CA ARG B 158 -5.70 52.02 -6.27
C ARG B 158 -5.21 51.01 -5.24
N LEU B 159 -5.27 49.74 -5.62
CA LEU B 159 -4.84 48.68 -4.76
C LEU B 159 -3.38 48.79 -4.33
N VAL B 160 -2.52 49.12 -5.28
CA VAL B 160 -1.11 49.23 -4.94
C VAL B 160 -0.94 50.35 -3.96
N GLU B 161 -1.45 51.53 -4.31
CA GLU B 161 -1.35 52.67 -3.42
C GLU B 161 -1.92 52.25 -2.07
N ALA B 162 -3.10 51.65 -2.10
CA ALA B 162 -3.77 51.19 -0.90
C ALA B 162 -2.87 50.31 -0.06
N LEU B 163 -2.17 49.38 -0.71
CA LEU B 163 -1.27 48.51 0.00
C LEU B 163 -0.17 49.31 0.66
N GLN B 164 0.45 50.21 -0.11
CA GLN B 164 1.53 51.04 0.39
C GLN B 164 1.11 51.87 1.57
N PHE B 165 -0.10 52.42 1.50
CA PHE B 165 -0.63 53.24 2.59
C PHE B 165 -0.48 52.46 3.89
N VAL B 166 -0.98 51.23 3.90
CA VAL B 166 -0.91 50.38 5.06
C VAL B 166 0.53 50.17 5.51
N GLU B 167 1.48 50.51 4.63
CA GLU B 167 2.88 50.34 5.00
C GLU B 167 3.41 51.57 5.73
N GLU B 168 3.32 52.73 5.10
CA GLU B 168 3.76 53.98 5.73
C GLU B 168 3.16 54.02 7.13
N HIS B 169 1.84 54.22 7.18
CA HIS B 169 1.09 54.31 8.42
C HIS B 169 0.64 52.91 8.84
N GLY B 170 0.29 52.73 10.10
CA GLY B 170 -0.14 51.42 10.56
C GLY B 170 -1.62 51.19 10.36
N GLU B 171 -2.36 52.28 10.15
CA GLU B 171 -3.80 52.22 9.93
C GLU B 171 -4.12 51.37 8.69
N VAL B 172 -5.41 51.24 8.40
CA VAL B 172 -5.89 50.44 7.28
C VAL B 172 -6.64 51.29 6.24
N CYS B 173 -6.55 50.92 4.96
CA CYS B 173 -7.26 51.67 3.91
C CYS B 173 -8.53 50.88 3.54
N PRO B 174 -9.66 51.21 4.18
CA PRO B 174 -10.99 50.61 4.01
C PRO B 174 -11.59 50.77 2.61
N ALA B 175 -12.91 50.74 2.53
CA ALA B 175 -13.60 50.87 1.24
C ALA B 175 -13.23 52.17 0.53
N ASN B 176 -12.19 52.10 -0.31
CA ASN B 176 -11.69 53.24 -1.10
C ASN B 176 -10.64 54.16 -0.47
N ALA C 5 4.34 7.22 -25.51
CA ALA C 5 4.62 6.68 -26.81
C ALA C 5 3.45 5.96 -27.37
N ALA C 6 3.62 5.79 -28.64
CA ALA C 6 2.75 4.98 -29.42
C ALA C 6 3.80 4.43 -30.37
N LYS C 7 3.48 3.40 -31.14
CA LYS C 7 4.57 2.83 -31.90
C LYS C 7 4.33 2.62 -33.44
N LEU C 8 5.10 1.76 -34.14
CA LEU C 8 4.96 1.46 -35.61
C LEU C 8 3.95 0.35 -35.83
N ASN C 9 3.29 0.39 -36.99
CA ASN C 9 2.27 -0.61 -37.33
C ASN C 9 1.12 -0.64 -36.33
N HIS C 10 1.05 0.40 -35.52
CA HIS C 10 -0.02 0.54 -34.53
C HIS C 10 -0.74 1.84 -34.88
N PRO C 11 -2.09 1.84 -34.81
CA PRO C 11 -2.83 3.05 -35.14
C PRO C 11 -2.20 4.30 -34.57
N ALA C 12 -1.83 5.23 -35.45
CA ALA C 12 -1.20 6.47 -35.02
C ALA C 12 -2.04 7.21 -33.99
N PRO C 13 -1.38 7.99 -33.12
CA PRO C 13 -2.06 8.74 -32.08
C PRO C 13 -3.07 9.67 -32.74
N GLU C 14 -4.31 9.58 -32.29
CA GLU C 14 -5.36 10.44 -32.82
C GLU C 14 -5.11 11.89 -32.38
N PHE C 15 -5.19 12.82 -33.33
CA PHE C 15 -5.03 14.22 -33.00
C PHE C 15 -6.32 14.90 -33.46
N ASP C 16 -6.76 15.88 -32.69
CA ASP C 16 -8.01 16.57 -32.97
C ASP C 16 -7.87 17.95 -32.34
N ASP C 17 -7.54 18.94 -33.17
CA ASP C 17 -7.36 20.30 -32.66
C ASP C 17 -7.46 21.35 -33.77
N MSE C 18 -7.47 22.62 -33.35
CA MSE C 18 -7.58 23.70 -34.30
C MSE C 18 -6.44 23.75 -35.29
O MSE C 18 -5.30 23.43 -34.97
CB MSE C 18 -7.68 25.02 -33.57
CG MSE C 18 -9.04 25.26 -32.95
SE MSE C 18 -10.51 25.35 -34.23
CE MSE C 18 -10.92 27.22 -34.06
N ALA C 19 -6.79 24.15 -36.50
CA ALA C 19 -5.82 24.28 -37.57
C ALA C 19 -6.21 25.42 -38.49
N LEU C 20 -5.19 26.14 -38.96
CA LEU C 20 -5.38 27.26 -39.87
C LEU C 20 -5.44 26.69 -41.28
N MSE C 21 -6.66 26.48 -41.76
CA MSE C 21 -6.89 25.95 -43.09
C MSE C 21 -6.10 26.71 -44.18
O MSE C 21 -5.61 27.80 -43.94
CB MSE C 21 -8.39 26.01 -43.41
CG MSE C 21 -9.22 25.18 -42.45
SE MSE C 21 -8.39 23.47 -42.31
CE MSE C 21 -9.60 22.38 -43.34
N PRO C 22 -5.98 26.12 -45.37
CA PRO C 22 -5.25 26.75 -46.47
C PRO C 22 -5.73 28.17 -46.72
N ASN C 23 -7.03 28.31 -46.98
CA ASN C 23 -7.63 29.61 -47.25
C ASN C 23 -7.44 30.62 -46.14
N GLY C 24 -8.16 30.47 -45.05
CA GLY C 24 -8.02 31.41 -43.95
C GLY C 24 -8.97 31.13 -42.81
N THR C 25 -9.70 30.03 -42.93
CA THR C 25 -10.66 29.63 -41.91
C THR C 25 -9.95 28.98 -40.73
N PHE C 26 -10.71 28.79 -39.65
CA PHE C 26 -10.21 28.13 -38.45
C PHE C 26 -11.06 26.89 -38.32
N LYS C 27 -10.49 25.73 -38.64
CA LYS C 27 -11.25 24.50 -38.55
C LYS C 27 -10.54 23.49 -37.64
N LYS C 28 -11.34 22.72 -36.91
CA LYS C 28 -10.80 21.71 -36.01
C LYS C 28 -10.59 20.44 -36.84
N VAL C 29 -9.33 20.08 -37.03
CA VAL C 29 -8.95 18.91 -37.82
C VAL C 29 -8.63 17.69 -36.98
N SER C 30 -9.02 16.51 -37.48
CA SER C 30 -8.76 15.26 -36.77
C SER C 30 -8.06 14.26 -37.68
N LEU C 31 -7.19 13.42 -37.14
CA LEU C 31 -6.50 12.44 -37.96
C LEU C 31 -7.47 11.43 -38.62
N SER C 32 -8.63 11.23 -38.02
CA SER C 32 -9.59 10.29 -38.59
C SER C 32 -10.20 10.86 -39.87
N SER C 33 -10.17 12.18 -40.01
CA SER C 33 -10.72 12.84 -41.19
C SER C 33 -10.02 12.30 -42.41
N TYR C 34 -8.73 12.06 -42.27
CA TYR C 34 -7.90 11.55 -43.37
C TYR C 34 -7.99 10.05 -43.60
N LYS C 35 -8.82 9.34 -42.83
CA LYS C 35 -8.92 7.90 -43.03
C LYS C 35 -9.25 7.60 -44.50
N GLY C 36 -8.23 7.13 -45.21
CA GLY C 36 -8.38 6.82 -46.62
C GLY C 36 -7.17 7.25 -47.42
N LYS C 37 -6.46 8.27 -46.93
CA LYS C 37 -5.27 8.78 -47.62
C LYS C 37 -4.06 8.63 -46.71
N TYR C 38 -2.88 8.79 -47.30
CA TYR C 38 -1.66 8.76 -46.52
C TYR C 38 -1.54 10.15 -45.94
N VAL C 39 -1.00 10.26 -44.75
CA VAL C 39 -0.86 11.57 -44.14
C VAL C 39 0.56 11.80 -43.70
N VAL C 40 1.01 13.04 -43.86
CA VAL C 40 2.34 13.39 -43.43
C VAL C 40 2.20 14.48 -42.39
N LEU C 41 2.49 14.11 -41.15
CA LEU C 41 2.44 15.04 -40.03
C LEU C 41 3.87 15.42 -39.71
N PHE C 42 4.13 16.72 -39.62
CA PHE C 42 5.49 17.16 -39.29
C PHE C 42 5.43 18.33 -38.32
N PHE C 43 6.40 18.37 -37.41
CA PHE C 43 6.42 19.40 -36.40
C PHE C 43 7.57 20.38 -36.56
N TYR C 44 7.38 21.55 -35.96
CA TYR C 44 8.40 22.58 -35.95
C TYR C 44 8.22 23.28 -34.62
N PRO C 45 9.33 23.75 -34.06
CA PRO C 45 9.42 24.44 -32.77
C PRO C 45 8.47 25.61 -32.56
N MSE C 46 8.87 26.76 -33.07
CA MSE C 46 8.07 27.97 -32.93
C MSE C 46 7.69 28.59 -34.26
O MSE C 46 8.16 28.14 -35.31
CB MSE C 46 8.83 28.94 -32.06
CG MSE C 46 9.11 28.34 -30.72
SE MSE C 46 10.42 29.40 -29.87
CE MSE C 46 11.99 28.38 -30.32
N ASP C 47 6.87 29.63 -34.21
CA ASP C 47 6.37 30.26 -35.43
C ASP C 47 7.23 31.33 -36.09
N PHE C 48 7.46 32.44 -35.41
CA PHE C 48 8.24 33.49 -36.04
C PHE C 48 9.72 33.36 -35.80
N THR C 49 10.22 32.16 -36.09
CA THR C 49 11.63 31.84 -35.95
C THR C 49 12.36 32.56 -37.07
N PHE C 50 13.64 32.85 -36.84
CA PHE C 50 14.44 33.55 -37.84
C PHE C 50 14.89 32.66 -38.99
N VAL C 51 14.60 31.36 -38.89
CA VAL C 51 14.97 30.41 -39.93
C VAL C 51 14.34 29.05 -39.68
N CYS C 52 13.04 28.97 -39.92
CA CYS C 52 12.25 27.75 -39.77
C CYS C 52 11.23 27.59 -40.92
N PRO C 53 10.93 28.69 -41.67
CA PRO C 53 9.97 28.66 -42.78
C PRO C 53 10.44 27.76 -43.92
N THR C 54 11.65 28.05 -44.40
CA THR C 54 12.32 27.32 -45.46
C THR C 54 11.70 25.94 -45.58
N GLU C 55 11.90 25.19 -44.51
CA GLU C 55 11.42 23.84 -44.34
C GLU C 55 9.91 23.72 -44.42
N ILE C 56 9.23 24.50 -43.58
CA ILE C 56 7.78 24.52 -43.52
C ILE C 56 7.20 24.74 -44.92
N ILE C 57 7.74 25.73 -45.61
CA ILE C 57 7.30 26.07 -46.95
C ILE C 57 7.45 24.91 -47.93
N GLN C 58 8.67 24.39 -48.03
CA GLN C 58 8.94 23.28 -48.93
C GLN C 58 7.80 22.30 -48.94
N PHE C 59 7.27 21.99 -47.77
CA PHE C 59 6.15 21.07 -47.69
C PHE C 59 4.94 21.67 -48.38
N SER C 60 4.62 22.91 -48.02
CA SER C 60 3.46 23.59 -48.61
C SER C 60 3.52 23.56 -50.13
N ASP C 61 4.72 23.79 -50.67
CA ASP C 61 4.88 23.77 -52.12
C ASP C 61 4.68 22.37 -52.67
N ASP C 62 5.52 21.42 -52.26
CA ASP C 62 5.38 20.06 -52.74
C ASP C 62 4.02 19.45 -52.37
N ALA C 63 3.16 20.27 -51.77
CA ALA C 63 1.83 19.84 -51.35
C ALA C 63 1.09 19.25 -52.54
N LYS C 64 1.18 19.95 -53.66
CA LYS C 64 0.55 19.55 -54.90
C LYS C 64 1.11 18.18 -55.30
N ARG C 65 2.43 18.12 -55.41
CA ARG C 65 3.14 16.89 -55.78
C ARG C 65 2.73 15.73 -54.87
N PHE C 66 2.52 16.01 -53.59
CA PHE C 66 2.11 15.00 -52.62
C PHE C 66 0.69 14.53 -52.92
N ALA C 67 -0.22 15.49 -53.01
CA ALA C 67 -1.63 15.21 -53.31
C ALA C 67 -1.73 14.27 -54.51
N GLU C 68 -0.83 14.48 -55.47
CA GLU C 68 -0.77 13.69 -56.68
C GLU C 68 -0.63 12.21 -56.35
N ILE C 69 0.04 11.91 -55.23
CA ILE C 69 0.28 10.53 -54.83
C ILE C 69 -0.58 10.07 -53.63
N ASN C 70 -1.84 10.51 -53.59
CA ASN C 70 -2.79 10.15 -52.53
C ASN C 70 -2.37 10.50 -51.11
N THR C 71 -1.46 11.46 -50.94
CA THR C 71 -1.03 11.83 -49.59
C THR C 71 -1.28 13.29 -49.28
N GLU C 72 -1.81 13.54 -48.08
CA GLU C 72 -2.10 14.89 -47.63
C GLU C 72 -1.07 15.21 -46.55
N VAL C 73 -0.64 16.45 -46.46
CA VAL C 73 0.33 16.79 -45.43
C VAL C 73 -0.26 17.87 -44.55
N ILE C 74 0.25 17.96 -43.32
CA ILE C 74 -0.21 18.92 -42.33
C ILE C 74 0.86 19.21 -41.29
N SER C 75 1.03 20.48 -40.96
CA SER C 75 2.03 20.90 -39.99
C SER C 75 1.45 20.92 -38.60
N CYS C 76 2.31 21.27 -37.64
CA CYS C 76 1.93 21.35 -36.25
C CYS C 76 3.03 21.95 -35.41
N SER C 77 2.63 22.75 -34.43
CA SER C 77 3.55 23.40 -33.50
C SER C 77 2.72 23.84 -32.32
N CYS C 78 3.38 24.22 -31.24
CA CYS C 78 2.68 24.62 -30.04
C CYS C 78 2.27 26.09 -30.02
N ASP C 79 2.08 26.66 -31.21
CA ASP C 79 1.65 28.05 -31.30
C ASP C 79 0.16 28.19 -31.59
N SER C 80 -0.40 29.34 -31.24
CA SER C 80 -1.83 29.57 -31.43
C SER C 80 -2.28 29.74 -32.86
N GLU C 81 -3.46 29.21 -33.13
CA GLU C 81 -4.07 29.31 -34.44
C GLU C 81 -3.92 30.75 -34.95
N TYR C 82 -4.08 31.70 -34.04
CA TYR C 82 -3.98 33.12 -34.38
C TYR C 82 -2.56 33.46 -34.74
N SER C 83 -1.61 32.85 -34.05
CA SER C 83 -0.21 33.12 -34.32
C SER C 83 0.13 32.61 -35.73
N HIS C 84 -0.47 31.49 -36.10
CA HIS C 84 -0.23 30.93 -37.41
C HIS C 84 -0.70 31.93 -38.46
N LEU C 85 -1.95 32.36 -38.33
CA LEU C 85 -2.55 33.32 -39.25
C LEU C 85 -1.59 34.46 -39.43
N GLN C 86 -1.33 35.24 -38.37
CA GLN C 86 -0.38 36.35 -38.47
C GLN C 86 0.71 35.88 -39.41
N TRP C 87 1.61 35.04 -38.94
CA TRP C 87 2.68 34.54 -39.79
C TRP C 87 2.31 34.29 -41.25
N THR C 88 1.10 33.79 -41.51
CA THR C 88 0.67 33.53 -42.90
C THR C 88 0.35 34.82 -43.68
N SER C 89 0.06 35.91 -42.96
CA SER C 89 -0.25 37.19 -43.57
C SER C 89 1.01 37.89 -44.07
N VAL C 90 2.12 37.74 -43.37
CA VAL C 90 3.37 38.38 -43.78
C VAL C 90 3.86 37.74 -45.08
N ASP C 91 4.29 38.58 -46.02
CA ASP C 91 4.75 38.09 -47.32
C ASP C 91 6.05 37.30 -47.24
N ARG C 92 6.02 36.11 -47.83
CA ARG C 92 7.15 35.19 -47.86
C ARG C 92 8.45 35.92 -48.16
N LYS C 93 8.35 36.97 -48.97
CA LYS C 93 9.50 37.76 -49.37
C LYS C 93 10.18 38.48 -48.19
N LYS C 94 9.39 38.93 -47.22
CA LYS C 94 9.97 39.63 -46.07
C LYS C 94 10.04 38.72 -44.83
N GLY C 95 10.65 37.54 -45.01
CA GLY C 95 10.80 36.60 -43.92
C GLY C 95 9.47 36.04 -43.40
N GLY C 96 8.40 36.27 -44.16
CA GLY C 96 7.10 35.78 -43.77
C GLY C 96 6.89 34.35 -44.21
N LEU C 97 5.64 33.91 -44.23
CA LEU C 97 5.33 32.55 -44.64
C LEU C 97 4.45 32.56 -45.89
N GLY C 98 3.53 33.51 -45.95
CA GLY C 98 2.65 33.61 -47.11
C GLY C 98 1.71 32.41 -47.17
N PRO C 99 0.55 32.55 -47.83
CA PRO C 99 -0.44 31.48 -47.97
C PRO C 99 0.13 30.07 -48.11
N MSE C 100 -0.40 29.15 -47.30
CA MSE C 100 0.03 27.76 -47.32
C MSE C 100 -1.08 26.92 -47.91
O MSE C 100 -2.26 27.28 -47.82
CB MSE C 100 0.27 27.26 -45.90
CG MSE C 100 1.28 28.06 -45.11
SE MSE C 100 3.09 27.73 -45.71
CE MSE C 100 3.32 25.98 -44.92
N ALA C 101 -0.69 25.81 -48.52
CA ALA C 101 -1.65 24.89 -49.13
C ALA C 101 -1.89 23.78 -48.14
N ILE C 102 -1.24 23.92 -46.99
CA ILE C 102 -1.29 22.93 -45.92
C ILE C 102 -2.01 23.44 -44.69
N PRO C 103 -2.82 22.58 -44.05
CA PRO C 103 -3.52 23.02 -42.84
C PRO C 103 -2.43 23.12 -41.77
N MSE C 104 -2.52 24.09 -40.87
CA MSE C 104 -1.51 24.23 -39.83
C MSE C 104 -2.06 23.99 -38.43
O MSE C 104 -2.70 24.86 -37.85
CB MSE C 104 -0.87 25.60 -39.92
CG MSE C 104 -0.16 25.83 -41.22
SE MSE C 104 0.45 27.65 -41.21
CE MSE C 104 2.13 27.46 -40.27
N LEU C 105 -1.79 22.80 -37.90
CA LEU C 105 -2.25 22.44 -36.57
C LEU C 105 -1.64 23.33 -35.50
N ALA C 106 -2.42 23.58 -34.45
CA ALA C 106 -1.99 24.38 -33.32
C ALA C 106 -2.45 23.70 -32.03
N ASP C 107 -1.54 23.02 -31.33
CA ASP C 107 -1.93 22.38 -30.08
C ASP C 107 -1.35 23.16 -28.91
N LYS C 108 -2.14 24.16 -28.50
CA LYS C 108 -1.78 25.04 -27.40
C LYS C 108 -1.69 24.16 -26.17
N THR C 109 -2.35 23.01 -26.25
CA THR C 109 -2.43 22.01 -25.19
C THR C 109 -1.16 21.15 -25.07
N LYS C 110 -0.41 21.06 -26.16
CA LYS C 110 0.81 20.26 -26.27
C LYS C 110 0.46 18.77 -26.28
N ALA C 111 -0.83 18.47 -26.24
CA ALA C 111 -1.28 17.09 -26.23
C ALA C 111 -0.71 16.29 -27.39
N ILE C 112 -0.64 16.89 -28.57
CA ILE C 112 -0.15 16.21 -29.75
C ILE C 112 1.34 15.93 -29.69
N ALA C 113 2.13 16.97 -29.48
CA ALA C 113 3.59 16.82 -29.41
C ALA C 113 3.93 15.68 -28.48
N ARG C 114 3.26 15.62 -27.34
CA ARG C 114 3.51 14.55 -26.38
C ARG C 114 3.13 13.22 -26.98
N ALA C 115 1.96 13.16 -27.60
CA ALA C 115 1.49 11.91 -28.19
C ALA C 115 2.50 11.28 -29.16
N TYR C 116 3.24 12.11 -29.87
CA TYR C 116 4.20 11.61 -30.84
C TYR C 116 5.60 11.62 -30.29
N GLY C 117 5.74 11.94 -29.01
CA GLY C 117 7.05 11.95 -28.38
C GLY C 117 8.03 12.86 -29.08
N VAL C 118 7.56 14.06 -29.40
CA VAL C 118 8.35 15.04 -30.10
C VAL C 118 8.56 16.27 -29.25
N LEU C 119 7.89 16.32 -28.11
CA LEU C 119 7.98 17.47 -27.22
C LEU C 119 9.21 17.48 -26.34
N ASP C 120 9.84 18.65 -26.24
CA ASP C 120 10.99 18.84 -25.36
C ASP C 120 10.39 19.47 -24.11
N GLU C 121 9.95 18.63 -23.18
CA GLU C 121 9.35 19.12 -21.96
C GLU C 121 10.07 20.32 -21.35
N ASP C 122 11.40 20.34 -21.46
CA ASP C 122 12.17 21.44 -20.88
C ASP C 122 11.90 22.82 -21.47
N SER C 123 11.80 22.89 -22.80
CA SER C 123 11.57 24.16 -23.49
C SER C 123 10.09 24.42 -23.77
N GLY C 124 9.36 23.36 -24.08
CA GLY C 124 7.94 23.49 -24.33
C GLY C 124 7.57 23.50 -25.78
N VAL C 125 8.54 23.21 -26.64
CA VAL C 125 8.32 23.19 -28.08
C VAL C 125 8.64 21.83 -28.66
N ALA C 126 8.30 21.62 -29.92
CA ALA C 126 8.55 20.32 -30.52
C ALA C 126 9.83 20.27 -31.39
N TYR C 127 10.34 19.05 -31.56
CA TYR C 127 11.53 18.86 -32.39
C TYR C 127 11.04 18.65 -33.81
N ARG C 128 11.95 18.70 -34.77
CA ARG C 128 11.62 18.50 -36.18
C ARG C 128 11.20 17.06 -36.41
N GLY C 129 9.95 16.77 -36.07
CA GLY C 129 9.46 15.42 -36.24
C GLY C 129 8.63 15.26 -37.49
N VAL C 130 8.66 14.07 -38.05
CA VAL C 130 7.92 13.78 -39.26
C VAL C 130 7.42 12.36 -39.19
N PHE C 131 6.13 12.19 -39.37
CA PHE C 131 5.55 10.86 -39.30
C PHE C 131 4.67 10.64 -40.51
N ILE C 132 4.62 9.39 -40.96
CA ILE C 132 3.82 9.02 -42.11
C ILE C 132 2.75 8.04 -41.66
N ILE C 133 1.50 8.43 -41.79
CA ILE C 133 0.43 7.52 -41.42
C ILE C 133 -0.15 6.95 -42.69
N ASP C 134 -0.44 5.67 -42.72
CA ASP C 134 -1.01 5.07 -43.92
C ASP C 134 -2.53 5.25 -43.94
N PRO C 135 -3.17 4.94 -45.09
CA PRO C 135 -4.61 5.06 -45.29
C PRO C 135 -5.46 4.33 -44.27
N ASN C 136 -4.89 3.33 -43.62
CA ASN C 136 -5.64 2.58 -42.61
C ASN C 136 -5.52 3.23 -41.24
N GLY C 137 -4.77 4.33 -41.19
CA GLY C 137 -4.59 5.05 -39.95
C GLY C 137 -3.49 4.52 -39.06
N LYS C 138 -2.55 3.78 -39.64
CA LYS C 138 -1.43 3.22 -38.88
C LYS C 138 -0.12 3.96 -39.13
N LEU C 139 0.66 4.15 -38.08
CA LEU C 139 1.93 4.85 -38.18
C LEU C 139 2.95 3.95 -38.87
N ARG C 140 3.63 4.47 -39.89
CA ARG C 140 4.59 3.62 -40.60
C ARG C 140 5.96 4.23 -40.83
N GLN C 141 6.23 5.37 -40.22
CA GLN C 141 7.52 6.01 -40.39
C GLN C 141 7.78 7.05 -39.33
N ILE C 142 8.95 6.95 -38.70
CA ILE C 142 9.30 7.90 -37.67
C ILE C 142 10.61 8.56 -38.01
N ILE C 143 10.62 9.88 -37.85
CA ILE C 143 11.79 10.66 -38.14
C ILE C 143 11.79 11.87 -37.22
N ILE C 144 12.87 12.04 -36.47
CA ILE C 144 12.97 13.17 -35.58
C ILE C 144 14.32 13.84 -35.69
N ASN C 145 14.34 15.01 -36.32
CA ASN C 145 15.56 15.75 -36.53
C ASN C 145 15.77 16.69 -35.37
N ASP C 146 17.03 17.00 -35.07
CA ASP C 146 17.31 17.94 -34.00
C ASP C 146 16.74 19.31 -34.42
N MSE C 147 16.74 20.25 -33.48
CA MSE C 147 16.20 21.59 -33.70
C MSE C 147 16.87 22.41 -34.79
O MSE C 147 16.22 23.25 -35.42
CB MSE C 147 16.25 22.37 -32.38
CG MSE C 147 15.51 21.71 -31.22
SE MSE C 147 13.59 21.87 -31.35
CE MSE C 147 13.51 23.58 -30.45
N PRO C 148 18.17 22.19 -35.04
CA PRO C 148 18.79 23.00 -36.10
C PRO C 148 18.96 22.28 -37.44
N ILE C 149 18.54 21.03 -37.51
CA ILE C 149 18.72 20.28 -38.73
C ILE C 149 17.49 20.12 -39.62
N GLY C 150 17.49 20.83 -40.73
CA GLY C 150 16.39 20.77 -41.66
C GLY C 150 16.12 19.38 -42.22
N ARG C 151 14.92 19.17 -42.73
CA ARG C 151 14.54 17.89 -43.29
C ARG C 151 14.59 17.91 -44.82
N ASN C 152 14.58 16.72 -45.43
CA ASN C 152 14.59 16.63 -46.88
C ASN C 152 13.24 16.12 -47.36
N VAL C 153 12.38 17.04 -47.78
CA VAL C 153 11.05 16.68 -48.22
C VAL C 153 11.01 15.58 -49.28
N GLU C 154 11.95 15.62 -50.22
CA GLU C 154 12.01 14.63 -51.28
C GLU C 154 12.07 13.23 -50.64
N GLU C 155 12.88 13.10 -49.59
CA GLU C 155 13.03 11.84 -48.89
C GLU C 155 11.67 11.36 -48.36
N VAL C 156 10.93 12.26 -47.73
CA VAL C 156 9.62 11.91 -47.19
C VAL C 156 8.80 11.28 -48.32
N ILE C 157 8.87 11.90 -49.49
CA ILE C 157 8.15 11.40 -50.64
C ILE C 157 8.66 9.99 -50.97
N ARG C 158 9.97 9.86 -51.14
CA ARG C 158 10.60 8.59 -51.45
C ARG C 158 9.96 7.52 -50.59
N LEU C 159 9.95 7.80 -49.29
CA LEU C 159 9.38 6.92 -48.29
C LEU C 159 7.91 6.62 -48.52
N VAL C 160 7.13 7.63 -48.86
CA VAL C 160 5.72 7.40 -49.11
C VAL C 160 5.55 6.50 -50.33
N GLU C 161 6.21 6.87 -51.43
CA GLU C 161 6.14 6.09 -52.65
C GLU C 161 6.57 4.69 -52.28
N ALA C 162 7.73 4.60 -51.63
CA ALA C 162 8.29 3.33 -51.18
C ALA C 162 7.24 2.47 -50.44
N LEU C 163 6.51 3.09 -49.53
CA LEU C 163 5.48 2.39 -48.78
C LEU C 163 4.39 1.87 -49.70
N GLN C 164 3.90 2.75 -50.57
CA GLN C 164 2.84 2.39 -51.51
C GLN C 164 3.27 1.22 -52.39
N PHE C 165 4.54 1.22 -52.79
CA PHE C 165 5.08 0.17 -53.63
C PHE C 165 4.77 -1.18 -52.99
N VAL C 166 5.20 -1.35 -51.75
CA VAL C 166 4.96 -2.59 -51.04
C VAL C 166 3.47 -2.93 -50.87
N GLU C 167 2.61 -1.92 -50.88
CA GLU C 167 1.18 -2.17 -50.73
C GLU C 167 0.55 -2.75 -52.01
N GLU C 168 1.31 -2.71 -53.09
CA GLU C 168 0.85 -3.24 -54.38
C GLU C 168 1.43 -4.64 -54.69
N HIS C 169 2.72 -4.80 -54.44
CA HIS C 169 3.43 -6.06 -54.75
C HIS C 169 4.16 -6.72 -53.55
N GLY C 170 5.48 -6.88 -53.68
CA GLY C 170 6.30 -7.49 -52.64
C GLY C 170 6.99 -6.46 -51.76
N GLU C 171 8.23 -6.08 -52.07
CA GLU C 171 8.96 -5.06 -51.29
C GLU C 171 10.13 -4.32 -51.97
N VAL C 172 10.49 -3.16 -51.42
CA VAL C 172 11.56 -2.28 -51.94
C VAL C 172 12.81 -2.21 -51.03
N CYS C 173 13.70 -1.26 -51.34
CA CYS C 173 14.94 -1.03 -50.58
C CYS C 173 16.07 -0.25 -51.29
N PRO C 174 15.74 0.87 -52.00
CA PRO C 174 16.76 1.67 -52.73
C PRO C 174 17.97 2.25 -51.93
N ALA D 5 12.21 5.78 -25.61
CA ALA D 5 13.36 5.00 -26.08
C ALA D 5 14.61 5.77 -25.88
N ALA D 6 14.52 7.04 -26.13
CA ALA D 6 15.72 7.75 -25.98
C ALA D 6 15.47 9.16 -26.30
N LYS D 7 16.23 9.99 -25.64
CA LYS D 7 16.06 11.39 -25.82
C LYS D 7 17.19 12.08 -26.56
N LEU D 8 16.80 13.08 -27.34
CA LEU D 8 17.72 13.89 -28.11
C LEU D 8 18.50 14.78 -27.18
N ASN D 9 19.69 15.17 -27.60
CA ASN D 9 20.55 16.05 -26.79
C ASN D 9 20.81 15.51 -25.40
N HIS D 10 20.58 14.22 -25.22
CA HIS D 10 20.83 13.56 -23.96
C HIS D 10 21.78 12.42 -24.27
N PRO D 11 22.79 12.19 -23.42
CA PRO D 11 23.74 11.11 -23.68
C PRO D 11 23.05 9.83 -24.19
N ALA D 12 23.44 9.41 -25.38
CA ALA D 12 22.89 8.22 -26.00
C ALA D 12 23.03 7.03 -25.08
N PRO D 13 22.11 6.06 -25.22
CA PRO D 13 22.13 4.86 -24.39
C PRO D 13 23.46 4.14 -24.58
N GLU D 14 24.14 3.82 -23.48
CA GLU D 14 25.40 3.13 -23.57
C GLU D 14 25.16 1.69 -24.01
N PHE D 15 25.93 1.23 -24.99
CA PHE D 15 25.82 -0.16 -25.44
C PHE D 15 27.21 -0.74 -25.26
N ASP D 16 27.23 -2.00 -24.84
CA ASP D 16 28.48 -2.71 -24.57
C ASP D 16 28.20 -4.18 -24.81
N ASP D 17 28.60 -4.67 -25.97
CA ASP D 17 28.34 -6.06 -26.30
C ASP D 17 29.27 -6.58 -27.40
N MSE D 18 29.23 -7.89 -27.63
CA MSE D 18 30.03 -8.53 -28.66
C MSE D 18 29.75 -8.02 -30.06
O MSE D 18 28.61 -7.74 -30.43
CB MSE D 18 29.81 -10.04 -28.63
CG MSE D 18 30.57 -10.70 -27.51
SE MSE D 18 32.44 -10.38 -27.81
CE MSE D 18 33.02 -12.25 -27.92
N ALA D 19 30.83 -7.91 -30.82
CA ALA D 19 30.74 -7.45 -32.19
C ALA D 19 31.78 -8.14 -33.07
N LEU D 20 31.35 -8.47 -34.29
CA LEU D 20 32.21 -9.14 -35.24
C LEU D 20 33.04 -8.07 -35.93
N MSE D 21 34.24 -7.86 -35.42
CA MSE D 21 35.15 -6.87 -35.98
C MSE D 21 35.29 -6.98 -37.50
O MSE D 21 34.90 -7.97 -38.11
CB MSE D 21 36.51 -6.99 -35.32
CG MSE D 21 36.47 -6.79 -33.82
SE MSE D 21 35.42 -5.24 -33.34
CE MSE D 21 36.85 -3.94 -33.09
N PRO D 22 35.85 -5.93 -38.15
CA PRO D 22 36.03 -5.94 -39.60
C PRO D 22 36.76 -7.21 -40.08
N ASN D 23 37.96 -7.40 -39.55
CA ASN D 23 38.80 -8.55 -39.89
C ASN D 23 38.10 -9.91 -39.66
N GLY D 24 37.97 -10.31 -38.40
CA GLY D 24 37.32 -11.58 -38.13
C GLY D 24 37.33 -11.93 -36.66
N THR D 25 37.86 -11.01 -35.86
CA THR D 25 37.93 -11.20 -34.41
C THR D 25 36.57 -10.99 -33.76
N PHE D 26 36.48 -11.38 -32.50
CA PHE D 26 35.28 -11.21 -31.70
C PHE D 26 35.68 -10.28 -30.57
N LYS D 27 35.25 -9.02 -30.67
CA LYS D 27 35.59 -8.03 -29.64
C LYS D 27 34.33 -7.39 -29.06
N LYS D 28 34.38 -7.13 -27.76
CA LYS D 28 33.27 -6.51 -27.06
C LYS D 28 33.43 -5.01 -27.23
N VAL D 29 32.49 -4.41 -27.98
CA VAL D 29 32.51 -2.98 -28.26
C VAL D 29 31.56 -2.16 -27.39
N SER D 30 32.00 -0.96 -27.02
CA SER D 30 31.19 -0.07 -26.19
C SER D 30 31.07 1.31 -26.84
N LEU D 31 29.93 1.96 -26.66
CA LEU D 31 29.74 3.28 -27.22
C LEU D 31 30.75 4.30 -26.69
N SER D 32 31.24 4.10 -25.48
CA SER D 32 32.21 5.04 -24.90
C SER D 32 33.54 4.96 -25.62
N SER D 33 33.79 3.82 -26.28
CA SER D 33 35.03 3.62 -27.02
C SER D 33 35.16 4.72 -28.05
N TYR D 34 34.02 5.07 -28.65
CA TYR D 34 33.96 6.09 -29.68
C TYR D 34 33.94 7.52 -29.19
N LYS D 35 34.03 7.73 -27.88
CA LYS D 35 34.01 9.10 -27.36
C LYS D 35 35.12 9.92 -28.03
N GLY D 36 34.71 10.76 -28.97
CA GLY D 36 35.64 11.59 -29.71
C GLY D 36 35.24 11.73 -31.16
N LYS D 37 34.54 10.72 -31.67
CA LYS D 37 34.08 10.72 -33.07
C LYS D 37 32.56 10.62 -33.13
N TYR D 38 32.00 10.92 -34.29
CA TYR D 38 30.56 10.80 -34.48
C TYR D 38 30.33 9.33 -34.72
N VAL D 39 29.19 8.82 -34.30
CA VAL D 39 28.93 7.41 -34.50
C VAL D 39 27.59 7.22 -35.15
N VAL D 40 27.52 6.23 -36.03
CA VAL D 40 26.27 5.94 -36.68
C VAL D 40 25.89 4.52 -36.30
N LEU D 41 24.85 4.41 -35.50
CA LEU D 41 24.38 3.11 -35.08
C LEU D 41 23.15 2.82 -35.92
N PHE D 42 23.05 1.63 -36.50
CA PHE D 42 21.87 1.32 -37.27
C PHE D 42 21.51 -0.13 -37.06
N PHE D 43 20.20 -0.38 -37.06
CA PHE D 43 19.69 -1.73 -36.83
C PHE D 43 19.04 -2.36 -38.04
N TYR D 44 19.01 -3.69 -37.99
CA TYR D 44 18.39 -4.52 -39.01
C TYR D 44 17.81 -5.72 -38.28
N PRO D 45 16.65 -6.20 -38.73
CA PRO D 45 15.90 -7.34 -38.19
C PRO D 45 16.70 -8.62 -37.96
N MSE D 46 16.87 -9.39 -39.03
CA MSE D 46 17.59 -10.66 -38.96
C MSE D 46 18.79 -10.73 -39.88
O MSE D 46 19.02 -9.82 -40.67
CB MSE D 46 16.62 -11.80 -39.26
CG MSE D 46 15.46 -11.81 -38.27
SE MSE D 46 13.95 -12.83 -38.91
CE MSE D 46 12.94 -11.45 -39.76
N ASP D 47 19.55 -11.81 -39.76
CA ASP D 47 20.76 -11.95 -40.55
C ASP D 47 20.68 -12.55 -41.94
N PHE D 48 20.38 -13.83 -42.06
CA PHE D 48 20.33 -14.44 -43.38
C PHE D 48 18.96 -14.16 -43.99
N THR D 49 18.79 -12.88 -44.34
CA THR D 49 17.58 -12.33 -44.92
C THR D 49 17.22 -12.93 -46.28
N PHE D 50 16.53 -12.12 -47.08
CA PHE D 50 16.11 -12.45 -48.43
C PHE D 50 16.82 -11.47 -49.37
N VAL D 51 16.18 -10.33 -49.62
CA VAL D 51 16.74 -9.32 -50.51
C VAL D 51 17.32 -8.08 -49.80
N CYS D 52 17.42 -8.07 -48.47
CA CYS D 52 17.93 -6.87 -47.82
C CYS D 52 19.31 -6.82 -47.13
N PRO D 53 20.37 -7.27 -47.83
CA PRO D 53 21.76 -7.24 -47.33
C PRO D 53 22.32 -5.96 -47.96
N THR D 54 21.61 -5.52 -48.99
CA THR D 54 21.88 -4.31 -49.76
C THR D 54 22.26 -3.19 -48.81
N GLU D 55 21.23 -2.81 -48.05
CA GLU D 55 21.28 -1.76 -47.06
C GLU D 55 22.49 -1.87 -46.17
N ILE D 56 22.61 -3.01 -45.51
CA ILE D 56 23.72 -3.26 -44.60
C ILE D 56 25.06 -2.98 -45.28
N ILE D 57 25.20 -3.50 -46.49
CA ILE D 57 26.41 -3.32 -47.27
C ILE D 57 26.71 -1.86 -47.58
N GLN D 58 25.74 -1.17 -48.17
CA GLN D 58 25.92 0.23 -48.51
C GLN D 58 26.69 0.96 -47.43
N PHE D 59 26.33 0.70 -46.18
CA PHE D 59 27.01 1.34 -45.06
C PHE D 59 28.48 0.91 -45.07
N SER D 60 28.70 -0.41 -45.08
CA SER D 60 30.05 -0.96 -45.07
C SER D 60 30.90 -0.30 -46.13
N ASP D 61 30.33 -0.09 -47.31
CA ASP D 61 31.07 0.53 -48.39
C ASP D 61 31.35 2.00 -48.10
N ASP D 62 30.30 2.79 -47.90
CA ASP D 62 30.49 4.20 -47.59
C ASP D 62 31.24 4.40 -46.28
N ALA D 63 31.63 3.29 -45.65
CA ALA D 63 32.37 3.32 -44.40
C ALA D 63 33.59 4.21 -44.54
N LYS D 64 34.30 4.05 -45.65
CA LYS D 64 35.49 4.83 -45.95
C LYS D 64 35.09 6.31 -46.01
N ARG D 65 34.12 6.60 -46.87
CA ARG D 65 33.62 7.95 -47.04
C ARG D 65 33.22 8.56 -45.70
N PHE D 66 32.64 7.74 -44.82
CA PHE D 66 32.24 8.21 -43.50
C PHE D 66 33.45 8.55 -42.65
N ALA D 67 34.37 7.60 -42.54
CA ALA D 67 35.59 7.79 -41.77
C ALA D 67 36.27 9.09 -42.15
N GLU D 68 36.16 9.44 -43.43
CA GLU D 68 36.75 10.65 -43.99
C GLU D 68 36.22 11.88 -43.26
N ILE D 69 34.99 11.78 -42.76
CA ILE D 69 34.34 12.90 -42.06
C ILE D 69 34.20 12.69 -40.53
N ASN D 70 35.23 12.10 -39.91
CA ASN D 70 35.28 11.85 -38.47
C ASN D 70 34.14 11.01 -37.91
N THR D 71 33.48 10.21 -38.73
CA THR D 71 32.39 9.39 -38.24
C THR D 71 32.62 7.90 -38.45
N GLU D 72 32.35 7.12 -37.42
CA GLU D 72 32.51 5.67 -37.51
C GLU D 72 31.10 5.11 -37.55
N VAL D 73 30.90 3.98 -38.21
CA VAL D 73 29.57 3.39 -38.24
C VAL D 73 29.65 1.97 -37.72
N ILE D 74 28.52 1.48 -37.22
CA ILE D 74 28.42 0.14 -36.64
C ILE D 74 26.98 -0.40 -36.69
N SER D 75 26.83 -1.65 -37.09
CA SER D 75 25.53 -2.26 -37.21
C SER D 75 25.15 -2.95 -35.93
N CYS D 76 23.97 -3.56 -35.95
CA CYS D 76 23.46 -4.25 -34.79
C CYS D 76 22.16 -4.98 -35.14
N SER D 77 21.99 -6.15 -34.54
CA SER D 77 20.79 -6.95 -34.75
C SER D 77 20.79 -7.95 -33.60
N CYS D 78 19.67 -8.63 -33.40
CA CYS D 78 19.57 -9.59 -32.32
C CYS D 78 20.10 -10.98 -32.65
N ASP D 79 21.06 -11.05 -33.58
CA ASP D 79 21.63 -12.34 -33.98
C ASP D 79 22.98 -12.54 -33.33
N SER D 80 23.38 -13.81 -33.20
CA SER D 80 24.66 -14.15 -32.57
C SER D 80 25.90 -13.78 -33.36
N GLU D 81 26.92 -13.38 -32.61
CA GLU D 81 28.21 -13.02 -33.16
C GLU D 81 28.65 -14.07 -34.18
N TYR D 82 28.35 -15.34 -33.88
CA TYR D 82 28.69 -16.46 -34.74
C TYR D 82 27.83 -16.42 -36.00
N SER D 83 26.57 -16.04 -35.86
CA SER D 83 25.68 -15.96 -37.01
C SER D 83 26.17 -14.86 -37.96
N HIS D 84 26.72 -13.79 -37.39
CA HIS D 84 27.25 -12.68 -38.18
C HIS D 84 28.39 -13.21 -39.02
N LEU D 85 29.35 -13.85 -38.35
CA LEU D 85 30.52 -14.43 -39.03
C LEU D 85 30.07 -15.27 -40.23
N GLN D 86 29.35 -16.34 -39.94
CA GLN D 86 28.82 -17.23 -40.98
C GLN D 86 28.25 -16.49 -42.17
N TRP D 87 27.59 -15.37 -41.92
CA TRP D 87 27.04 -14.57 -43.01
C TRP D 87 28.12 -13.75 -43.75
N THR D 88 29.18 -13.39 -43.03
CA THR D 88 30.28 -12.63 -43.58
C THR D 88 31.17 -13.55 -44.43
N SER D 89 31.10 -14.85 -44.19
CA SER D 89 31.90 -15.82 -44.94
C SER D 89 31.33 -16.06 -46.34
N VAL D 90 30.01 -16.07 -46.45
CA VAL D 90 29.37 -16.28 -47.76
C VAL D 90 29.69 -15.08 -48.66
N ASP D 91 30.06 -15.39 -49.91
CA ASP D 91 30.41 -14.36 -50.88
C ASP D 91 29.23 -13.50 -51.32
N ARG D 92 29.43 -12.19 -51.19
CA ARG D 92 28.43 -11.18 -51.52
C ARG D 92 27.70 -11.54 -52.80
N LYS D 93 28.42 -12.16 -53.73
CA LYS D 93 27.88 -12.55 -55.03
C LYS D 93 26.74 -13.58 -54.92
N LYS D 94 26.84 -14.49 -53.96
CA LYS D 94 25.80 -15.51 -53.80
C LYS D 94 24.87 -15.18 -52.63
N GLY D 95 24.31 -13.97 -52.65
CA GLY D 95 23.39 -13.55 -51.59
C GLY D 95 24.03 -13.44 -50.21
N GLY D 96 25.36 -13.49 -50.18
CA GLY D 96 26.08 -13.39 -48.93
C GLY D 96 26.29 -11.94 -48.54
N LEU D 97 27.22 -11.73 -47.63
CA LEU D 97 27.51 -10.38 -47.16
C LEU D 97 28.94 -10.05 -47.47
N GLY D 98 29.83 -11.02 -47.32
CA GLY D 98 31.23 -10.77 -47.60
C GLY D 98 31.84 -9.78 -46.61
N PRO D 99 33.17 -9.78 -46.44
CA PRO D 99 33.89 -8.88 -45.52
C PRO D 99 33.31 -7.48 -45.38
N MSE D 100 33.09 -7.07 -44.13
CA MSE D 100 32.56 -5.76 -43.82
C MSE D 100 33.67 -4.89 -43.24
O MSE D 100 34.61 -5.42 -42.63
CB MSE D 100 31.43 -5.88 -42.79
CG MSE D 100 30.30 -6.80 -43.17
SE MSE D 100 29.17 -6.02 -44.53
CE MSE D 100 28.27 -4.68 -43.42
N ALA D 101 33.58 -3.59 -43.43
CA ALA D 101 34.56 -2.66 -42.89
C ALA D 101 33.96 -2.09 -41.59
N ILE D 102 32.78 -2.59 -41.26
CA ILE D 102 32.02 -2.16 -40.09
C ILE D 102 31.91 -3.23 -39.01
N PRO D 103 32.03 -2.82 -37.73
CA PRO D 103 31.92 -3.82 -36.66
C PRO D 103 30.44 -4.19 -36.63
N MSE D 104 30.12 -5.44 -36.33
CA MSE D 104 28.70 -5.83 -36.30
C MSE D 104 28.26 -6.29 -34.92
O MSE D 104 28.54 -7.42 -34.49
CB MSE D 104 28.43 -6.91 -37.33
CG MSE D 104 28.60 -6.48 -38.76
SE MSE D 104 28.39 -7.96 -39.95
CE MSE D 104 26.47 -8.03 -40.12
N LEU D 105 27.55 -5.41 -34.22
CA LEU D 105 27.04 -5.69 -32.89
C LEU D 105 26.03 -6.82 -32.89
N ALA D 106 26.06 -7.59 -31.81
CA ALA D 106 25.17 -8.73 -31.64
C ALA D 106 24.65 -8.73 -30.21
N ASP D 107 23.42 -8.24 -30.01
CA ASP D 107 22.86 -8.23 -28.66
C ASP D 107 21.82 -9.34 -28.54
N LYS D 108 22.33 -10.52 -28.18
CA LYS D 108 21.52 -11.72 -27.99
C LYS D 108 20.56 -11.42 -26.86
N THR D 109 20.97 -10.44 -26.06
CA THR D 109 20.24 -9.97 -24.88
C THR D 109 19.03 -9.10 -25.21
N LYS D 110 19.10 -8.40 -26.34
CA LYS D 110 18.06 -7.49 -26.83
C LYS D 110 18.10 -6.18 -26.05
N ALA D 111 19.05 -6.09 -25.12
CA ALA D 111 19.21 -4.94 -24.27
C ALA D 111 19.38 -3.66 -25.08
N ILE D 112 20.13 -3.72 -26.17
CA ILE D 112 20.36 -2.55 -27.01
C ILE D 112 19.12 -2.12 -27.80
N ALA D 113 18.50 -3.07 -28.49
CA ALA D 113 17.29 -2.76 -29.27
C ALA D 113 16.31 -2.00 -28.38
N ARG D 114 16.09 -2.53 -27.19
CA ARG D 114 15.18 -1.90 -26.24
C ARG D 114 15.64 -0.49 -25.89
N ALA D 115 16.92 -0.34 -25.55
CA ALA D 115 17.49 0.95 -25.17
C ALA D 115 17.20 2.05 -26.19
N TYR D 116 17.20 1.67 -27.47
CA TYR D 116 16.94 2.64 -28.52
C TYR D 116 15.48 2.62 -28.96
N GLY D 117 14.68 1.79 -28.30
CA GLY D 117 13.26 1.69 -28.63
C GLY D 117 13.03 1.33 -30.07
N VAL D 118 13.78 0.34 -30.51
CA VAL D 118 13.71 -0.12 -31.90
C VAL D 118 13.21 -1.55 -31.94
N LEU D 119 13.10 -2.17 -30.78
CA LEU D 119 12.66 -3.55 -30.70
C LEU D 119 11.15 -3.73 -30.87
N ASP D 120 10.75 -4.76 -31.61
CA ASP D 120 9.35 -5.09 -31.79
C ASP D 120 9.17 -6.24 -30.83
N GLU D 121 8.77 -5.94 -29.60
CA GLU D 121 8.59 -6.98 -28.59
C GLU D 121 7.85 -8.21 -29.10
N ASP D 122 6.88 -8.02 -29.98
CA ASP D 122 6.10 -9.13 -30.52
C ASP D 122 6.88 -10.18 -31.33
N SER D 123 7.78 -9.71 -32.22
CA SER D 123 8.56 -10.60 -33.06
C SER D 123 9.92 -10.93 -32.43
N GLY D 124 10.54 -9.95 -31.76
CA GLY D 124 11.83 -10.20 -31.14
C GLY D 124 13.00 -9.67 -31.95
N VAL D 125 12.71 -8.87 -32.96
CA VAL D 125 13.74 -8.30 -33.82
C VAL D 125 13.61 -6.78 -33.87
N ALA D 126 14.65 -6.11 -34.37
CA ALA D 126 14.64 -4.65 -34.46
C ALA D 126 14.14 -4.08 -35.79
N TYR D 127 13.69 -2.83 -35.74
CA TYR D 127 13.23 -2.16 -36.94
C TYR D 127 14.42 -1.47 -37.55
N ARG D 128 14.24 -0.93 -38.75
CA ARG D 128 15.33 -0.26 -39.43
C ARG D 128 15.59 1.05 -38.73
N GLY D 129 16.34 1.00 -37.64
CA GLY D 129 16.61 2.23 -36.93
C GLY D 129 17.98 2.76 -37.22
N VAL D 130 18.13 4.08 -37.13
CA VAL D 130 19.41 4.71 -37.37
C VAL D 130 19.54 5.88 -36.44
N PHE D 131 20.65 5.93 -35.72
CA PHE D 131 20.88 7.01 -34.78
C PHE D 131 22.26 7.58 -34.98
N ILE D 132 22.38 8.87 -34.74
CA ILE D 132 23.66 9.55 -34.89
C ILE D 132 24.08 10.11 -33.55
N ILE D 133 25.20 9.64 -33.03
CA ILE D 133 25.69 10.14 -31.75
C ILE D 133 26.83 11.09 -32.04
N ASP D 134 26.87 12.22 -31.36
CA ASP D 134 27.94 13.15 -31.60
C ASP D 134 29.17 12.79 -30.77
N PRO D 135 30.30 13.45 -31.04
CA PRO D 135 31.58 13.23 -30.35
C PRO D 135 31.54 13.33 -28.84
N ASN D 136 30.53 14.03 -28.31
CA ASN D 136 30.41 14.19 -26.87
C ASN D 136 29.56 13.07 -26.28
N GLY D 137 29.12 12.18 -27.16
CA GLY D 137 28.33 11.04 -26.71
C GLY D 137 26.85 11.29 -26.56
N LYS D 138 26.35 12.33 -27.21
CA LYS D 138 24.94 12.68 -27.14
C LYS D 138 24.20 12.29 -28.41
N LEU D 139 22.98 11.80 -28.27
CA LEU D 139 22.15 11.41 -29.40
C LEU D 139 21.64 12.66 -30.11
N ARG D 140 21.78 12.72 -31.43
CA ARG D 140 21.33 13.90 -32.14
C ARG D 140 20.51 13.65 -33.38
N GLN D 141 20.06 12.42 -33.57
CA GLN D 141 19.25 12.13 -34.73
C GLN D 141 18.57 10.81 -34.58
N ILE D 142 17.29 10.79 -34.88
CA ILE D 142 16.54 9.55 -34.74
C ILE D 142 15.84 9.29 -36.04
N ILE D 143 15.89 8.03 -36.46
CA ILE D 143 15.27 7.60 -37.68
C ILE D 143 14.88 6.16 -37.54
N ILE D 144 13.61 5.86 -37.78
CA ILE D 144 13.15 4.51 -37.69
C ILE D 144 12.25 4.17 -38.86
N ASN D 145 12.79 3.38 -39.78
CA ASN D 145 12.09 2.93 -40.97
C ASN D 145 11.37 1.62 -40.68
N ASP D 146 10.24 1.39 -41.33
CA ASP D 146 9.50 0.16 -41.13
C ASP D 146 10.40 -1.00 -41.62
N MSE D 147 9.99 -2.23 -41.36
CA MSE D 147 10.76 -3.42 -41.75
C MSE D 147 11.03 -3.60 -43.27
O MSE D 147 12.06 -4.18 -43.64
CB MSE D 147 10.04 -4.67 -41.21
CG MSE D 147 9.72 -4.63 -39.72
SE MSE D 147 11.21 -4.98 -38.54
CE MSE D 147 11.17 -6.92 -38.75
N PRO D 148 10.11 -3.16 -44.14
CA PRO D 148 10.37 -3.33 -45.58
C PRO D 148 10.95 -2.11 -46.32
N ILE D 149 11.14 -1.01 -45.61
CA ILE D 149 11.64 0.20 -46.25
C ILE D 149 13.11 0.49 -46.04
N GLY D 150 13.89 0.33 -47.10
CA GLY D 150 15.31 0.59 -47.00
C GLY D 150 15.62 2.05 -46.67
N ARG D 151 16.84 2.28 -46.22
CA ARG D 151 17.31 3.61 -45.85
C ARG D 151 18.22 4.22 -46.94
N ASN D 152 18.39 5.54 -46.89
CA ASN D 152 19.25 6.22 -47.84
C ASN D 152 20.51 6.68 -47.11
N VAL D 153 21.58 5.89 -47.22
CA VAL D 153 22.83 6.21 -46.55
C VAL D 153 23.35 7.61 -46.85
N GLU D 154 23.17 8.09 -48.08
CA GLU D 154 23.64 9.43 -48.41
C GLU D 154 22.99 10.43 -47.44
N GLU D 155 21.70 10.23 -47.15
CA GLU D 155 20.99 11.12 -46.25
C GLU D 155 21.66 11.16 -44.89
N VAL D 156 21.93 9.98 -44.35
CA VAL D 156 22.59 9.89 -43.06
C VAL D 156 23.82 10.78 -43.07
N ILE D 157 24.57 10.74 -44.18
CA ILE D 157 25.76 11.55 -44.31
C ILE D 157 25.38 13.02 -44.27
N ARG D 158 24.42 13.39 -45.12
CA ARG D 158 23.94 14.76 -45.20
C ARG D 158 23.78 15.27 -43.78
N LEU D 159 23.04 14.47 -43.00
CA LEU D 159 22.74 14.77 -41.61
C LEU D 159 23.99 14.96 -40.79
N VAL D 160 24.95 14.06 -40.96
CA VAL D 160 26.18 14.17 -40.19
C VAL D 160 26.90 15.45 -40.56
N GLU D 161 27.11 15.66 -41.85
CA GLU D 161 27.78 16.86 -42.32
C GLU D 161 27.01 18.03 -41.75
N ALA D 162 25.69 18.00 -41.95
CA ALA D 162 24.80 19.03 -41.48
C ALA D 162 25.06 19.35 -40.00
N LEU D 163 25.16 18.31 -39.18
CA LEU D 163 25.42 18.48 -37.75
C LEU D 163 26.75 19.17 -37.51
N GLN D 164 27.79 18.68 -38.17
CA GLN D 164 29.12 19.24 -38.01
C GLN D 164 29.14 20.70 -38.40
N PHE D 165 28.39 21.04 -39.45
CA PHE D 165 28.34 22.42 -39.92
C PHE D 165 28.00 23.32 -38.74
N VAL D 166 26.90 22.99 -38.06
CA VAL D 166 26.41 23.76 -36.93
C VAL D 166 27.43 23.91 -35.78
N GLU D 167 28.05 22.81 -35.37
CA GLU D 167 29.04 22.85 -34.30
C GLU D 167 30.22 23.75 -34.70
N GLU D 168 30.53 23.73 -36.00
CA GLU D 168 31.62 24.50 -36.60
C GLU D 168 31.48 26.02 -36.50
N HIS D 169 30.48 26.54 -37.21
CA HIS D 169 30.22 27.99 -37.23
C HIS D 169 29.28 28.35 -36.07
N GLY D 170 27.98 28.16 -36.30
CA GLY D 170 26.99 28.46 -35.28
C GLY D 170 26.21 29.73 -35.53
N ALA E 6 7.00 -24.80 -15.12
CA ALA E 6 7.44 -26.10 -15.74
C ALA E 6 7.57 -27.21 -14.69
N LYS E 7 6.44 -27.76 -14.28
CA LYS E 7 6.43 -28.83 -13.28
C LYS E 7 6.13 -30.17 -13.91
N LEU E 8 6.54 -31.23 -13.23
CA LEU E 8 6.30 -32.58 -13.72
C LEU E 8 4.83 -32.94 -13.53
N ASN E 9 4.35 -33.87 -14.35
CA ASN E 9 2.96 -34.31 -14.29
C ASN E 9 1.96 -33.18 -14.41
N HIS E 10 2.44 -32.05 -14.93
CA HIS E 10 1.61 -30.88 -15.17
C HIS E 10 1.74 -30.55 -16.66
N PRO E 11 0.63 -30.21 -17.34
CA PRO E 11 0.70 -29.90 -18.78
C PRO E 11 1.89 -29.05 -19.14
N ALA E 12 2.74 -29.58 -20.03
CA ALA E 12 3.95 -28.88 -20.45
C ALA E 12 3.63 -27.49 -20.97
N PRO E 13 4.59 -26.57 -20.83
CA PRO E 13 4.40 -25.20 -21.29
C PRO E 13 4.11 -25.24 -22.78
N GLU E 14 3.02 -24.58 -23.19
CA GLU E 14 2.65 -24.51 -24.59
C GLU E 14 3.64 -23.63 -25.35
N PHE E 15 4.14 -24.13 -26.47
CA PHE E 15 5.05 -23.34 -27.29
C PHE E 15 4.35 -23.26 -28.63
N ASP E 16 4.49 -22.10 -29.27
CA ASP E 16 3.85 -21.84 -30.55
C ASP E 16 4.73 -20.81 -31.26
N ASP E 17 5.58 -21.27 -32.17
CA ASP E 17 6.48 -20.36 -32.87
C ASP E 17 7.00 -20.95 -34.17
N MSE E 18 7.68 -20.11 -34.95
CA MSE E 18 8.23 -20.53 -36.21
C MSE E 18 9.25 -21.65 -36.09
O MSE E 18 10.02 -21.71 -35.14
CB MSE E 18 8.85 -19.34 -36.95
CG MSE E 18 7.82 -18.42 -37.59
SE MSE E 18 6.73 -19.27 -38.99
CE MSE E 18 7.40 -18.29 -40.51
N ALA E 19 9.22 -22.53 -37.08
CA ALA E 19 10.13 -23.66 -37.13
C ALA E 19 10.48 -24.00 -38.57
N LEU E 20 11.75 -24.34 -38.78
CA LEU E 20 12.24 -24.71 -40.10
C LEU E 20 11.92 -26.19 -40.30
N MSE E 21 10.80 -26.44 -40.96
CA MSE E 21 10.35 -27.80 -41.25
C MSE E 21 11.47 -28.66 -41.85
O MSE E 21 12.49 -28.14 -42.30
CB MSE E 21 9.15 -27.76 -42.19
CG MSE E 21 7.98 -27.00 -41.63
SE MSE E 21 7.69 -27.62 -39.84
CE MSE E 21 6.15 -28.75 -40.12
N PRO E 22 11.28 -29.99 -41.88
CA PRO E 22 12.29 -30.92 -42.44
C PRO E 22 12.71 -30.51 -43.86
N ASN E 23 11.72 -30.44 -44.75
CA ASN E 23 11.94 -30.08 -46.15
C ASN E 23 12.64 -28.73 -46.33
N GLY E 24 11.92 -27.63 -46.10
CA GLY E 24 12.51 -26.31 -46.25
C GLY E 24 11.51 -25.19 -46.05
N THR E 25 10.29 -25.56 -45.69
CA THR E 25 9.23 -24.59 -45.46
C THR E 25 9.41 -23.91 -44.09
N PHE E 26 8.66 -22.83 -43.90
CA PHE E 26 8.66 -22.09 -42.64
C PHE E 26 7.25 -22.24 -42.12
N LYS E 27 7.09 -23.08 -41.10
CA LYS E 27 5.77 -23.32 -40.50
C LYS E 27 5.77 -23.01 -39.00
N LYS E 28 4.68 -22.42 -38.53
CA LYS E 28 4.53 -22.09 -37.12
C LYS E 28 4.02 -23.35 -36.43
N VAL E 29 4.87 -23.93 -35.59
CA VAL E 29 4.55 -25.16 -34.87
C VAL E 29 4.10 -24.94 -33.43
N SER E 30 3.14 -25.75 -32.97
CA SER E 30 2.63 -25.64 -31.60
C SER E 30 2.68 -26.99 -30.89
N LEU E 31 2.91 -26.97 -29.58
CA LEU E 31 2.97 -28.22 -28.84
C LEU E 31 1.64 -28.99 -28.87
N SER E 32 0.53 -28.28 -29.04
CA SER E 32 -0.78 -28.94 -29.07
C SER E 32 -0.94 -29.75 -30.36
N SER E 33 -0.15 -29.40 -31.39
CA SER E 33 -0.20 -30.10 -32.69
C SER E 33 0.13 -31.59 -32.46
N TYR E 34 1.07 -31.82 -31.55
CA TYR E 34 1.50 -33.17 -31.22
C TYR E 34 0.60 -33.91 -30.24
N LYS E 35 -0.51 -33.31 -29.83
CA LYS E 35 -1.39 -33.99 -28.88
C LYS E 35 -1.78 -35.36 -29.43
N GLY E 36 -1.18 -36.40 -28.87
CA GLY E 36 -1.44 -37.76 -29.29
C GLY E 36 -0.16 -38.58 -29.32
N LYS E 37 0.98 -37.91 -29.50
CA LYS E 37 2.29 -38.58 -29.55
C LYS E 37 3.19 -38.04 -28.46
N TYR E 38 4.27 -38.77 -28.20
CA TYR E 38 5.24 -38.33 -27.21
C TYR E 38 6.09 -37.32 -27.93
N VAL E 39 6.56 -36.32 -27.22
CA VAL E 39 7.38 -35.31 -27.86
C VAL E 39 8.68 -35.12 -27.12
N VAL E 40 9.74 -34.91 -27.88
CA VAL E 40 11.04 -34.67 -27.29
C VAL E 40 11.51 -33.30 -27.71
N LEU E 41 11.47 -32.37 -26.76
CA LEU E 41 11.91 -31.02 -27.01
C LEU E 41 13.30 -30.88 -26.44
N PHE E 42 14.23 -30.36 -27.23
CA PHE E 42 15.58 -30.19 -26.73
C PHE E 42 16.14 -28.86 -27.21
N PHE E 43 16.94 -28.24 -26.36
CA PHE E 43 17.51 -26.95 -26.67
C PHE E 43 19.02 -26.98 -26.89
N TYR E 44 19.49 -25.97 -27.62
CA TYR E 44 20.92 -25.79 -27.88
C TYR E 44 21.13 -24.29 -27.92
N PRO E 45 22.28 -23.82 -27.41
CA PRO E 45 22.70 -22.41 -27.34
C PRO E 45 22.55 -21.59 -28.63
N MSE E 46 23.55 -21.70 -29.49
CA MSE E 46 23.53 -20.96 -30.73
C MSE E 46 23.61 -21.86 -31.96
O MSE E 46 23.75 -23.09 -31.84
CB MSE E 46 24.67 -19.96 -30.71
CG MSE E 46 24.50 -19.02 -29.56
SE MSE E 46 26.08 -18.02 -29.24
CE MSE E 46 26.92 -19.25 -27.95
N ASP E 47 23.52 -21.25 -33.14
CA ASP E 47 23.51 -22.03 -34.35
C ASP E 47 24.82 -22.44 -35.00
N PHE E 48 25.61 -21.49 -35.46
CA PHE E 48 26.82 -21.89 -36.15
C PHE E 48 27.93 -22.42 -35.27
N THR E 49 28.17 -21.75 -34.13
CA THR E 49 29.18 -22.16 -33.14
C THR E 49 30.45 -22.88 -33.65
N PHE E 50 31.38 -23.08 -32.72
CA PHE E 50 32.63 -23.76 -33.02
C PHE E 50 32.58 -25.13 -32.34
N VAL E 51 31.85 -26.07 -32.96
CA VAL E 51 31.66 -27.45 -32.48
C VAL E 51 30.40 -27.60 -31.58
N CYS E 52 29.24 -27.87 -32.22
CA CYS E 52 27.94 -28.08 -31.55
C CYS E 52 26.92 -28.74 -32.56
N PRO E 53 27.49 -29.53 -33.57
CA PRO E 53 26.70 -30.20 -34.60
C PRO E 53 26.08 -31.33 -34.16
N THR E 54 27.13 -32.10 -33.92
CA THR E 54 27.05 -33.49 -33.52
C THR E 54 25.73 -33.86 -32.82
N GLU E 55 25.59 -33.31 -31.62
CA GLU E 55 24.43 -33.53 -30.77
C GLU E 55 23.10 -33.33 -31.49
N ILE E 56 22.96 -32.14 -32.06
CA ILE E 56 21.74 -31.77 -32.80
C ILE E 56 21.42 -32.83 -33.86
N ILE E 57 22.46 -33.21 -34.62
CA ILE E 57 22.34 -34.21 -35.67
C ILE E 57 21.86 -35.55 -35.14
N GLN E 58 22.59 -36.10 -34.17
CA GLN E 58 22.23 -37.39 -33.58
C GLN E 58 20.72 -37.52 -33.44
N PHE E 59 20.07 -36.45 -32.98
CA PHE E 59 18.62 -36.48 -32.83
C PHE E 59 17.97 -36.65 -34.21
N SER E 60 18.36 -35.78 -35.13
CA SER E 60 17.81 -35.82 -36.49
C SER E 60 17.89 -37.22 -37.07
N ASP E 61 19.03 -37.88 -36.86
CA ASP E 61 19.21 -39.24 -37.38
C ASP E 61 18.29 -40.24 -36.67
N ASP E 62 18.43 -40.36 -35.35
CA ASP E 62 17.60 -41.28 -34.61
C ASP E 62 16.13 -40.89 -34.71
N ALA E 63 15.85 -39.83 -35.48
CA ALA E 63 14.48 -39.35 -35.68
C ALA E 63 13.60 -40.50 -36.14
N LYS E 64 14.12 -41.26 -37.10
CA LYS E 64 13.40 -42.40 -37.65
C LYS E 64 13.10 -43.37 -36.49
N ARG E 65 14.18 -43.78 -35.83
CA ARG E 65 14.09 -44.71 -34.71
C ARG E 65 13.07 -44.25 -33.69
N PHE E 66 13.01 -42.93 -33.46
CA PHE E 66 12.06 -42.35 -32.51
C PHE E 66 10.64 -42.49 -33.03
N ALA E 67 10.43 -42.06 -34.27
CA ALA E 67 9.11 -42.12 -34.90
C ALA E 67 8.54 -43.53 -34.76
N GLU E 68 9.45 -44.51 -34.83
CA GLU E 68 9.10 -45.92 -34.73
C GLU E 68 8.37 -46.21 -33.42
N ILE E 69 8.71 -45.45 -32.38
CA ILE E 69 8.12 -45.63 -31.05
C ILE E 69 7.11 -44.52 -30.65
N ASN E 70 6.31 -44.06 -31.61
CA ASN E 70 5.29 -43.03 -31.40
C ASN E 70 5.79 -41.70 -30.82
N THR E 71 7.07 -41.40 -31.00
CA THR E 71 7.60 -40.14 -30.49
C THR E 71 8.19 -39.25 -31.58
N GLU E 72 7.83 -37.97 -31.54
CA GLU E 72 8.33 -37.00 -32.51
C GLU E 72 9.33 -36.15 -31.74
N VAL E 73 10.39 -35.67 -32.41
CA VAL E 73 11.34 -34.81 -31.71
C VAL E 73 11.43 -33.48 -32.43
N ILE E 74 11.86 -32.45 -31.69
CA ILE E 74 11.95 -31.11 -32.25
C ILE E 74 12.96 -30.28 -31.47
N SER E 75 13.81 -29.55 -32.20
CA SER E 75 14.84 -28.72 -31.58
C SER E 75 14.32 -27.33 -31.30
N CYS E 76 15.20 -26.53 -30.72
CA CYS E 76 14.88 -25.16 -30.39
C CYS E 76 16.12 -24.41 -29.90
N SER E 77 16.19 -23.13 -30.28
CA SER E 77 17.28 -22.25 -29.91
C SER E 77 16.77 -20.85 -30.17
N CYS E 78 17.49 -19.86 -29.65
CA CYS E 78 17.09 -18.47 -29.79
C CYS E 78 17.59 -17.81 -31.08
N ASP E 79 17.77 -18.62 -32.13
CA ASP E 79 18.22 -18.13 -33.43
C ASP E 79 17.07 -18.06 -34.42
N SER E 80 17.20 -17.17 -35.39
CA SER E 80 16.16 -16.96 -36.37
C SER E 80 15.96 -18.12 -37.33
N GLU E 81 14.70 -18.30 -37.71
CA GLU E 81 14.26 -19.32 -38.66
C GLU E 81 15.17 -19.29 -39.89
N TYR E 82 15.57 -18.08 -40.28
CA TYR E 82 16.46 -17.87 -41.43
C TYR E 82 17.86 -18.36 -41.10
N SER E 83 18.29 -18.16 -39.86
CA SER E 83 19.62 -18.60 -39.46
C SER E 83 19.66 -20.12 -39.48
N HIS E 84 18.55 -20.74 -39.11
CA HIS E 84 18.46 -22.20 -39.11
C HIS E 84 18.66 -22.71 -40.53
N LEU E 85 17.84 -22.20 -41.45
CA LEU E 85 17.93 -22.55 -42.88
C LEU E 85 19.39 -22.51 -43.28
N GLN E 86 19.94 -21.31 -43.45
CA GLN E 86 21.36 -21.12 -43.79
C GLN E 86 22.34 -22.13 -43.19
N TRP E 87 22.01 -22.66 -42.02
CA TRP E 87 22.89 -23.64 -41.38
C TRP E 87 22.57 -25.04 -41.95
N THR E 88 21.32 -25.23 -42.37
CA THR E 88 20.85 -26.48 -42.95
C THR E 88 21.33 -26.60 -44.40
N SER E 89 21.69 -25.46 -45.01
CA SER E 89 22.17 -25.46 -46.39
C SER E 89 23.62 -25.93 -46.48
N VAL E 90 24.42 -25.56 -45.49
CA VAL E 90 25.83 -25.97 -45.48
C VAL E 90 25.91 -27.49 -45.31
N ASP E 91 26.78 -28.12 -46.11
CA ASP E 91 26.94 -29.57 -46.07
C ASP E 91 27.57 -30.06 -44.78
N ARG E 92 26.88 -31.02 -44.16
CA ARG E 92 27.31 -31.64 -42.91
C ARG E 92 28.81 -31.90 -42.90
N LYS E 93 29.34 -32.25 -44.07
CA LYS E 93 30.75 -32.56 -44.21
C LYS E 93 31.68 -31.37 -43.88
N LYS E 94 31.25 -30.15 -44.23
CA LYS E 94 32.08 -28.98 -43.96
C LYS E 94 31.59 -28.21 -42.73
N GLY E 95 31.45 -28.93 -41.61
CA GLY E 95 30.99 -28.30 -40.38
C GLY E 95 29.56 -27.77 -40.44
N GLY E 96 28.84 -28.15 -41.47
CA GLY E 96 27.46 -27.70 -41.62
C GLY E 96 26.50 -28.59 -40.85
N LEU E 97 25.23 -28.52 -41.19
CA LEU E 97 24.22 -29.32 -40.51
C LEU E 97 23.54 -30.26 -41.51
N GLY E 98 23.32 -29.76 -42.72
CA GLY E 98 22.68 -30.58 -43.73
C GLY E 98 21.24 -30.88 -43.34
N PRO E 99 20.39 -31.21 -44.32
CA PRO E 99 18.97 -31.53 -44.11
C PRO E 99 18.68 -32.29 -42.82
N MSE E 100 17.68 -31.79 -42.08
CA MSE E 100 17.24 -32.38 -40.81
C MSE E 100 15.89 -33.04 -41.02
O MSE E 100 15.11 -32.60 -41.88
CB MSE E 100 17.11 -31.31 -39.73
CG MSE E 100 18.36 -30.48 -39.49
SE MSE E 100 19.77 -31.44 -38.58
CE MSE E 100 18.93 -31.58 -36.81
N ALA E 101 15.61 -34.07 -40.24
CA ALA E 101 14.34 -34.76 -40.33
C ALA E 101 13.49 -34.22 -39.20
N ILE E 102 14.09 -33.26 -38.48
CA ILE E 102 13.47 -32.63 -37.34
C ILE E 102 13.09 -31.15 -37.55
N PRO E 103 11.89 -30.74 -37.08
CA PRO E 103 11.51 -29.34 -37.25
C PRO E 103 12.44 -28.57 -36.32
N MSE E 104 12.85 -27.37 -36.70
CA MSE E 104 13.74 -26.60 -35.83
C MSE E 104 13.11 -25.31 -35.34
O MSE E 104 13.07 -24.31 -36.07
CB MSE E 104 15.04 -26.31 -36.53
CG MSE E 104 15.85 -27.53 -36.82
SE MSE E 104 17.42 -27.03 -37.84
CE MSE E 104 18.64 -26.52 -36.41
N LEU E 105 12.65 -25.32 -34.09
CA LEU E 105 12.03 -24.13 -33.49
C LEU E 105 13.00 -22.98 -33.39
N ALA E 106 12.45 -21.78 -33.49
CA ALA E 106 13.25 -20.56 -33.41
C ALA E 106 12.45 -19.54 -32.60
N ASP E 107 12.80 -19.38 -31.33
CA ASP E 107 12.07 -18.40 -30.55
C ASP E 107 12.94 -17.16 -30.34
N LYS E 108 12.84 -16.26 -31.31
CA LYS E 108 13.57 -14.99 -31.31
C LYS E 108 13.10 -14.22 -30.08
N THR E 109 11.92 -14.61 -29.61
CA THR E 109 11.24 -14.00 -28.46
C THR E 109 11.81 -14.47 -27.10
N LYS E 110 12.42 -15.65 -27.11
CA LYS E 110 12.99 -16.28 -25.92
C LYS E 110 11.89 -16.78 -25.00
N ALA E 111 10.65 -16.59 -25.42
CA ALA E 111 9.49 -16.98 -24.62
C ALA E 111 9.55 -18.46 -24.23
N ILE E 112 9.98 -19.31 -25.14
CA ILE E 112 10.06 -20.74 -24.88
C ILE E 112 11.14 -21.12 -23.89
N ALA E 113 12.36 -20.65 -24.14
CA ALA E 113 13.49 -20.94 -23.26
C ALA E 113 13.12 -20.63 -21.83
N ARG E 114 12.51 -19.47 -21.64
CA ARG E 114 12.07 -19.06 -20.31
C ARG E 114 11.02 -20.01 -19.75
N ALA E 115 10.03 -20.35 -20.58
CA ALA E 115 8.96 -21.25 -20.17
C ALA E 115 9.47 -22.57 -19.62
N TYR E 116 10.59 -23.06 -20.16
CA TYR E 116 11.16 -24.32 -19.70
C TYR E 116 12.31 -24.12 -18.73
N GLY E 117 12.55 -22.86 -18.37
CA GLY E 117 13.61 -22.54 -17.42
C GLY E 117 14.96 -23.06 -17.87
N VAL E 118 15.25 -22.80 -19.14
CA VAL E 118 16.47 -23.25 -19.77
C VAL E 118 17.33 -22.06 -20.21
N LEU E 119 16.74 -20.87 -20.17
CA LEU E 119 17.43 -19.67 -20.58
C LEU E 119 18.42 -19.13 -19.57
N ASP E 120 19.60 -18.72 -20.06
CA ASP E 120 20.62 -18.12 -19.22
C ASP E 120 20.42 -16.63 -19.47
N GLU E 121 19.58 -16.00 -18.66
CA GLU E 121 19.30 -14.58 -18.82
C GLU E 121 20.54 -13.72 -19.09
N ASP E 122 21.66 -14.07 -18.47
CA ASP E 122 22.90 -13.32 -18.65
C ASP E 122 23.44 -13.29 -20.08
N SER E 123 23.48 -14.44 -20.74
CA SER E 123 24.00 -14.56 -22.11
C SER E 123 22.92 -14.40 -23.18
N GLY E 124 21.72 -14.89 -22.89
CA GLY E 124 20.63 -14.78 -23.84
C GLY E 124 20.38 -16.03 -24.66
N VAL E 125 21.03 -17.12 -24.27
CA VAL E 125 20.91 -18.39 -24.98
C VAL E 125 20.45 -19.48 -24.04
N ALA E 126 20.06 -20.62 -24.60
CA ALA E 126 19.59 -21.75 -23.81
C ALA E 126 20.65 -22.80 -23.46
N TYR E 127 20.40 -23.52 -22.37
CA TYR E 127 21.29 -24.58 -21.94
C TYR E 127 20.83 -25.84 -22.66
N ARG E 128 21.66 -26.88 -22.60
CA ARG E 128 21.34 -28.15 -23.21
C ARG E 128 20.19 -28.82 -22.45
N GLY E 129 18.98 -28.36 -22.75
CA GLY E 129 17.83 -28.91 -22.07
C GLY E 129 17.12 -29.94 -22.91
N VAL E 130 16.49 -30.89 -22.24
CA VAL E 130 15.74 -31.93 -22.92
C VAL E 130 14.54 -32.27 -22.09
N PHE E 131 13.38 -32.24 -22.72
CA PHE E 131 12.15 -32.56 -22.01
C PHE E 131 11.36 -33.56 -22.80
N ILE E 132 10.60 -34.38 -22.10
CA ILE E 132 9.78 -35.38 -22.73
C ILE E 132 8.34 -35.15 -22.35
N ILE E 133 7.50 -34.85 -23.33
CA ILE E 133 6.09 -34.65 -23.05
C ILE E 133 5.36 -35.90 -23.46
N ASP E 134 4.39 -36.32 -22.68
CA ASP E 134 3.63 -37.51 -23.05
C ASP E 134 2.47 -37.14 -23.96
N PRO E 135 1.83 -38.15 -24.56
CA PRO E 135 0.70 -38.00 -25.48
C PRO E 135 -0.46 -37.16 -24.94
N ASN E 136 -0.57 -37.06 -23.62
CA ASN E 136 -1.65 -36.27 -23.03
C ASN E 136 -1.22 -34.81 -22.86
N GLY E 137 0.00 -34.53 -23.27
CA GLY E 137 0.55 -33.18 -23.20
C GLY E 137 1.13 -32.78 -21.85
N LYS E 138 1.52 -33.77 -21.06
CA LYS E 138 2.08 -33.52 -19.74
C LYS E 138 3.58 -33.74 -19.72
N LEU E 139 4.30 -32.89 -19.01
CA LEU E 139 5.76 -33.01 -18.91
C LEU E 139 6.12 -34.18 -18.02
N ARG E 140 7.02 -35.05 -18.47
CA ARG E 140 7.37 -36.20 -17.65
C ARG E 140 8.84 -36.49 -17.52
N GLN E 141 9.68 -35.55 -17.95
CA GLN E 141 11.12 -35.76 -17.83
C GLN E 141 11.88 -34.47 -18.03
N ILE E 142 12.77 -34.17 -17.09
CA ILE E 142 13.56 -32.96 -17.18
C ILE E 142 15.03 -33.29 -17.16
N ILE E 143 15.75 -32.67 -18.06
CA ILE E 143 17.18 -32.88 -18.15
C ILE E 143 17.81 -31.60 -18.66
N ILE E 144 18.79 -31.11 -17.92
CA ILE E 144 19.46 -29.88 -18.31
C ILE E 144 20.97 -30.06 -18.15
N ASN E 145 21.64 -30.18 -19.29
CA ASN E 145 23.10 -30.35 -19.32
C ASN E 145 23.76 -29.00 -19.43
N ASP E 146 24.95 -28.86 -18.87
CA ASP E 146 25.67 -27.60 -18.95
C ASP E 146 25.96 -27.34 -20.44
N MSE E 147 26.45 -26.14 -20.75
CA MSE E 147 26.76 -25.73 -22.12
C MSE E 147 27.82 -26.57 -22.86
O MSE E 147 27.77 -26.70 -24.08
CB MSE E 147 27.20 -24.26 -22.11
CG MSE E 147 26.20 -23.29 -21.49
SE MSE E 147 24.66 -22.81 -22.59
CE MSE E 147 25.54 -21.42 -23.62
N PRO E 148 28.80 -27.13 -22.13
CA PRO E 148 29.79 -27.92 -22.85
C PRO E 148 29.58 -29.45 -22.78
N ILE E 149 28.51 -29.88 -22.11
CA ILE E 149 28.29 -31.31 -21.97
C ILE E 149 27.21 -31.90 -22.88
N GLY E 150 27.64 -32.65 -23.88
CA GLY E 150 26.70 -33.26 -24.81
C GLY E 150 25.75 -34.22 -24.14
N ARG E 151 24.67 -34.54 -24.82
CA ARG E 151 23.66 -35.45 -24.30
C ARG E 151 23.77 -36.83 -24.94
N ASN E 152 23.13 -37.82 -24.33
CA ASN E 152 23.13 -39.18 -24.85
C ASN E 152 21.73 -39.51 -25.36
N VAL E 153 21.54 -39.36 -26.65
CA VAL E 153 20.24 -39.62 -27.27
C VAL E 153 19.66 -40.99 -26.91
N GLU E 154 20.50 -42.01 -26.87
CA GLU E 154 20.03 -43.35 -26.53
C GLU E 154 19.29 -43.30 -25.20
N GLU E 155 19.85 -42.57 -24.24
CA GLU E 155 19.23 -42.44 -22.93
C GLU E 155 17.83 -41.88 -23.04
N VAL E 156 17.69 -40.79 -23.80
CA VAL E 156 16.39 -40.15 -24.00
C VAL E 156 15.40 -41.23 -24.43
N ILE E 157 15.84 -42.08 -25.35
CA ILE E 157 14.99 -43.15 -25.85
C ILE E 157 14.63 -44.09 -24.69
N ARG E 158 15.67 -44.56 -23.98
CA ARG E 158 15.49 -45.44 -22.84
C ARG E 158 14.33 -44.91 -22.01
N LEU E 159 14.44 -43.64 -21.66
CA LEU E 159 13.43 -42.94 -20.87
C LEU E 159 12.05 -42.98 -21.52
N VAL E 160 11.98 -42.74 -22.82
CA VAL E 160 10.69 -42.75 -23.49
C VAL E 160 10.09 -44.15 -23.43
N GLU E 161 10.89 -45.13 -23.84
CA GLU E 161 10.44 -46.52 -23.80
C GLU E 161 10.00 -46.78 -22.37
N ALA E 162 10.90 -46.47 -21.43
CA ALA E 162 10.65 -46.66 -20.01
C ALA E 162 9.27 -46.09 -19.61
N LEU E 163 8.98 -44.87 -20.07
CA LEU E 163 7.70 -44.23 -19.76
C LEU E 163 6.55 -45.04 -20.33
N GLN E 164 6.66 -45.39 -21.61
CA GLN E 164 5.62 -46.16 -22.27
C GLN E 164 5.35 -47.48 -21.56
N PHE E 165 6.42 -48.10 -21.08
CA PHE E 165 6.30 -49.36 -20.37
C PHE E 165 5.25 -49.22 -19.26
N VAL E 166 5.46 -48.21 -18.40
CA VAL E 166 4.55 -47.96 -17.29
C VAL E 166 3.13 -47.60 -17.75
N GLU E 167 2.99 -47.18 -18.99
CA GLU E 167 1.67 -46.83 -19.52
C GLU E 167 0.83 -48.08 -19.74
N GLU E 168 1.44 -49.05 -20.43
CA GLU E 168 0.80 -50.33 -20.71
C GLU E 168 0.53 -51.10 -19.43
N HIS E 169 1.62 -51.38 -18.70
CA HIS E 169 1.58 -52.13 -17.45
C HIS E 169 1.46 -51.25 -16.19
N GLY E 170 1.40 -51.89 -15.03
CA GLY E 170 1.25 -51.15 -13.79
C GLY E 170 -0.22 -50.87 -13.51
N ALA F 6 17.92 -22.74 -7.78
CA ALA F 6 18.72 -23.88 -8.32
C ALA F 6 19.05 -23.69 -9.79
N LYS F 7 20.04 -22.82 -10.05
CA LYS F 7 20.47 -22.53 -11.42
C LYS F 7 21.82 -23.19 -11.72
N LEU F 8 22.07 -23.39 -13.02
CA LEU F 8 23.31 -23.99 -13.49
C LEU F 8 24.45 -23.00 -13.36
N ASN F 9 25.65 -23.50 -13.17
CA ASN F 9 26.83 -22.65 -13.04
C ASN F 9 26.72 -21.66 -11.90
N HIS F 10 25.79 -21.94 -10.99
CA HIS F 10 25.60 -21.09 -9.80
C HIS F 10 25.77 -22.03 -8.61
N PRO F 11 26.48 -21.57 -7.56
CA PRO F 11 26.69 -22.42 -6.39
C PRO F 11 25.44 -23.20 -5.99
N ALA F 12 25.55 -24.53 -6.01
CA ALA F 12 24.44 -25.39 -5.67
C ALA F 12 23.86 -25.04 -4.31
N PRO F 13 22.56 -25.32 -4.13
CA PRO F 13 21.89 -25.03 -2.86
C PRO F 13 22.60 -25.78 -1.74
N GLU F 14 22.97 -25.05 -0.70
CA GLU F 14 23.63 -25.67 0.44
C GLU F 14 22.63 -26.55 1.20
N PHE F 15 23.04 -27.78 1.51
CA PHE F 15 22.20 -28.67 2.28
C PHE F 15 23.02 -29.04 3.51
N ASP F 16 22.35 -29.15 4.65
CA ASP F 16 22.99 -29.43 5.90
C ASP F 16 21.94 -30.12 6.75
N ASP F 17 22.02 -31.44 6.84
CA ASP F 17 21.04 -32.20 7.60
C ASP F 17 21.54 -33.60 7.98
N MSE F 18 20.77 -34.28 8.82
CA MSE F 18 21.12 -35.62 9.25
C MSE F 18 21.20 -36.61 8.12
O MSE F 18 20.41 -36.58 7.16
CB MSE F 18 20.13 -36.12 10.30
CG MSE F 18 20.36 -35.48 11.65
SE MSE F 18 22.11 -35.92 12.38
CE MSE F 18 21.51 -37.00 13.89
N ALA F 19 22.17 -37.51 8.25
CA ALA F 19 22.39 -38.55 7.27
C ALA F 19 22.88 -39.83 7.94
N LEU F 20 22.38 -40.96 7.44
CA LEU F 20 22.78 -42.26 7.96
C LEU F 20 24.05 -42.67 7.26
N MSE F 21 25.17 -42.41 7.92
CA MSE F 21 26.46 -42.75 7.40
C MSE F 21 26.53 -44.19 6.92
O MSE F 21 25.66 -45.01 7.22
CB MSE F 21 27.50 -42.50 8.49
CG MSE F 21 27.53 -41.04 8.91
SE MSE F 21 27.55 -39.91 7.31
CE MSE F 21 29.43 -39.39 7.32
N PRO F 22 27.59 -44.53 6.14
CA PRO F 22 27.77 -45.89 5.62
C PRO F 22 27.68 -46.95 6.72
N ASN F 23 28.57 -46.81 7.72
CA ASN F 23 28.63 -47.72 8.84
C ASN F 23 27.30 -47.88 9.60
N GLY F 24 26.92 -46.86 10.36
CA GLY F 24 25.68 -46.93 11.11
C GLY F 24 25.48 -45.73 12.01
N THR F 25 26.39 -44.77 11.92
CA THR F 25 26.33 -43.56 12.73
C THR F 25 25.29 -42.60 12.17
N PHE F 26 24.97 -41.58 12.96
CA PHE F 26 24.04 -40.54 12.57
C PHE F 26 24.88 -39.28 12.56
N LYS F 27 25.23 -38.79 11.38
CA LYS F 27 26.03 -37.59 11.26
C LYS F 27 25.34 -36.53 10.41
N LYS F 28 25.49 -35.28 10.82
CA LYS F 28 24.90 -34.16 10.10
C LYS F 28 25.88 -33.79 8.98
N VAL F 29 25.45 -34.03 7.74
CA VAL F 29 26.26 -33.76 6.56
C VAL F 29 25.92 -32.46 5.85
N SER F 30 26.94 -31.78 5.33
CA SER F 30 26.73 -30.52 4.62
C SER F 30 27.40 -30.55 3.26
N LEU F 31 26.81 -29.89 2.27
CA LEU F 31 27.40 -29.88 0.94
C LEU F 31 28.79 -29.24 0.89
N SER F 32 29.08 -28.34 1.83
CA SER F 32 30.38 -27.68 1.88
C SER F 32 31.47 -28.67 2.33
N SER F 33 31.06 -29.73 3.01
CA SER F 33 31.98 -30.75 3.48
C SER F 33 32.72 -31.31 2.27
N TYR F 34 31.98 -31.48 1.18
CA TYR F 34 32.53 -32.02 -0.06
C TYR F 34 33.31 -31.03 -0.92
N LYS F 35 33.47 -29.79 -0.46
CA LYS F 35 34.20 -28.80 -1.26
C LYS F 35 35.58 -29.35 -1.61
N GLY F 36 35.71 -29.77 -2.87
CA GLY F 36 36.96 -30.33 -3.36
C GLY F 36 36.72 -31.51 -4.29
N LYS F 37 35.59 -32.18 -4.10
CA LYS F 37 35.24 -33.34 -4.94
C LYS F 37 33.93 -33.08 -5.66
N TYR F 38 33.67 -33.90 -6.67
CA TYR F 38 32.42 -33.79 -7.39
C TYR F 38 31.42 -34.52 -6.53
N VAL F 39 30.18 -34.05 -6.52
CA VAL F 39 29.17 -34.71 -5.72
C VAL F 39 27.96 -35.06 -6.56
N VAL F 40 27.38 -36.20 -6.24
CA VAL F 40 26.17 -36.63 -6.94
C VAL F 40 25.07 -36.76 -5.91
N LEU F 41 24.13 -35.83 -5.97
CA LEU F 41 23.00 -35.82 -5.07
C LEU F 41 21.82 -36.39 -5.85
N PHE F 42 21.12 -37.34 -5.27
CA PHE F 42 19.97 -37.89 -5.98
C PHE F 42 18.85 -38.15 -4.98
N PHE F 43 17.63 -37.95 -5.43
CA PHE F 43 16.47 -38.12 -4.58
C PHE F 43 15.60 -39.32 -4.94
N TYR F 44 14.82 -39.75 -3.96
CA TYR F 44 13.87 -40.83 -4.13
C TYR F 44 12.70 -40.50 -3.21
N PRO F 45 11.48 -40.84 -3.62
CA PRO F 45 10.20 -40.62 -2.94
C PRO F 45 10.16 -41.04 -1.47
N MSE F 46 9.88 -42.32 -1.26
CA MSE F 46 9.79 -42.88 0.08
C MSE F 46 10.78 -44.01 0.32
O MSE F 46 11.50 -44.44 -0.60
CB MSE F 46 8.36 -43.33 0.31
CG MSE F 46 7.38 -42.18 0.18
SE MSE F 46 5.55 -42.76 0.05
CE MSE F 46 5.49 -42.85 -1.90
N ASP F 47 10.82 -44.49 1.56
CA ASP F 47 11.77 -45.53 1.94
C ASP F 47 11.37 -46.99 1.70
N PHE F 48 10.35 -47.47 2.40
CA PHE F 48 9.96 -48.86 2.21
C PHE F 48 8.99 -48.94 1.04
N THR F 49 9.48 -48.51 -0.12
CA THR F 49 8.70 -48.47 -1.36
C THR F 49 8.30 -49.88 -1.80
N PHE F 50 6.98 -50.07 -1.90
CA PHE F 50 6.43 -51.36 -2.31
C PHE F 50 6.91 -51.67 -3.73
N VAL F 51 7.74 -52.70 -3.83
CA VAL F 51 8.30 -53.19 -5.09
C VAL F 51 9.58 -52.46 -5.54
N CYS F 52 9.72 -51.15 -5.26
CA CYS F 52 10.92 -50.42 -5.76
C CYS F 52 12.06 -50.05 -4.80
N PRO F 53 13.22 -50.71 -4.97
CA PRO F 53 14.47 -50.61 -4.22
C PRO F 53 15.56 -50.21 -5.24
N THR F 54 16.03 -51.25 -5.94
CA THR F 54 17.00 -51.20 -7.03
C THR F 54 17.90 -49.98 -7.17
N GLU F 55 17.35 -49.01 -7.88
CA GLU F 55 17.98 -47.73 -8.20
C GLU F 55 18.91 -47.22 -7.12
N ILE F 56 18.36 -47.08 -5.92
CA ILE F 56 19.12 -46.59 -4.78
C ILE F 56 20.40 -47.40 -4.63
N ILE F 57 20.26 -48.72 -4.69
CA ILE F 57 21.37 -49.64 -4.56
C ILE F 57 22.43 -49.44 -5.62
N GLN F 58 22.01 -49.49 -6.88
CA GLN F 58 22.93 -49.32 -7.98
C GLN F 58 23.96 -48.24 -7.66
N PHE F 59 23.50 -47.14 -7.06
CA PHE F 59 24.41 -46.05 -6.71
C PHE F 59 25.39 -46.52 -5.64
N SER F 60 24.85 -47.09 -4.57
CA SER F 60 25.68 -47.58 -3.48
C SER F 60 26.78 -48.49 -4.01
N ASP F 61 26.43 -49.37 -4.95
CA ASP F 61 27.42 -50.27 -5.52
C ASP F 61 28.47 -49.52 -6.33
N ASP F 62 28.04 -48.82 -7.38
CA ASP F 62 28.98 -48.08 -8.21
C ASP F 62 29.68 -46.99 -7.41
N ALA F 63 29.39 -46.94 -6.11
CA ALA F 63 29.99 -45.96 -5.19
C ALA F 63 31.51 -46.02 -5.30
N LYS F 64 32.02 -47.25 -5.30
CA LYS F 64 33.44 -47.49 -5.41
C LYS F 64 33.93 -46.89 -6.73
N ARG F 65 33.30 -47.32 -7.82
CA ARG F 65 33.63 -46.87 -9.17
C ARG F 65 33.62 -45.34 -9.26
N PHE F 66 32.67 -44.71 -8.56
CA PHE F 66 32.56 -43.24 -8.54
C PHE F 66 33.75 -42.64 -7.80
N ALA F 67 33.97 -43.12 -6.58
CA ALA F 67 35.08 -42.64 -5.75
C ALA F 67 36.38 -42.65 -6.55
N GLU F 68 36.50 -43.65 -7.41
CA GLU F 68 37.67 -43.84 -8.26
C GLU F 68 37.89 -42.59 -9.13
N ILE F 69 36.80 -41.91 -9.47
CA ILE F 69 36.86 -40.72 -10.31
C ILE F 69 36.59 -39.38 -9.56
N ASN F 70 37.12 -39.28 -8.34
CA ASN F 70 37.00 -38.09 -7.49
C ASN F 70 35.57 -37.62 -7.20
N THR F 71 34.60 -38.52 -7.31
CA THR F 71 33.22 -38.13 -7.04
C THR F 71 32.60 -38.93 -5.90
N GLU F 72 31.91 -38.24 -5.00
CA GLU F 72 31.25 -38.88 -3.88
C GLU F 72 29.76 -38.80 -4.19
N VAL F 73 28.98 -39.79 -3.77
CA VAL F 73 27.55 -39.70 -4.03
C VAL F 73 26.81 -39.76 -2.70
N ILE F 74 25.59 -39.25 -2.69
CA ILE F 74 24.77 -39.22 -1.48
C ILE F 74 23.28 -39.15 -1.83
N SER F 75 22.48 -39.95 -1.13
CA SER F 75 21.04 -39.99 -1.40
C SER F 75 20.31 -38.99 -0.52
N CYS F 76 19.00 -38.97 -0.69
CA CYS F 76 18.15 -38.07 0.07
C CYS F 76 16.67 -38.35 -0.20
N SER F 77 15.88 -38.22 0.85
CA SER F 77 14.44 -38.42 0.75
C SER F 77 13.85 -37.76 1.99
N CYS F 78 12.54 -37.61 2.02
CA CYS F 78 11.90 -36.95 3.14
C CYS F 78 11.56 -37.90 4.29
N ASP F 79 12.35 -38.96 4.44
CA ASP F 79 12.12 -39.92 5.51
C ASP F 79 13.13 -39.73 6.63
N SER F 80 12.77 -40.16 7.83
CA SER F 80 13.61 -40.01 9.01
C SER F 80 14.85 -40.88 9.03
N GLU F 81 15.92 -40.30 9.56
CA GLU F 81 17.21 -40.94 9.70
C GLU F 81 16.98 -42.35 10.27
N TYR F 82 15.94 -42.47 11.10
CA TYR F 82 15.61 -43.73 11.76
C TYR F 82 14.86 -44.71 10.85
N SER F 83 13.73 -44.27 10.30
CA SER F 83 12.93 -45.13 9.45
C SER F 83 13.72 -45.65 8.32
N HIS F 84 14.62 -44.83 7.88
CA HIS F 84 15.42 -45.35 6.87
C HIS F 84 16.41 -46.40 7.52
N LEU F 85 17.33 -46.07 8.45
CA LEU F 85 18.23 -47.12 9.03
C LEU F 85 17.56 -48.47 9.02
N GLN F 86 16.41 -48.51 9.68
CA GLN F 86 15.60 -49.71 9.72
C GLN F 86 15.67 -50.39 8.37
N TRP F 87 16.13 -49.64 7.38
CA TRP F 87 16.27 -50.13 6.02
C TRP F 87 17.76 -50.54 5.67
N THR F 88 18.79 -50.01 6.36
CA THR F 88 20.20 -50.43 6.04
C THR F 88 20.50 -51.84 6.62
N SER F 89 19.81 -52.21 7.71
CA SER F 89 20.11 -53.50 8.32
C SER F 89 19.28 -54.61 7.68
N VAL F 90 18.01 -54.35 7.32
CA VAL F 90 17.21 -55.42 6.66
C VAL F 90 17.88 -55.96 5.38
N ASP F 91 18.04 -57.29 5.29
CA ASP F 91 18.67 -57.94 4.13
C ASP F 91 18.12 -57.70 2.71
N ARG F 92 19.02 -57.17 1.89
CA ARG F 92 18.77 -56.84 0.50
C ARG F 92 18.01 -57.96 -0.19
N LYS F 93 18.29 -59.19 0.25
CA LYS F 93 17.65 -60.38 -0.30
C LYS F 93 16.13 -60.41 -0.08
N LYS F 94 15.67 -59.92 1.08
CA LYS F 94 14.23 -59.91 1.37
C LYS F 94 13.61 -58.52 1.18
N GLY F 95 13.81 -57.96 -0.02
CA GLY F 95 13.25 -56.65 -0.33
C GLY F 95 13.82 -55.52 0.52
N GLY F 96 14.91 -55.81 1.24
CA GLY F 96 15.54 -54.81 2.07
C GLY F 96 16.52 -53.96 1.28
N LEU F 97 17.39 -53.26 1.99
CA LEU F 97 18.37 -52.40 1.34
C LEU F 97 19.78 -52.88 1.65
N GLY F 98 19.98 -53.35 2.88
CA GLY F 98 21.29 -53.81 3.28
C GLY F 98 22.29 -52.67 3.30
N PRO F 99 23.41 -52.81 4.05
CA PRO F 99 24.46 -51.79 4.18
C PRO F 99 24.76 -51.01 2.89
N MSE F 100 24.80 -49.68 3.01
CA MSE F 100 25.07 -48.79 1.90
C MSE F 100 26.44 -48.19 2.09
O MSE F 100 26.90 -48.01 3.22
CB MSE F 100 24.06 -47.65 1.86
CG MSE F 100 22.61 -48.10 1.76
SE MSE F 100 22.15 -48.82 0.02
CE MSE F 100 22.13 -47.11 -0.95
N ALA F 101 27.10 -47.87 0.97
CA ALA F 101 28.42 -47.26 1.02
C ALA F 101 28.21 -45.77 0.86
N ILE F 102 26.94 -45.39 0.77
CA ILE F 102 26.53 -44.01 0.56
C ILE F 102 25.82 -43.40 1.78
N PRO F 103 26.13 -42.13 2.11
CA PRO F 103 25.46 -41.52 3.26
C PRO F 103 24.03 -41.30 2.79
N MSE F 104 23.05 -41.43 3.68
CA MSE F 104 21.67 -41.21 3.27
C MSE F 104 20.99 -40.05 3.98
O MSE F 104 20.55 -40.16 5.11
CB MSE F 104 20.85 -42.47 3.50
CG MSE F 104 21.26 -43.63 2.63
SE MSE F 104 20.25 -45.17 3.14
CE MSE F 104 18.64 -44.96 2.09
N LEU F 105 20.90 -38.93 3.26
CA LEU F 105 20.28 -37.73 3.78
C LEU F 105 18.83 -37.94 4.13
N ALA F 106 18.40 -37.22 5.16
CA ALA F 106 17.03 -37.30 5.62
C ALA F 106 16.56 -35.88 5.97
N ASP F 107 15.80 -35.26 5.08
CA ASP F 107 15.32 -33.92 5.39
C ASP F 107 13.85 -33.98 5.75
N LYS F 108 13.60 -34.22 7.02
CA LYS F 108 12.25 -34.31 7.58
C LYS F 108 11.59 -32.94 7.37
N THR F 109 12.44 -31.94 7.19
CA THR F 109 12.08 -30.54 7.00
C THR F 109 11.60 -30.23 5.58
N LYS F 110 12.03 -31.05 4.63
CA LYS F 110 11.71 -30.89 3.20
C LYS F 110 12.47 -29.70 2.61
N ALA F 111 13.26 -29.04 3.43
CA ALA F 111 14.01 -27.88 2.99
C ALA F 111 14.88 -28.19 1.78
N ILE F 112 15.49 -29.37 1.73
CA ILE F 112 16.35 -29.73 0.61
C ILE F 112 15.57 -29.99 -0.66
N ALA F 113 14.57 -30.85 -0.60
CA ALA F 113 13.76 -31.15 -1.78
C ALA F 113 13.32 -29.85 -2.44
N ARG F 114 12.85 -28.92 -1.63
CA ARG F 114 12.40 -27.62 -2.15
C ARG F 114 13.54 -26.89 -2.82
N ALA F 115 14.68 -26.82 -2.13
CA ALA F 115 15.86 -26.13 -2.64
C ALA F 115 16.27 -26.57 -4.04
N TYR F 116 16.09 -27.86 -4.34
CA TYR F 116 16.43 -28.38 -5.66
C TYR F 116 15.21 -28.49 -6.56
N GLY F 117 14.07 -28.00 -6.08
CA GLY F 117 12.85 -28.02 -6.87
C GLY F 117 12.49 -29.41 -7.34
N VAL F 118 12.58 -30.35 -6.40
CA VAL F 118 12.30 -31.74 -6.67
C VAL F 118 11.08 -32.21 -5.90
N LEU F 119 10.62 -31.37 -4.98
CA LEU F 119 9.48 -31.71 -4.15
C LEU F 119 8.12 -31.58 -4.86
N ASP F 120 7.25 -32.56 -4.60
CA ASP F 120 5.91 -32.53 -5.15
C ASP F 120 5.09 -32.06 -3.97
N GLU F 121 4.91 -30.75 -3.84
CA GLU F 121 4.14 -30.17 -2.73
C GLU F 121 2.84 -30.90 -2.41
N ASP F 122 2.18 -31.43 -3.44
CA ASP F 122 0.92 -32.13 -3.25
C ASP F 122 1.00 -33.43 -2.43
N SER F 123 2.02 -34.25 -2.70
CA SER F 123 2.21 -35.53 -2.00
C SER F 123 3.15 -35.43 -0.79
N GLY F 124 4.15 -34.57 -0.90
CA GLY F 124 5.10 -34.39 0.19
C GLY F 124 6.38 -35.18 0.04
N VAL F 125 6.61 -35.74 -1.14
CA VAL F 125 7.81 -36.52 -1.41
C VAL F 125 8.55 -35.97 -2.62
N ALA F 126 9.78 -36.44 -2.82
CA ALA F 126 10.59 -35.96 -3.94
C ALA F 126 10.53 -36.82 -5.20
N TYR F 127 10.83 -36.21 -6.33
CA TYR F 127 10.85 -36.93 -7.60
C TYR F 127 12.26 -37.50 -7.76
N ARG F 128 12.42 -38.39 -8.74
CA ARG F 128 13.72 -38.98 -9.01
C ARG F 128 14.66 -37.91 -9.58
N GLY F 129 15.22 -37.10 -8.68
CA GLY F 129 16.12 -36.05 -9.12
C GLY F 129 17.57 -36.44 -8.95
N VAL F 130 18.40 -35.90 -9.83
CA VAL F 130 19.83 -36.18 -9.77
C VAL F 130 20.58 -34.95 -10.17
N PHE F 131 21.48 -34.51 -9.32
CA PHE F 131 22.26 -33.32 -9.60
C PHE F 131 23.73 -33.60 -9.43
N ILE F 132 24.54 -32.90 -10.22
CA ILE F 132 25.97 -33.08 -10.15
C ILE F 132 26.62 -31.77 -9.78
N ILE F 133 27.26 -31.71 -8.63
CA ILE F 133 27.93 -30.50 -8.21
C ILE F 133 29.42 -30.67 -8.46
N ASP F 134 30.06 -29.64 -8.99
CA ASP F 134 31.49 -29.75 -9.24
C ASP F 134 32.29 -29.41 -7.97
N PRO F 135 33.60 -29.68 -7.98
CA PRO F 135 34.53 -29.43 -6.86
C PRO F 135 34.52 -28.01 -6.31
N ASN F 136 34.07 -27.05 -7.11
CA ASN F 136 34.02 -25.66 -6.68
C ASN F 136 32.69 -25.35 -6.02
N GLY F 137 31.83 -26.37 -5.95
CA GLY F 137 30.52 -26.22 -5.32
C GLY F 137 29.45 -25.64 -6.21
N LYS F 138 29.63 -25.76 -7.52
CA LYS F 138 28.63 -25.24 -8.45
C LYS F 138 27.83 -26.36 -9.09
N LEU F 139 26.55 -26.11 -9.32
CA LEU F 139 25.65 -27.09 -9.92
C LEU F 139 25.95 -27.13 -11.41
N ARG F 140 26.10 -28.33 -11.96
CA ARG F 140 26.42 -28.46 -13.38
C ARG F 140 25.61 -29.48 -14.15
N GLN F 141 24.56 -30.01 -13.55
CA GLN F 141 23.75 -30.99 -14.24
C GLN F 141 22.45 -31.19 -13.53
N ILE F 142 21.37 -31.13 -14.28
CA ILE F 142 20.07 -31.33 -13.70
C ILE F 142 19.34 -32.46 -14.42
N ILE F 143 18.71 -33.32 -13.63
CA ILE F 143 17.98 -34.45 -14.17
C ILE F 143 16.86 -34.79 -13.22
N ILE F 144 15.64 -34.81 -13.73
CA ILE F 144 14.50 -35.13 -12.90
C ILE F 144 13.60 -36.10 -13.61
N ASN F 145 13.63 -37.34 -13.13
CA ASN F 145 12.83 -38.40 -13.71
C ASN F 145 11.49 -38.48 -12.99
N ASP F 146 10.45 -38.92 -13.68
CA ASP F 146 9.15 -39.05 -13.06
C ASP F 146 9.28 -40.10 -11.94
N MSE F 147 8.24 -40.23 -11.13
CA MSE F 147 8.20 -41.18 -10.02
C MSE F 147 8.36 -42.66 -10.40
O MSE F 147 8.90 -43.45 -9.62
CB MSE F 147 6.89 -40.99 -9.24
CG MSE F 147 6.65 -39.56 -8.73
SE MSE F 147 7.67 -39.03 -7.16
CE MSE F 147 6.48 -39.88 -5.87
N PRO F 148 7.86 -43.07 -11.58
CA PRO F 148 8.01 -44.49 -11.95
C PRO F 148 9.18 -44.83 -12.89
N ILE F 149 9.95 -43.82 -13.28
CA ILE F 149 11.03 -44.05 -14.21
C ILE F 149 12.42 -44.09 -13.60
N GLY F 150 12.99 -45.29 -13.53
CA GLY F 150 14.33 -45.45 -12.98
C GLY F 150 15.39 -44.67 -13.74
N ARG F 151 16.52 -44.46 -13.09
CA ARG F 151 17.63 -43.74 -13.68
C ARG F 151 18.74 -44.69 -14.15
N ASN F 152 19.62 -44.18 -15.01
CA ASN F 152 20.74 -44.98 -15.51
C ASN F 152 22.04 -44.44 -14.91
N VAL F 153 22.49 -45.10 -13.86
CA VAL F 153 23.70 -44.68 -13.15
C VAL F 153 24.91 -44.52 -14.05
N GLU F 154 25.05 -45.40 -15.03
CA GLU F 154 26.18 -45.31 -15.95
C GLU F 154 26.18 -43.92 -16.60
N GLU F 155 24.99 -43.46 -16.98
CA GLU F 155 24.86 -42.15 -17.61
C GLU F 155 25.41 -41.04 -16.70
N VAL F 156 25.01 -41.08 -15.43
CA VAL F 156 25.47 -40.09 -14.48
C VAL F 156 26.99 -40.05 -14.53
N ILE F 157 27.59 -41.22 -14.58
CA ILE F 157 29.05 -41.32 -14.64
C ILE F 157 29.55 -40.64 -15.92
N ARG F 158 28.98 -41.06 -17.05
CA ARG F 158 29.33 -40.51 -18.35
C ARG F 158 29.44 -39.00 -18.21
N LEU F 159 28.36 -38.43 -17.66
CA LEU F 159 28.26 -37.01 -17.43
C LEU F 159 29.38 -36.46 -16.56
N VAL F 160 29.69 -37.15 -15.47
CA VAL F 160 30.75 -36.69 -14.59
C VAL F 160 32.07 -36.72 -15.33
N GLU F 161 32.39 -37.86 -15.93
CA GLU F 161 33.63 -37.99 -16.69
C GLU F 161 33.63 -36.86 -17.73
N ALA F 162 32.53 -36.75 -18.46
CA ALA F 162 32.35 -35.74 -19.49
C ALA F 162 32.70 -34.35 -18.96
N LEU F 163 32.19 -34.03 -17.77
CA LEU F 163 32.46 -32.74 -17.14
C LEU F 163 33.94 -32.58 -16.88
N GLN F 164 34.54 -33.57 -16.24
CA GLN F 164 35.96 -33.53 -15.92
C GLN F 164 36.80 -33.35 -17.17
N PHE F 165 36.39 -34.00 -18.26
CA PHE F 165 37.12 -33.90 -19.51
C PHE F 165 37.35 -32.41 -19.81
N VAL F 166 36.29 -31.62 -19.74
CA VAL F 166 36.38 -30.19 -20.01
C VAL F 166 37.26 -29.43 -18.98
N ALA G 6 -6.84 -23.81 16.12
CA ALA G 6 -7.16 -24.90 17.09
C ALA G 6 -7.60 -24.36 18.44
N LYS G 7 -8.84 -23.94 18.55
CA LYS G 7 -9.34 -23.38 19.80
C LYS G 7 -10.28 -24.36 20.44
N LEU G 8 -10.51 -24.18 21.73
CA LEU G 8 -11.43 -25.04 22.47
C LEU G 8 -12.86 -24.67 22.17
N ASN G 9 -13.75 -25.62 22.33
CA ASN G 9 -15.16 -25.40 22.05
C ASN G 9 -15.41 -24.88 20.66
N HIS G 10 -14.44 -25.08 19.77
CA HIS G 10 -14.58 -24.69 18.38
C HIS G 10 -14.33 -25.96 17.57
N PRO G 11 -15.13 -26.20 16.52
CA PRO G 11 -14.93 -27.42 15.72
C PRO G 11 -13.46 -27.73 15.48
N ALA G 12 -13.04 -28.91 15.91
CA ALA G 12 -11.65 -29.32 15.74
C ALA G 12 -11.23 -29.23 14.30
N PRO G 13 -9.93 -29.04 14.05
CA PRO G 13 -9.39 -28.95 12.69
C PRO G 13 -9.69 -30.23 11.95
N GLU G 14 -10.27 -30.13 10.77
CA GLU G 14 -10.59 -31.30 9.97
C GLU G 14 -9.31 -31.92 9.44
N PHE G 15 -9.17 -33.24 9.58
CA PHE G 15 -8.01 -33.93 9.04
C PHE G 15 -8.57 -34.97 8.10
N ASP G 16 -7.86 -35.18 7.00
CA ASP G 16 -8.30 -36.12 5.98
C ASP G 16 -7.04 -36.59 5.30
N ASP G 17 -6.58 -37.79 5.64
CA ASP G 17 -5.37 -38.28 5.05
C ASP G 17 -5.25 -39.80 5.21
N MSE G 18 -4.21 -40.35 4.58
CA MSE G 18 -3.98 -41.78 4.64
C MSE G 18 -3.67 -42.30 6.02
O MSE G 18 -2.99 -41.64 6.82
CB MSE G 18 -2.84 -42.15 3.68
CG MSE G 18 -3.30 -42.22 2.25
SE MSE G 18 -4.74 -43.54 1.99
CE MSE G 18 -3.69 -44.71 0.79
N ALA G 19 -4.19 -43.49 6.30
CA ALA G 19 -4.00 -44.14 7.58
C ALA G 19 -3.91 -45.66 7.42
N LEU G 20 -3.00 -46.26 8.16
CA LEU G 20 -2.81 -47.69 8.13
C LEU G 20 -3.84 -48.33 9.05
N MSE G 21 -4.95 -48.74 8.46
CA MSE G 21 -6.02 -49.36 9.23
C MSE G 21 -5.51 -50.46 10.17
O MSE G 21 -4.38 -50.91 10.06
CB MSE G 21 -7.06 -49.92 8.26
CG MSE G 21 -7.62 -48.85 7.37
SE MSE G 21 -8.11 -47.34 8.45
CE MSE G 21 -10.03 -47.68 8.62
N PRO G 22 -6.38 -50.90 11.12
CA PRO G 22 -6.01 -51.95 12.07
C PRO G 22 -5.48 -53.20 11.37
N ASN G 23 -6.31 -53.76 10.48
CA ASN G 23 -5.94 -54.96 9.73
C ASN G 23 -4.65 -54.82 8.92
N GLY G 24 -4.70 -54.09 7.82
CA GLY G 24 -3.51 -53.92 7.01
C GLY G 24 -3.78 -53.12 5.75
N THR G 25 -5.00 -52.62 5.63
CA THR G 25 -5.41 -51.83 4.47
C THR G 25 -4.86 -50.40 4.57
N PHE G 26 -4.97 -49.68 3.46
CA PHE G 26 -4.55 -48.29 3.39
C PHE G 26 -5.83 -47.52 3.09
N LYS G 27 -6.38 -46.85 4.09
CA LYS G 27 -7.61 -46.08 3.88
C LYS G 27 -7.42 -44.63 4.26
N LYS G 28 -8.07 -43.74 3.50
CA LYS G 28 -7.99 -42.32 3.76
C LYS G 28 -9.06 -42.01 4.82
N VAL G 29 -8.60 -41.60 6.00
CA VAL G 29 -9.50 -41.31 7.12
C VAL G 29 -9.74 -39.82 7.32
N SER G 30 -10.95 -39.45 7.71
CA SER G 30 -11.32 -38.06 7.95
C SER G 30 -11.99 -37.91 9.31
N LEU G 31 -11.73 -36.79 9.98
CA LEU G 31 -12.31 -36.55 11.28
C LEU G 31 -13.85 -36.54 11.27
N SER G 32 -14.44 -36.21 10.12
CA SER G 32 -15.89 -36.16 10.03
C SER G 32 -16.47 -37.57 10.07
N SER G 33 -15.64 -38.55 9.71
CA SER G 33 -16.05 -39.95 9.72
C SER G 33 -16.56 -40.31 11.10
N TYR G 34 -15.87 -39.78 12.10
CA TYR G 34 -16.19 -40.05 13.49
C TYR G 34 -17.35 -39.23 14.06
N LYS G 35 -17.92 -38.34 13.26
CA LYS G 35 -19.01 -37.53 13.78
C LYS G 35 -20.05 -38.43 14.45
N GLY G 36 -20.04 -38.42 15.77
CA GLY G 36 -20.98 -39.23 16.52
C GLY G 36 -20.32 -39.82 17.75
N LYS G 37 -19.01 -40.03 17.66
CA LYS G 37 -18.26 -40.59 18.78
C LYS G 37 -17.19 -39.59 19.26
N TYR G 38 -16.62 -39.87 20.43
CA TYR G 38 -15.56 -39.02 20.96
C TYR G 38 -14.32 -39.53 20.25
N VAL G 39 -13.38 -38.65 19.97
CA VAL G 39 -12.19 -39.10 19.29
C VAL G 39 -10.96 -38.66 20.04
N VAL G 40 -9.96 -39.52 20.05
CA VAL G 40 -8.73 -39.18 20.72
C VAL G 40 -7.63 -39.18 19.70
N LEU G 41 -7.18 -38.00 19.34
CA LEU G 41 -6.10 -37.87 18.37
C LEU G 41 -4.80 -37.64 19.15
N PHE G 42 -3.74 -38.37 18.82
CA PHE G 42 -2.50 -38.15 19.52
C PHE G 42 -1.34 -38.26 18.56
N PHE G 43 -0.32 -37.45 18.80
CA PHE G 43 0.84 -37.45 17.91
C PHE G 43 2.11 -38.00 18.55
N TYR G 44 3.03 -38.42 17.70
CA TYR G 44 4.33 -38.91 18.11
C TYR G 44 5.28 -38.48 17.00
N PRO G 45 6.52 -38.15 17.37
CA PRO G 45 7.59 -37.69 16.49
C PRO G 45 7.87 -38.52 15.25
N MSE G 46 8.64 -39.58 15.42
CA MSE G 46 9.01 -40.46 14.34
C MSE G 46 8.56 -41.90 14.56
O MSE G 46 8.03 -42.24 15.62
CB MSE G 46 10.52 -40.40 14.11
CG MSE G 46 10.99 -39.05 13.62
SE MSE G 46 12.73 -38.74 14.04
CE MSE G 46 12.54 -37.79 15.55
N ASP G 47 8.81 -42.74 13.57
CA ASP G 47 8.35 -44.12 13.64
C ASP G 47 9.29 -45.15 14.25
N PHE G 48 10.40 -45.40 13.58
CA PHE G 48 11.32 -46.39 14.09
C PHE G 48 12.15 -45.78 15.21
N THR G 49 11.47 -45.58 16.33
CA THR G 49 12.03 -44.98 17.53
C THR G 49 13.00 -45.92 18.26
N PHE G 50 14.09 -45.35 18.76
CA PHE G 50 15.11 -46.11 19.46
C PHE G 50 14.76 -46.47 20.90
N VAL G 51 13.48 -46.40 21.24
CA VAL G 51 13.01 -46.72 22.59
C VAL G 51 11.81 -47.65 22.56
N CYS G 52 11.14 -47.74 23.71
CA CYS G 52 9.96 -48.58 23.83
C CYS G 52 8.69 -47.86 23.44
N PRO G 53 8.07 -48.29 22.31
CA PRO G 53 6.84 -47.74 21.75
C PRO G 53 5.67 -47.98 22.71
N THR G 54 6.02 -48.07 23.99
CA THR G 54 5.04 -48.28 25.04
C THR G 54 3.91 -47.28 24.93
N GLU G 55 4.27 -46.01 24.71
CA GLU G 55 3.25 -44.98 24.60
C GLU G 55 2.25 -45.29 23.51
N ILE G 56 2.71 -45.35 22.26
CA ILE G 56 1.84 -45.63 21.13
C ILE G 56 1.03 -46.90 21.40
N ILE G 57 1.71 -47.94 21.85
CA ILE G 57 1.06 -49.20 22.14
C ILE G 57 -0.03 -49.08 23.19
N GLN G 58 0.33 -48.52 24.34
CA GLN G 58 -0.64 -48.37 25.43
C GLN G 58 -2.00 -47.95 24.89
N PHE G 59 -2.00 -47.03 23.95
CA PHE G 59 -3.26 -46.59 23.37
C PHE G 59 -3.93 -47.75 22.64
N SER G 60 -3.19 -48.39 21.74
CA SER G 60 -3.70 -49.50 20.96
C SER G 60 -4.36 -50.53 21.88
N ASP G 61 -3.71 -50.81 22.99
CA ASP G 61 -4.26 -51.79 23.91
C ASP G 61 -5.53 -51.28 24.54
N ASP G 62 -5.45 -50.15 25.24
CA ASP G 62 -6.63 -49.60 25.89
C ASP G 62 -7.70 -49.22 24.86
N ALA G 63 -7.41 -49.50 23.59
CA ALA G 63 -8.35 -49.21 22.51
C ALA G 63 -9.70 -49.83 22.83
N LYS G 64 -9.67 -51.09 23.24
CA LYS G 64 -10.89 -51.82 23.59
C LYS G 64 -11.60 -51.03 24.69
N ARG G 65 -10.89 -50.81 25.78
CA ARG G 65 -11.43 -50.09 26.93
C ARG G 65 -12.03 -48.75 26.52
N PHE G 66 -11.41 -48.09 25.54
CA PHE G 66 -11.89 -46.81 25.06
C PHE G 66 -13.19 -47.00 24.33
N ALA G 67 -13.17 -47.92 23.37
CA ALA G 67 -14.35 -48.21 22.55
C ALA G 67 -15.55 -48.45 23.44
N GLU G 68 -15.29 -49.06 24.59
CA GLU G 68 -16.32 -49.37 25.57
C GLU G 68 -17.05 -48.10 26.01
N ILE G 69 -16.34 -46.98 25.96
CA ILE G 69 -16.92 -45.71 26.39
C ILE G 69 -17.19 -44.72 25.25
N ASN G 70 -17.66 -45.25 24.12
CA ASN G 70 -18.01 -44.47 22.94
C ASN G 70 -16.89 -43.62 22.35
N THR G 71 -15.63 -43.99 22.61
CA THR G 71 -14.55 -43.18 22.07
C THR G 71 -13.61 -43.98 21.19
N GLU G 72 -13.24 -43.41 20.07
CA GLU G 72 -12.32 -44.08 19.15
C GLU G 72 -11.01 -43.32 19.25
N VAL G 73 -9.88 -44.00 19.06
CA VAL G 73 -8.62 -43.30 19.13
C VAL G 73 -7.88 -43.51 17.83
N ILE G 74 -6.96 -42.61 17.52
CA ILE G 74 -6.19 -42.68 16.28
C ILE G 74 -4.87 -41.95 16.42
N SER G 75 -3.80 -42.54 15.90
CA SER G 75 -2.49 -41.92 16.01
C SER G 75 -2.20 -41.06 14.82
N CYS G 76 -1.01 -40.48 14.80
CA CYS G 76 -0.57 -39.63 13.71
C CYS G 76 0.88 -39.23 13.88
N SER G 77 1.58 -39.15 12.77
CA SER G 77 2.97 -38.72 12.76
C SER G 77 3.28 -38.34 11.32
N CYS G 78 4.42 -37.69 11.11
CA CYS G 78 4.82 -37.27 9.78
C CYS G 78 5.53 -38.33 8.96
N ASP G 79 5.23 -39.60 9.24
CA ASP G 79 5.86 -40.70 8.51
C ASP G 79 4.88 -41.31 7.52
N SER G 80 5.45 -41.92 6.48
CA SER G 80 4.65 -42.53 5.43
C SER G 80 3.85 -43.75 5.83
N GLU G 81 2.67 -43.86 5.25
CA GLU G 81 1.76 -44.97 5.46
C GLU G 81 2.54 -46.29 5.35
N TYR G 82 3.50 -46.32 4.44
CA TYR G 82 4.33 -47.49 4.21
C TYR G 82 5.28 -47.69 5.39
N SER G 83 5.78 -46.60 5.92
CA SER G 83 6.70 -46.68 7.03
C SER G 83 5.97 -47.20 8.26
N HIS G 84 4.70 -46.80 8.40
CA HIS G 84 3.94 -47.29 9.52
C HIS G 84 4.00 -48.80 9.53
N LEU G 85 3.52 -49.41 8.45
CA LEU G 85 3.43 -50.88 8.31
C LEU G 85 4.67 -51.69 8.55
N GLN G 86 5.79 -51.24 8.02
CA GLN G 86 7.05 -51.91 8.24
C GLN G 86 7.30 -52.04 9.73
N TRP G 87 6.80 -51.05 10.43
CA TRP G 87 6.89 -50.97 11.87
C TRP G 87 5.85 -51.88 12.53
N THR G 88 4.68 -52.01 11.90
CA THR G 88 3.61 -52.86 12.41
C THR G 88 3.94 -54.32 12.10
N SER G 89 4.81 -54.56 11.11
CA SER G 89 5.18 -55.93 10.75
C SER G 89 6.17 -56.53 11.74
N VAL G 90 7.09 -55.70 12.23
CA VAL G 90 8.08 -56.15 13.20
C VAL G 90 7.37 -56.52 14.52
N ASP G 91 7.75 -57.66 15.09
CA ASP G 91 7.16 -58.16 16.34
C ASP G 91 7.49 -57.31 17.56
N ARG G 92 6.41 -56.91 18.24
CA ARG G 92 6.47 -56.07 19.42
C ARG G 92 7.63 -56.50 20.33
N LYS G 93 7.89 -57.80 20.35
CA LYS G 93 8.93 -58.38 21.19
C LYS G 93 10.35 -57.89 20.81
N LYS G 94 10.59 -57.67 19.51
CA LYS G 94 11.91 -57.22 19.08
C LYS G 94 11.90 -55.72 18.75
N GLY G 95 11.48 -54.91 19.72
CA GLY G 95 11.43 -53.47 19.52
C GLY G 95 10.47 -53.02 18.42
N GLY G 96 9.64 -53.93 17.93
CA GLY G 96 8.67 -53.59 16.89
C GLY G 96 7.42 -52.97 17.47
N LEU G 97 6.35 -52.96 16.69
CA LEU G 97 5.09 -52.39 17.14
C LEU G 97 4.01 -53.47 17.16
N GLY G 98 4.05 -54.35 16.16
CA GLY G 98 3.05 -55.40 16.08
C GLY G 98 1.67 -54.84 15.82
N PRO G 99 0.75 -55.63 15.27
CA PRO G 99 -0.63 -55.23 14.97
C PRO G 99 -1.26 -54.26 15.97
N MSE G 100 -1.82 -53.16 15.44
CA MSE G 100 -2.47 -52.14 16.26
C MSE G 100 -3.97 -52.24 16.03
O MSE G 100 -4.41 -52.67 14.97
CB MSE G 100 -2.04 -50.74 15.82
CG MSE G 100 -0.54 -50.49 15.80
SE MSE G 100 0.20 -50.23 17.53
CE MSE G 100 -0.58 -48.52 17.98
N ALA G 101 -4.74 -51.83 17.03
CA ALA G 101 -6.20 -51.84 16.92
C ALA G 101 -6.63 -50.41 16.59
N ILE G 102 -5.61 -49.57 16.38
CA ILE G 102 -5.80 -48.16 16.08
C ILE G 102 -5.36 -47.76 14.69
N PRO G 103 -6.15 -46.91 14.02
CA PRO G 103 -5.76 -46.49 12.67
C PRO G 103 -4.54 -45.60 12.85
N MSE G 104 -3.58 -45.64 11.95
CA MSE G 104 -2.41 -44.78 12.11
C MSE G 104 -2.25 -43.76 11.00
O MSE G 104 -1.76 -44.08 9.92
CB MSE G 104 -1.16 -45.64 12.21
CG MSE G 104 -1.15 -46.54 13.41
SE MSE G 104 0.37 -47.67 13.27
CE MSE G 104 1.75 -46.49 14.00
N LEU G 105 -2.65 -42.53 11.29
CA LEU G 105 -2.56 -41.43 10.33
C LEU G 105 -1.14 -41.15 9.92
N ALA G 106 -0.99 -40.72 8.67
CA ALA G 106 0.32 -40.40 8.13
C ALA G 106 0.19 -39.13 7.29
N ASP G 107 0.59 -37.99 7.85
CA ASP G 107 0.51 -36.76 7.08
C ASP G 107 1.90 -36.36 6.59
N LYS G 108 2.25 -36.90 5.43
CA LYS G 108 3.53 -36.63 4.78
C LYS G 108 3.55 -35.13 4.46
N THR G 109 2.35 -34.56 4.40
CA THR G 109 2.13 -33.16 4.09
C THR G 109 2.40 -32.22 5.28
N LYS G 110 2.28 -32.75 6.50
CA LYS G 110 2.48 -32.02 7.75
C LYS G 110 1.30 -31.10 8.02
N ALA G 111 0.32 -31.15 7.12
CA ALA G 111 -0.85 -30.29 7.25
C ALA G 111 -1.55 -30.49 8.59
N ILE G 112 -1.62 -31.72 9.06
CA ILE G 112 -2.30 -31.98 10.33
C ILE G 112 -1.54 -31.47 11.54
N ALA G 113 -0.26 -31.83 11.63
CA ALA G 113 0.55 -31.36 12.74
C ALA G 113 0.40 -29.85 12.90
N ARG G 114 0.51 -29.14 11.78
CA ARG G 114 0.36 -27.69 11.79
C ARG G 114 -1.02 -27.26 12.28
N ALA G 115 -2.06 -27.91 11.76
CA ALA G 115 -3.42 -27.61 12.16
C ALA G 115 -3.64 -27.67 13.66
N TYR G 116 -2.96 -28.61 14.33
CA TYR G 116 -3.11 -28.72 15.78
C TYR G 116 -2.00 -28.02 16.55
N GLY G 117 -1.13 -27.34 15.82
CA GLY G 117 -0.06 -26.61 16.46
C GLY G 117 0.82 -27.50 17.30
N VAL G 118 1.17 -28.64 16.71
CA VAL G 118 1.99 -29.62 17.38
C VAL G 118 3.30 -29.81 16.65
N LEU G 119 3.43 -29.21 15.48
CA LEU G 119 4.63 -29.35 14.68
C LEU G 119 5.78 -28.46 15.13
N ASP G 120 6.97 -29.01 15.12
CA ASP G 120 8.19 -28.29 15.46
C ASP G 120 8.79 -27.97 14.11
N GLU G 121 8.43 -26.82 13.58
CA GLU G 121 8.91 -26.41 12.27
C GLU G 121 10.41 -26.65 12.07
N ASP G 122 11.19 -26.47 13.13
CA ASP G 122 12.64 -26.66 13.03
C ASP G 122 13.10 -28.07 12.71
N SER G 123 12.48 -29.07 13.32
CA SER G 123 12.85 -30.46 13.09
C SER G 123 12.00 -31.15 12.03
N GLY G 124 10.72 -30.79 11.97
CA GLY G 124 9.84 -31.40 11.00
C GLY G 124 8.99 -32.52 11.55
N VAL G 125 8.97 -32.67 12.86
CA VAL G 125 8.20 -33.74 13.47
C VAL G 125 7.26 -33.16 14.51
N ALA G 126 6.31 -33.96 14.98
CA ALA G 126 5.34 -33.50 15.96
C ALA G 126 5.72 -33.75 17.43
N TYR G 127 5.14 -32.97 18.33
CA TYR G 127 5.37 -33.15 19.75
C TYR G 127 4.32 -34.15 20.22
N ARG G 128 4.47 -34.62 21.45
CA ARG G 128 3.54 -35.58 22.02
C ARG G 128 2.26 -34.84 22.32
N GLY G 129 1.42 -34.68 21.31
CA GLY G 129 0.19 -33.98 21.55
C GLY G 129 -0.98 -34.92 21.68
N VAL G 130 -1.99 -34.48 22.40
CA VAL G 130 -3.16 -35.30 22.56
C VAL G 130 -4.36 -34.41 22.62
N PHE G 131 -5.33 -34.67 21.74
CA PHE G 131 -6.55 -33.89 21.73
C PHE G 131 -7.79 -34.79 21.82
N ILE G 132 -8.83 -34.27 22.45
CA ILE G 132 -10.06 -35.00 22.60
C ILE G 132 -11.16 -34.22 21.90
N ILE G 133 -11.73 -34.82 20.85
CA ILE G 133 -12.83 -34.18 20.12
C ILE G 133 -14.14 -34.82 20.56
N ASP G 134 -15.16 -34.01 20.81
CA ASP G 134 -16.42 -34.60 21.25
C ASP G 134 -17.24 -35.04 20.05
N PRO G 135 -18.33 -35.78 20.30
CA PRO G 135 -19.24 -36.30 19.28
C PRO G 135 -19.78 -35.27 18.30
N ASN G 136 -19.83 -34.00 18.72
CA ASN G 136 -20.32 -32.95 17.84
C ASN G 136 -19.20 -32.40 16.96
N GLY G 137 -18.00 -32.96 17.12
CA GLY G 137 -16.85 -32.51 16.33
C GLY G 137 -16.11 -31.30 16.87
N LYS G 138 -16.28 -31.01 18.15
CA LYS G 138 -15.63 -29.87 18.76
C LYS G 138 -14.46 -30.29 19.64
N LEU G 139 -13.38 -29.51 19.61
CA LEU G 139 -12.19 -29.79 20.41
C LEU G 139 -12.46 -29.46 21.87
N ARG G 140 -12.15 -30.38 22.79
CA ARG G 140 -12.44 -30.07 24.18
C ARG G 140 -11.32 -30.35 25.18
N GLN G 141 -10.13 -30.64 24.66
CA GLN G 141 -9.01 -30.91 25.53
C GLN G 141 -7.71 -30.81 24.77
N ILE G 142 -6.79 -30.06 25.33
CA ILE G 142 -5.49 -29.91 24.70
C ILE G 142 -4.41 -30.35 25.67
N ILE G 143 -3.45 -31.08 25.13
CA ILE G 143 -2.35 -31.58 25.92
C ILE G 143 -1.17 -31.75 25.00
N ILE G 144 -0.05 -31.10 25.35
CA ILE G 144 1.15 -31.24 24.55
C ILE G 144 2.35 -31.48 25.43
N ASN G 145 2.84 -32.72 25.41
CA ASN G 145 3.99 -33.13 26.20
C ASN G 145 5.25 -32.90 25.38
N ASP G 146 6.37 -32.63 26.04
CA ASP G 146 7.61 -32.43 25.32
C ASP G 146 7.99 -33.76 24.63
N MSE G 147 9.01 -33.75 23.80
CA MSE G 147 9.46 -34.94 23.09
C MSE G 147 9.93 -36.15 23.93
O MSE G 147 9.84 -37.30 23.49
CB MSE G 147 10.58 -34.54 22.12
CG MSE G 147 10.22 -33.41 21.14
SE MSE G 147 9.15 -33.82 19.50
CE MSE G 147 10.62 -34.60 18.53
N PRO G 148 10.45 -35.92 25.14
CA PRO G 148 10.89 -37.08 25.91
C PRO G 148 9.92 -37.50 26.99
N ILE G 149 8.83 -36.78 27.14
CA ILE G 149 7.90 -37.07 28.20
C ILE G 149 6.68 -37.87 27.83
N GLY G 150 6.63 -39.13 28.25
CA GLY G 150 5.49 -39.96 27.92
C GLY G 150 4.19 -39.49 28.52
N ARG G 151 3.08 -39.95 27.95
CA ARG G 151 1.76 -39.57 28.42
C ARG G 151 1.12 -40.66 29.28
N ASN G 152 0.08 -40.30 30.03
CA ASN G 152 -0.62 -41.26 30.87
C ASN G 152 -1.99 -41.51 30.29
N VAL G 153 -2.11 -42.61 29.56
CA VAL G 153 -3.37 -42.96 28.91
C VAL G 153 -4.55 -42.98 29.86
N GLU G 154 -4.36 -43.50 31.06
CA GLU G 154 -5.47 -43.53 31.98
C GLU G 154 -6.04 -42.14 32.13
N GLU G 155 -5.17 -41.13 32.22
CA GLU G 155 -5.63 -39.75 32.37
C GLU G 155 -6.53 -39.37 31.22
N VAL G 156 -6.11 -39.67 30.01
CA VAL G 156 -6.88 -39.31 28.85
C VAL G 156 -8.29 -39.83 29.08
N ILE G 157 -8.38 -41.07 29.56
CA ILE G 157 -9.67 -41.68 29.81
C ILE G 157 -10.42 -40.87 30.84
N ARG G 158 -9.76 -40.62 31.97
CA ARG G 158 -10.36 -39.85 33.06
C ARG G 158 -11.07 -38.66 32.43
N LEU G 159 -10.32 -37.95 31.61
CA LEU G 159 -10.79 -36.76 30.94
C LEU G 159 -12.01 -37.04 30.09
N VAL G 160 -11.95 -38.10 29.30
CA VAL G 160 -13.09 -38.41 28.46
C VAL G 160 -14.29 -38.70 29.34
N GLU G 161 -14.13 -39.62 30.28
CA GLU G 161 -15.23 -39.93 31.17
C GLU G 161 -15.73 -38.62 31.76
N ALA G 162 -14.79 -37.84 32.27
CA ALA G 162 -15.08 -36.56 32.90
C ALA G 162 -15.94 -35.70 32.00
N LEU G 163 -15.56 -35.64 30.73
CA LEU G 163 -16.32 -34.84 29.77
C LEU G 163 -17.74 -35.36 29.65
N GLN G 164 -17.87 -36.68 29.46
CA GLN G 164 -19.16 -37.31 29.30
C GLN G 164 -20.03 -37.06 30.51
N PHE G 165 -19.43 -37.09 31.69
CA PHE G 165 -20.19 -36.85 32.89
C PHE G 165 -20.96 -35.55 32.75
N VAL G 166 -20.25 -34.49 32.39
CA VAL G 166 -20.87 -33.18 32.23
C VAL G 166 -21.94 -33.13 31.13
N GLU G 167 -21.80 -33.95 30.10
CA GLU G 167 -22.80 -33.98 29.03
C GLU G 167 -24.04 -34.68 29.56
N GLU G 168 -23.84 -35.80 30.24
CA GLU G 168 -24.93 -36.59 30.82
C GLU G 168 -25.71 -35.80 31.85
N HIS G 169 -25.01 -35.22 32.81
CA HIS G 169 -25.66 -34.44 33.86
C HIS G 169 -25.46 -32.93 33.63
N GLY G 170 -25.78 -32.12 34.63
CA GLY G 170 -25.64 -30.68 34.45
C GLY G 170 -24.62 -30.02 35.36
N GLU G 171 -23.79 -30.83 36.01
CA GLU G 171 -22.78 -30.29 36.90
C GLU G 171 -21.35 -30.54 36.38
N VAL G 172 -20.37 -29.99 37.10
CA VAL G 172 -18.96 -30.09 36.72
C VAL G 172 -18.15 -31.12 37.51
N CYS G 173 -16.84 -31.16 37.23
CA CYS G 173 -15.93 -32.08 37.90
C CYS G 173 -14.73 -31.41 38.60
N PRO G 174 -14.73 -31.40 39.94
CA PRO G 174 -13.63 -30.78 40.70
C PRO G 174 -12.28 -31.48 40.49
N ALA G 175 -11.24 -30.98 41.15
CA ALA G 175 -9.90 -31.55 41.03
C ALA G 175 -9.94 -33.07 41.27
N ASN G 176 -8.96 -33.78 40.71
CA ASN G 176 -8.83 -35.24 40.81
C ASN G 176 -10.23 -35.83 40.97
N TRP G 177 -10.83 -36.19 39.84
CA TRP G 177 -12.20 -36.68 39.85
C TRP G 177 -12.56 -38.16 40.12
N LYS G 178 -13.61 -38.29 40.95
CA LYS G 178 -14.23 -39.54 41.42
C LYS G 178 -13.53 -40.23 42.59
N ALA H 5 2.30 -15.52 21.72
CA ALA H 5 1.87 -16.80 22.27
C ALA H 5 3.05 -17.63 22.63
N ALA H 6 2.78 -18.89 22.96
CA ALA H 6 3.87 -19.64 23.48
C ALA H 6 4.14 -20.95 22.82
N LYS H 7 5.38 -21.16 22.45
CA LYS H 7 5.79 -22.40 21.85
C LYS H 7 6.59 -23.16 22.89
N LEU H 8 6.73 -24.46 22.65
CA LEU H 8 7.49 -25.33 23.51
C LEU H 8 8.96 -25.13 23.26
N ASN H 9 9.77 -25.39 24.29
CA ASN H 9 11.21 -25.23 24.17
C ASN H 9 11.64 -23.82 23.80
N HIS H 10 10.73 -22.88 23.96
CA HIS H 10 11.00 -21.47 23.69
C HIS H 10 10.71 -20.75 24.99
N PRO H 11 11.56 -19.79 25.36
CA PRO H 11 11.33 -19.08 26.62
C PRO H 11 9.86 -18.72 26.85
N ALA H 12 9.31 -19.19 27.96
CA ALA H 12 7.92 -18.93 28.26
C ALA H 12 7.64 -17.45 28.28
N PRO H 13 6.40 -17.07 27.99
CA PRO H 13 6.00 -15.67 27.97
C PRO H 13 6.24 -15.07 29.34
N GLU H 14 6.94 -13.95 29.38
CA GLU H 14 7.20 -13.30 30.64
C GLU H 14 5.92 -12.71 31.21
N PHE H 15 5.68 -12.90 32.49
CA PHE H 15 4.51 -12.30 33.12
C PHE H 15 5.05 -11.47 34.27
N ASP H 16 4.42 -10.34 34.53
CA ASP H 16 4.88 -9.44 35.58
C ASP H 16 3.65 -8.67 36.02
N ASP H 17 3.07 -9.03 37.16
CA ASP H 17 1.86 -8.37 37.58
C ASP H 17 1.55 -8.66 39.05
N MSE H 18 0.61 -7.94 39.60
CA MSE H 18 0.25 -8.11 41.00
C MSE H 18 -0.18 -9.49 41.37
O MSE H 18 -0.82 -10.21 40.58
CB MSE H 18 -0.86 -7.13 41.37
CG MSE H 18 -0.37 -5.71 41.53
SE MSE H 18 0.84 -5.67 42.99
CE MSE H 18 -0.11 -4.44 44.14
N ALA H 19 0.17 -9.88 42.59
CA ALA H 19 -0.19 -11.20 43.09
C ALA H 19 -0.40 -11.11 44.59
N LEU H 20 -1.38 -11.84 45.08
CA LEU H 20 -1.71 -11.89 46.51
C LEU H 20 -0.81 -12.93 47.15
N MSE H 21 0.30 -12.48 47.72
CA MSE H 21 1.26 -13.36 48.36
C MSE H 21 0.62 -14.33 49.34
O MSE H 21 -0.53 -14.15 49.74
CB MSE H 21 2.32 -12.51 49.03
CG MSE H 21 3.01 -11.62 48.03
SE MSE H 21 3.52 -12.64 46.48
CE MSE H 21 5.39 -13.01 46.89
N PRO H 22 1.36 -15.39 49.74
CA PRO H 22 0.82 -16.37 50.68
C PRO H 22 0.27 -15.72 51.92
N ASN H 23 1.11 -14.95 52.60
CA ASN H 23 0.72 -14.27 53.81
C ASN H 23 -0.47 -13.34 53.66
N GLY H 24 -0.26 -12.20 53.01
CA GLY H 24 -1.38 -11.27 52.82
C GLY H 24 -0.96 -9.99 52.14
N THR H 25 0.31 -9.94 51.74
CA THR H 25 0.85 -8.76 51.08
C THR H 25 0.42 -8.74 49.62
N PHE H 26 0.65 -7.61 48.98
CA PHE H 26 0.37 -7.42 47.55
C PHE H 26 1.73 -7.17 46.93
N LYS H 27 2.25 -8.14 46.21
CA LYS H 27 3.55 -7.98 45.58
C LYS H 27 3.46 -8.25 44.09
N LYS H 28 4.21 -7.49 43.32
CA LYS H 28 4.21 -7.66 41.89
C LYS H 28 5.23 -8.76 41.58
N VAL H 29 4.72 -9.89 41.07
CA VAL H 29 5.54 -11.05 40.73
C VAL H 29 5.89 -11.17 39.26
N SER H 30 7.09 -11.66 38.96
CA SER H 30 7.52 -11.80 37.58
C SER H 30 8.05 -13.21 37.32
N LEU H 31 7.90 -13.71 36.11
CA LEU H 31 8.39 -15.05 35.83
C LEU H 31 9.90 -15.17 35.95
N SER H 32 10.61 -14.07 35.74
CA SER H 32 12.06 -14.11 35.84
C SER H 32 12.52 -14.30 37.28
N SER H 33 11.66 -13.93 38.23
CA SER H 33 11.97 -14.08 39.65
C SER H 33 12.30 -15.53 39.93
N TYR H 34 11.57 -16.42 39.27
CA TYR H 34 11.77 -17.84 39.47
C TYR H 34 12.92 -18.43 38.68
N LYS H 35 13.68 -17.62 37.95
CA LYS H 35 14.77 -18.20 37.17
C LYS H 35 15.65 -19.03 38.07
N GLY H 36 15.56 -20.34 37.93
CA GLY H 36 16.34 -21.24 38.76
C GLY H 36 15.55 -22.44 39.21
N LYS H 37 14.24 -22.26 39.34
CA LYS H 37 13.34 -23.32 39.76
C LYS H 37 12.33 -23.65 38.67
N TYR H 38 11.65 -24.77 38.81
CA TYR H 38 10.62 -25.13 37.86
C TYR H 38 9.39 -24.36 38.32
N VAL H 39 8.56 -23.93 37.37
CA VAL H 39 7.38 -23.21 37.77
C VAL H 39 6.15 -23.84 37.16
N VAL H 40 5.07 -23.80 37.93
CA VAL H 40 3.81 -24.32 37.47
C VAL H 40 2.83 -23.18 37.53
N LEU H 41 2.47 -22.71 36.34
CA LEU H 41 1.51 -21.63 36.18
C LEU H 41 0.20 -22.29 35.79
N PHE H 42 -0.88 -21.97 36.49
CA PHE H 42 -2.16 -22.54 36.12
C PHE H 42 -3.24 -21.49 36.22
N PHE H 43 -4.22 -21.57 35.33
CA PHE H 43 -5.29 -20.59 35.30
C PHE H 43 -6.66 -21.13 35.70
N TYR H 44 -7.53 -20.22 36.11
CA TYR H 44 -8.89 -20.56 36.48
C TYR H 44 -9.71 -19.35 36.05
N PRO H 45 -10.94 -19.58 35.61
CA PRO H 45 -11.90 -18.58 35.14
C PRO H 45 -12.15 -17.40 36.04
N MSE H 46 -13.00 -17.61 37.03
CA MSE H 46 -13.37 -16.55 37.95
C MSE H 46 -13.10 -16.90 39.40
O MSE H 46 -12.76 -18.03 39.70
CB MSE H 46 -14.82 -16.22 37.73
CG MSE H 46 -15.05 -15.81 36.31
SE MSE H 46 -16.86 -15.72 35.99
CE MSE H 46 -17.05 -17.44 35.18
N ASP H 47 -13.30 -15.93 40.30
CA ASP H 47 -12.98 -16.16 41.70
C ASP H 47 -13.98 -16.80 42.62
N PHE H 48 -15.08 -16.15 42.93
CA PHE H 48 -16.02 -16.77 43.85
C PHE H 48 -16.96 -17.75 43.16
N THR H 49 -16.35 -18.68 42.42
CA THR H 49 -17.07 -19.71 41.69
C THR H 49 -17.46 -20.82 42.63
N PHE H 50 -18.74 -21.21 42.57
CA PHE H 50 -19.31 -22.28 43.39
C PHE H 50 -18.44 -23.55 43.49
N VAL H 51 -17.63 -23.83 42.47
CA VAL H 51 -16.76 -25.00 42.46
C VAL H 51 -15.55 -24.93 41.51
N CYS H 52 -14.75 -23.89 41.74
CA CYS H 52 -13.49 -23.64 41.00
C CYS H 52 -12.26 -23.84 41.93
N PRO H 53 -12.58 -23.82 43.23
CA PRO H 53 -11.68 -23.92 44.38
C PRO H 53 -10.88 -25.04 44.47
N THR H 54 -11.68 -26.01 44.83
CA THR H 54 -11.26 -27.36 45.03
C THR H 54 -9.95 -27.53 44.31
N GLU H 55 -10.03 -27.38 42.98
CA GLU H 55 -8.88 -27.50 42.11
C GLU H 55 -7.78 -26.54 42.55
N ILE H 56 -8.13 -25.28 42.68
CA ILE H 56 -7.21 -24.25 43.11
C ILE H 56 -6.51 -24.68 44.40
N ILE H 57 -7.29 -25.13 45.37
CA ILE H 57 -6.77 -25.58 46.67
C ILE H 57 -5.76 -26.72 46.54
N GLN H 58 -6.19 -27.82 45.91
CA GLN H 58 -5.31 -28.95 45.73
C GLN H 58 -3.89 -28.49 45.43
N PHE H 59 -3.74 -27.50 44.57
CA PHE H 59 -2.41 -27.00 44.26
C PHE H 59 -1.80 -26.41 45.52
N SER H 60 -2.53 -25.52 46.17
CA SER H 60 -2.03 -24.88 47.37
C SER H 60 -1.53 -25.89 48.38
N ASP H 61 -2.29 -26.97 48.53
CA ASP H 61 -1.89 -27.99 49.47
C ASP H 61 -0.62 -28.70 48.99
N ASP H 62 -0.68 -29.33 47.81
CA ASP H 62 0.50 -30.02 47.31
C ASP H 62 1.67 -29.06 47.10
N ALA H 63 1.46 -27.80 47.49
CA ALA H 63 2.49 -26.77 47.34
C ALA H 63 3.77 -27.23 47.99
N LYS H 64 3.62 -27.77 49.20
CA LYS H 64 4.74 -28.27 49.99
C LYS H 64 5.42 -29.37 49.20
N ARG H 65 4.63 -30.37 48.84
CA ARG H 65 5.14 -31.50 48.09
C ARG H 65 5.89 -31.06 46.82
N PHE H 66 5.39 -30.00 46.19
CA PHE H 66 6.01 -29.47 44.97
C PHE H 66 7.36 -28.85 45.30
N ALA H 67 7.34 -27.96 46.28
CA ALA H 67 8.55 -27.28 46.72
C ALA H 67 9.65 -28.29 46.97
N GLU H 68 9.25 -29.44 47.50
CA GLU H 68 10.16 -30.53 47.82
C GLU H 68 10.96 -30.92 46.57
N ILE H 69 10.34 -30.75 45.41
CA ILE H 69 10.98 -31.12 44.16
C ILE H 69 11.44 -29.93 43.28
N ASN H 70 11.91 -28.88 43.94
CA ASN H 70 12.42 -27.69 43.27
C ASN H 70 11.43 -26.98 42.37
N THR H 71 10.14 -27.13 42.63
CA THR H 71 9.20 -26.45 41.77
C THR H 71 8.30 -25.58 42.58
N GLU H 72 8.03 -24.38 42.07
CA GLU H 72 7.16 -23.44 42.76
C GLU H 72 5.90 -23.38 41.90
N VAL H 73 4.75 -23.13 42.50
CA VAL H 73 3.53 -23.04 41.71
C VAL H 73 2.86 -21.71 41.99
N ILE H 74 2.09 -21.23 41.01
CA ILE H 74 1.39 -19.95 41.10
C ILE H 74 0.13 -19.94 40.24
N SER H 75 -0.94 -19.40 40.81
CA SER H 75 -2.21 -19.33 40.10
C SER H 75 -2.33 -18.03 39.34
N CYS H 76 -3.46 -17.87 38.65
CA CYS H 76 -3.72 -16.70 37.86
C CYS H 76 -5.14 -16.72 37.33
N SER H 77 -5.75 -15.55 37.30
CA SER H 77 -7.11 -15.38 36.81
C SER H 77 -7.27 -13.90 36.51
N CYS H 78 -8.33 -13.53 35.81
CA CYS H 78 -8.54 -12.14 35.47
C CYS H 78 -9.24 -11.35 36.53
N ASP H 79 -9.12 -11.77 37.79
CA ASP H 79 -9.77 -11.05 38.88
C ASP H 79 -8.79 -10.16 39.63
N SER H 80 -9.32 -9.16 40.32
CA SER H 80 -8.47 -8.22 41.05
C SER H 80 -7.80 -8.78 42.27
N GLU H 81 -6.60 -8.29 42.52
CA GLU H 81 -5.81 -8.66 43.67
C GLU H 81 -6.68 -8.59 44.90
N TYR H 82 -7.55 -7.58 44.93
CA TYR H 82 -8.45 -7.37 46.06
C TYR H 82 -9.50 -8.45 46.12
N SER H 83 -9.96 -8.89 44.96
CA SER H 83 -10.96 -9.93 44.89
C SER H 83 -10.36 -11.24 45.39
N HIS H 84 -9.08 -11.45 45.11
CA HIS H 84 -8.40 -12.65 45.58
C HIS H 84 -8.41 -12.65 47.10
N LEU H 85 -7.94 -11.55 47.67
CA LEU H 85 -7.90 -11.39 49.11
C LEU H 85 -9.25 -11.75 49.68
N GLN H 86 -10.25 -10.94 49.36
CA GLN H 86 -11.58 -11.21 49.83
C GLN H 86 -11.89 -12.72 49.81
N TRP H 87 -11.37 -13.46 48.81
CA TRP H 87 -11.82 -14.82 48.65
C TRP H 87 -11.02 -15.58 49.52
N THR H 88 -9.86 -15.06 49.85
CA THR H 88 -8.95 -15.79 50.75
C THR H 88 -9.31 -15.68 52.25
N SER H 89 -10.07 -14.65 52.57
CA SER H 89 -10.50 -14.38 53.92
C SER H 89 -11.63 -15.32 54.34
N VAL H 90 -12.50 -15.70 53.40
CA VAL H 90 -13.61 -16.60 53.72
C VAL H 90 -13.04 -17.98 54.05
N ASP H 91 -13.59 -18.61 55.10
CA ASP H 91 -13.12 -19.92 55.54
C ASP H 91 -13.45 -21.04 54.59
N ARG H 92 -12.41 -21.79 54.23
CA ARG H 92 -12.51 -22.90 53.29
C ARG H 92 -13.76 -23.73 53.55
N LYS H 93 -14.11 -23.82 54.82
CA LYS H 93 -15.27 -24.61 55.25
C LYS H 93 -16.60 -24.08 54.70
N LYS H 94 -16.73 -22.76 54.57
CA LYS H 94 -17.97 -22.18 54.04
C LYS H 94 -17.82 -21.75 52.58
N GLY H 95 -17.37 -22.68 51.73
CA GLY H 95 -17.20 -22.39 50.32
C GLY H 95 -16.14 -21.35 50.02
N GLY H 96 -15.32 -21.05 51.03
CA GLY H 96 -14.28 -20.06 50.86
C GLY H 96 -13.04 -20.71 50.28
N LEU H 97 -11.92 -20.03 50.41
CA LEU H 97 -10.66 -20.52 49.89
C LEU H 97 -9.66 -20.71 51.04
N GLY H 98 -9.66 -19.77 51.98
CA GLY H 98 -8.77 -19.85 53.12
C GLY H 98 -7.32 -19.67 52.69
N PRO H 99 -6.43 -19.26 53.60
CA PRO H 99 -5.01 -19.04 53.32
C PRO H 99 -4.39 -20.00 52.34
N MSE H 100 -3.70 -19.45 51.33
CA MSE H 100 -3.05 -20.24 50.30
C MSE H 100 -1.56 -20.17 50.53
O MSE H 100 -1.06 -19.20 51.11
CB MSE H 100 -3.34 -19.68 48.91
CG MSE H 100 -4.79 -19.53 48.55
SE MSE H 100 -5.63 -21.19 48.14
CE MSE H 100 -4.80 -21.55 46.44
N ALA H 101 -0.84 -21.18 50.06
CA ALA H 101 0.62 -21.21 50.19
C ALA H 101 1.17 -20.81 48.84
N ILE H 102 0.25 -20.47 47.94
CA ILE H 102 0.60 -20.10 46.59
C ILE H 102 0.31 -18.64 46.29
N PRO H 103 1.19 -17.97 45.53
CA PRO H 103 0.95 -16.57 45.21
C PRO H 103 -0.20 -16.59 44.19
N MSE H 104 -1.10 -15.62 44.23
CA MSE H 104 -2.19 -15.63 43.28
C MSE H 104 -2.16 -14.44 42.32
O MSE H 104 -2.54 -13.33 42.68
CB MSE H 104 -3.49 -15.66 44.02
CG MSE H 104 -3.74 -16.93 44.78
SE MSE H 104 -5.38 -16.69 45.75
CE MSE H 104 -6.66 -17.28 44.43
N LEU H 105 -1.68 -14.68 41.10
CA LEU H 105 -1.59 -13.64 40.09
C LEU H 105 -2.95 -13.08 39.77
N ALA H 106 -2.97 -11.81 39.40
CA ALA H 106 -4.21 -11.13 39.03
C ALA H 106 -3.93 -10.24 37.83
N ASP H 107 -4.29 -10.68 36.62
CA ASP H 107 -4.03 -9.80 35.47
C ASP H 107 -5.29 -9.15 35.00
N LYS H 108 -5.59 -8.01 35.62
CA LYS H 108 -6.77 -7.23 35.30
C LYS H 108 -6.67 -6.80 33.84
N THR H 109 -5.45 -6.82 33.35
CA THR H 109 -5.11 -6.43 32.00
C THR H 109 -5.39 -7.53 30.96
N LYS H 110 -5.45 -8.76 31.42
CA LYS H 110 -5.67 -9.94 30.59
C LYS H 110 -4.45 -10.24 29.74
N ALA H 111 -3.40 -9.44 29.92
CA ALA H 111 -2.17 -9.60 29.15
C ALA H 111 -1.60 -11.01 29.27
N ILE H 112 -1.68 -11.60 30.46
CA ILE H 112 -1.12 -12.93 30.66
C ILE H 112 -1.90 -14.02 29.98
N ALA H 113 -3.21 -14.06 30.25
CA ALA H 113 -4.08 -15.06 29.67
C ALA H 113 -3.85 -15.11 28.16
N ARG H 114 -3.78 -13.95 27.55
CA ARG H 114 -3.54 -13.85 26.12
C ARG H 114 -2.19 -14.43 25.77
N ALA H 115 -1.18 -14.07 26.55
CA ALA H 115 0.16 -14.55 26.29
C ALA H 115 0.25 -16.07 26.23
N TYR H 116 -0.50 -16.76 27.06
CA TYR H 116 -0.47 -18.21 27.05
C TYR H 116 -1.58 -18.80 26.20
N GLY H 117 -2.36 -17.95 25.55
CA GLY H 117 -3.44 -18.45 24.71
C GLY H 117 -4.46 -19.26 25.46
N VAL H 118 -4.87 -18.74 26.59
CA VAL H 118 -5.80 -19.40 27.46
C VAL H 118 -7.05 -18.56 27.63
N LEU H 119 -7.04 -17.38 27.05
CA LEU H 119 -8.16 -16.47 27.18
C LEU H 119 -9.27 -16.79 26.22
N ASP H 120 -10.50 -16.71 26.70
CA ASP H 120 -11.68 -16.89 25.87
C ASP H 120 -12.16 -15.48 25.60
N GLU H 121 -11.66 -14.90 24.50
CA GLU H 121 -11.99 -13.54 24.17
C GLU H 121 -13.46 -13.22 24.29
N ASP H 122 -14.31 -14.19 24.02
CA ASP H 122 -15.74 -13.96 24.10
C ASP H 122 -16.27 -13.66 25.49
N SER H 123 -15.82 -14.43 26.47
CA SER H 123 -16.30 -14.25 27.84
C SER H 123 -15.41 -13.33 28.66
N GLY H 124 -14.12 -13.38 28.41
CA GLY H 124 -13.19 -12.52 29.12
C GLY H 124 -12.49 -13.19 30.29
N VAL H 125 -12.57 -14.51 30.34
CA VAL H 125 -11.94 -15.27 31.42
C VAL H 125 -11.04 -16.33 30.82
N ALA H 126 -10.21 -16.95 31.65
CA ALA H 126 -9.30 -17.97 31.16
C ALA H 126 -9.76 -19.41 31.33
N TYR H 127 -9.26 -20.29 30.47
CA TYR H 127 -9.59 -21.70 30.55
C TYR H 127 -8.67 -22.35 31.57
N ARG H 128 -9.01 -23.57 31.98
CA ARG H 128 -8.18 -24.29 32.92
C ARG H 128 -6.86 -24.64 32.25
N GLY H 129 -5.96 -23.67 32.22
CA GLY H 129 -4.67 -23.90 31.60
C GLY H 129 -3.60 -24.20 32.63
N VAL H 130 -2.62 -24.99 32.22
CA VAL H 130 -1.53 -25.37 33.11
C VAL H 130 -0.27 -25.47 32.29
N PHE H 131 0.75 -24.73 32.70
CA PHE H 131 2.00 -24.77 31.99
C PHE H 131 3.16 -25.02 32.95
N ILE H 132 4.17 -25.73 32.46
CA ILE H 132 5.34 -26.03 33.27
C ILE H 132 6.56 -25.37 32.64
N ILE H 133 7.16 -24.44 33.36
CA ILE H 133 8.35 -23.75 32.87
C ILE H 133 9.54 -24.33 33.57
N ASP H 134 10.61 -24.62 32.82
CA ASP H 134 11.80 -25.18 33.42
C ASP H 134 12.68 -24.10 34.07
N PRO H 135 13.69 -24.52 34.84
CA PRO H 135 14.60 -23.60 35.51
C PRO H 135 15.31 -22.61 34.62
N ASN H 136 15.41 -22.94 33.34
CA ASN H 136 16.07 -22.05 32.38
C ASN H 136 15.08 -21.05 31.81
N GLY H 137 13.83 -21.14 32.26
CA GLY H 137 12.80 -20.23 31.82
C GLY H 137 12.12 -20.61 30.52
N LYS H 138 12.23 -21.87 30.12
CA LYS H 138 11.59 -22.33 28.89
C LYS H 138 10.33 -23.12 29.15
N LEU H 139 9.34 -22.99 28.27
CA LEU H 139 8.06 -23.68 28.44
C LEU H 139 8.25 -25.11 27.99
N ARG H 140 7.81 -26.07 28.81
CA ARG H 140 7.98 -27.47 28.45
C ARG H 140 6.76 -28.36 28.58
N GLN H 141 5.61 -27.76 28.86
CA GLN H 141 4.40 -28.55 28.97
C GLN H 141 3.17 -27.68 28.83
N ILE H 142 2.27 -28.10 27.95
CA ILE H 142 1.03 -27.35 27.75
C ILE H 142 -0.16 -28.25 28.04
N ILE H 143 -1.13 -27.69 28.76
CA ILE H 143 -2.33 -28.41 29.12
C ILE H 143 -3.47 -27.42 29.27
N ILE H 144 -4.54 -27.63 28.52
CA ILE H 144 -5.67 -26.71 28.63
C ILE H 144 -6.95 -27.52 28.73
N ASN H 145 -7.55 -27.50 29.91
CA ASN H 145 -8.78 -28.23 30.18
C ASN H 145 -9.96 -27.32 29.92
N ASP H 146 -11.10 -27.89 29.56
CA ASP H 146 -12.28 -27.07 29.31
C ASP H 146 -12.70 -26.48 30.65
N MSE H 147 -13.62 -25.51 30.61
CA MSE H 147 -14.09 -24.83 31.81
C MSE H 147 -14.71 -25.70 32.89
O MSE H 147 -14.68 -25.35 34.06
CB MSE H 147 -15.11 -23.75 31.42
CG MSE H 147 -14.59 -22.80 30.38
SE MSE H 147 -13.43 -21.48 31.12
CE MSE H 147 -14.84 -20.27 31.67
N PRO H 148 -15.31 -26.85 32.52
CA PRO H 148 -15.90 -27.67 33.57
C PRO H 148 -15.09 -28.89 33.97
N ILE H 149 -13.94 -29.08 33.35
CA ILE H 149 -13.13 -30.26 33.64
C ILE H 149 -11.93 -30.03 34.53
N GLY H 150 -12.03 -30.46 35.78
CA GLY H 150 -10.95 -30.28 36.73
C GLY H 150 -9.67 -30.95 36.29
N ARG H 151 -8.56 -30.54 36.89
CA ARG H 151 -7.24 -31.10 36.56
C ARG H 151 -6.75 -32.08 37.61
N ASN H 152 -5.75 -32.89 37.26
CA ASN H 152 -5.21 -33.84 38.20
C ASN H 152 -3.82 -33.40 38.62
N VAL H 153 -3.74 -32.74 39.76
CA VAL H 153 -2.48 -32.23 40.23
C VAL H 153 -1.38 -33.29 40.27
N GLU H 154 -1.73 -34.51 40.64
CA GLU H 154 -0.71 -35.54 40.71
C GLU H 154 -0.02 -35.67 39.35
N GLU H 155 -0.80 -35.57 38.29
CA GLU H 155 -0.25 -35.67 36.95
C GLU H 155 0.77 -34.56 36.68
N VAL H 156 0.43 -33.34 37.09
CA VAL H 156 1.34 -32.23 36.87
C VAL H 156 2.66 -32.65 37.48
N ILE H 157 2.60 -33.17 38.70
CA ILE H 157 3.81 -33.62 39.38
C ILE H 157 4.55 -34.66 38.56
N ARG H 158 3.83 -35.70 38.16
CA ARG H 158 4.39 -36.78 37.34
C ARG H 158 5.24 -36.15 36.26
N LEU H 159 4.61 -35.21 35.57
CA LEU H 159 5.23 -34.49 34.47
C LEU H 159 6.48 -33.77 34.88
N VAL H 160 6.42 -33.03 35.98
CA VAL H 160 7.61 -32.31 36.44
C VAL H 160 8.72 -33.30 36.74
N GLU H 161 8.40 -34.32 37.54
CA GLU H 161 9.37 -35.34 37.91
C GLU H 161 9.92 -35.88 36.62
N ALA H 162 9.00 -36.27 35.74
CA ALA H 162 9.35 -36.80 34.43
C ALA H 162 10.35 -35.93 33.70
N LEU H 163 10.09 -34.63 33.70
CA LEU H 163 10.99 -33.69 33.04
C LEU H 163 12.37 -33.74 33.68
N GLN H 164 12.40 -33.61 35.01
CA GLN H 164 13.65 -33.63 35.75
C GLN H 164 14.46 -34.88 35.47
N PHE H 165 13.77 -36.01 35.38
CA PHE H 165 14.43 -37.27 35.10
C PHE H 165 15.28 -37.09 33.85
N VAL H 166 14.63 -36.68 32.77
CA VAL H 166 15.33 -36.50 31.51
C VAL H 166 16.46 -35.50 31.59
N GLU H 167 16.38 -34.57 32.53
CA GLU H 167 17.44 -33.60 32.68
C GLU H 167 18.67 -34.34 33.23
N GLU H 168 18.49 -34.98 34.39
CA GLU H 168 19.56 -35.72 35.05
C GLU H 168 20.32 -36.65 34.10
N HIS H 169 19.58 -37.39 33.28
CA HIS H 169 20.16 -38.34 32.35
C HIS H 169 20.53 -37.68 31.02
N GLY H 170 21.72 -38.00 30.51
CA GLY H 170 22.18 -37.40 29.27
C GLY H 170 22.66 -36.00 29.60
N GLU H 171 23.96 -35.75 29.57
CA GLU H 171 24.45 -34.43 29.94
C GLU H 171 25.93 -34.14 29.65
N VAL H 172 26.40 -33.08 30.31
CA VAL H 172 27.76 -32.52 30.24
C VAL H 172 29.01 -33.41 30.32
N CYS H 173 30.14 -32.72 30.54
CA CYS H 173 31.48 -33.32 30.71
C CYS H 173 32.49 -32.29 31.24
N ALA I 5 -16.83 6.16 19.14
CA ALA I 5 -16.85 6.14 20.63
C ALA I 5 -18.04 6.93 21.16
N ALA I 6 -18.18 7.35 22.41
CA ALA I 6 -19.49 7.98 22.73
C ALA I 6 -19.67 9.49 22.58
N LYS I 7 -20.56 9.91 21.67
CA LYS I 7 -20.81 11.35 21.47
C LYS I 7 -22.15 11.73 22.09
N LEU I 8 -22.34 13.03 22.34
CA LEU I 8 -23.57 13.53 22.93
C LEU I 8 -24.61 13.61 21.85
N ASN I 9 -25.87 13.51 22.23
CA ASN I 9 -26.96 13.57 21.29
C ASN I 9 -26.87 12.50 20.21
N HIS I 10 -26.07 11.48 20.47
CA HIS I 10 -25.95 10.35 19.57
C HIS I 10 -26.32 9.13 20.42
N PRO I 11 -27.00 8.15 19.81
CA PRO I 11 -27.39 6.96 20.56
C PRO I 11 -26.26 6.38 21.40
N ALA I 12 -26.44 6.35 22.73
CA ALA I 12 -25.44 5.81 23.65
C ALA I 12 -24.98 4.47 23.22
N PRO I 13 -23.75 4.10 23.58
CA PRO I 13 -23.19 2.82 23.22
C PRO I 13 -24.04 1.75 23.83
N GLU I 14 -24.41 0.76 23.03
CA GLU I 14 -25.21 -0.33 23.50
C GLU I 14 -24.38 -1.22 24.38
N PHE I 15 -24.91 -1.57 25.55
CA PHE I 15 -24.20 -2.48 26.43
C PHE I 15 -25.12 -3.66 26.65
N ASP I 16 -24.55 -4.86 26.70
CA ASP I 16 -25.34 -6.07 26.85
C ASP I 16 -24.43 -7.06 27.57
N ASP I 17 -24.63 -7.23 28.86
CA ASP I 17 -23.77 -8.14 29.59
C ASP I 17 -24.37 -8.56 30.93
N MSE I 18 -23.73 -9.52 31.58
CA MSE I 18 -24.23 -9.99 32.85
C MSE I 18 -24.30 -8.95 33.93
O MSE I 18 -23.48 -8.05 34.00
CB MSE I 18 -23.40 -11.17 33.33
CG MSE I 18 -23.65 -12.44 32.52
SE MSE I 18 -25.49 -13.04 32.63
CE MSE I 18 -25.17 -14.59 33.78
N ALA I 19 -25.32 -9.08 34.76
CA ALA I 19 -25.53 -8.15 35.85
C ALA I 19 -26.17 -8.86 37.03
N LEU I 20 -25.72 -8.53 38.22
CA LEU I 20 -26.25 -9.10 39.46
C LEU I 20 -27.51 -8.32 39.83
N MSE I 21 -28.66 -8.87 39.47
CA MSE I 21 -29.93 -8.23 39.74
C MSE I 21 -30.09 -7.83 41.20
O MSE I 21 -29.33 -8.29 42.05
CB MSE I 21 -31.07 -9.15 39.31
CG MSE I 21 -31.01 -9.46 37.83
SE MSE I 21 -30.88 -7.84 36.78
CE MSE I 21 -32.69 -7.62 36.21
N PRO I 22 -31.09 -6.98 41.50
CA PRO I 22 -31.32 -6.53 42.88
C PRO I 22 -31.43 -7.70 43.86
N ASN I 23 -32.37 -8.60 43.57
CA ASN I 23 -32.61 -9.76 44.40
C ASN I 23 -31.38 -10.65 44.57
N GLY I 24 -31.03 -11.41 43.54
CA GLY I 24 -29.87 -12.27 43.65
C GLY I 24 -29.65 -13.10 42.40
N THR I 25 -30.46 -12.84 41.38
CA THR I 25 -30.33 -13.57 40.12
C THR I 25 -29.16 -13.05 39.30
N PHE I 26 -28.84 -13.78 38.25
CA PHE I 26 -27.80 -13.37 37.30
C PHE I 26 -28.54 -13.18 35.98
N LYS I 27 -28.76 -11.94 35.57
CA LYS I 27 -29.45 -11.70 34.31
C LYS I 27 -28.61 -10.86 33.38
N LYS I 28 -28.69 -11.16 32.09
CA LYS I 28 -27.94 -10.42 31.09
C LYS I 28 -28.77 -9.15 30.75
N VAL I 29 -28.26 -7.98 31.13
CA VAL I 29 -28.96 -6.73 30.88
C VAL I 29 -28.47 -6.00 29.64
N SER I 30 -29.38 -5.31 28.96
CA SER I 30 -29.03 -4.54 27.76
C SER I 30 -29.58 -3.11 27.83
N LEU I 31 -28.87 -2.15 27.26
CA LEU I 31 -29.33 -0.78 27.33
C LEU I 31 -30.67 -0.58 26.63
N SER I 32 -30.95 -1.44 25.65
CA SER I 32 -32.19 -1.31 24.91
C SER I 32 -33.37 -1.70 25.79
N SER I 33 -33.11 -2.51 26.81
CA SER I 33 -34.16 -2.92 27.71
C SER I 33 -34.81 -1.69 28.32
N TYR I 34 -34.00 -0.67 28.57
CA TYR I 34 -34.51 0.55 29.18
C TYR I 34 -35.15 1.55 28.23
N LYS I 35 -35.22 1.21 26.94
CA LYS I 35 -35.79 2.14 25.99
C LYS I 35 -37.14 2.59 26.49
N GLY I 36 -37.19 3.81 27.00
CA GLY I 36 -38.42 4.35 27.51
C GLY I 36 -38.20 5.15 28.76
N LYS I 37 -37.17 4.79 29.51
CA LYS I 37 -36.85 5.52 30.72
C LYS I 37 -35.47 6.16 30.61
N TYR I 38 -35.18 7.07 31.53
CA TYR I 38 -33.87 7.70 31.56
C TYR I 38 -32.99 6.71 32.30
N VAL I 39 -31.75 6.59 31.87
CA VAL I 39 -30.84 5.67 32.53
C VAL I 39 -29.60 6.37 33.03
N VAL I 40 -29.12 5.92 34.17
CA VAL I 40 -27.93 6.47 34.76
C VAL I 40 -26.94 5.32 34.88
N LEU I 41 -25.93 5.35 34.02
CA LEU I 41 -24.89 4.34 34.02
C LEU I 41 -23.70 4.94 34.73
N PHE I 42 -23.15 4.25 35.71
CA PHE I 42 -21.99 4.79 36.41
C PHE I 42 -20.96 3.70 36.68
N PHE I 43 -19.70 4.07 36.57
CA PHE I 43 -18.62 3.10 36.75
C PHE I 43 -17.83 3.29 38.04
N TYR I 44 -17.16 2.22 38.44
CA TYR I 44 -16.29 2.22 39.59
C TYR I 44 -15.18 1.24 39.25
N PRO I 45 -13.97 1.51 39.72
CA PRO I 45 -12.77 0.70 39.49
C PRO I 45 -12.86 -0.77 39.83
N MSE I 46 -12.70 -1.08 41.11
CA MSE I 46 -12.73 -2.46 41.57
C MSE I 46 -13.78 -2.71 42.62
O MSE I 46 -14.39 -1.77 43.11
CB MSE I 46 -11.37 -2.84 42.05
CG MSE I 46 -10.41 -2.73 40.94
SE MSE I 46 -8.67 -2.88 41.52
CE MSE I 46 -8.36 -1.00 41.98
N ASP I 47 -13.96 -3.97 43.00
CA ASP I 47 -15.01 -4.32 43.93
C ASP I 47 -14.72 -4.29 45.41
N PHE I 48 -13.80 -5.12 45.87
CA PHE I 48 -13.50 -5.17 47.29
C PHE I 48 -12.39 -4.21 47.65
N THR I 49 -12.74 -2.95 47.89
CA THR I 49 -11.76 -1.93 48.22
C THR I 49 -11.64 -1.61 49.69
N PHE I 50 -10.54 -0.95 50.04
CA PHE I 50 -10.26 -0.53 51.41
C PHE I 50 -11.00 0.78 51.63
N VAL I 51 -11.76 1.17 50.61
CA VAL I 51 -12.55 2.40 50.64
C VAL I 51 -13.92 2.05 51.25
N CYS I 52 -14.87 2.98 51.13
CA CYS I 52 -16.21 2.77 51.63
C CYS I 52 -17.16 2.93 50.46
N PRO I 53 -17.84 1.84 50.08
CA PRO I 53 -18.81 1.74 48.99
C PRO I 53 -19.79 2.88 48.97
N THR I 54 -19.63 3.80 49.92
CA THR I 54 -20.50 4.96 50.04
C THR I 54 -21.01 5.46 48.70
N GLU I 55 -20.10 5.73 47.78
CA GLU I 55 -20.49 6.21 46.46
C GLU I 55 -21.47 5.24 45.79
N ILE I 56 -21.03 4.00 45.61
CA ILE I 56 -21.86 2.97 44.99
C ILE I 56 -23.20 2.88 45.71
N ILE I 57 -23.15 2.83 47.03
CA ILE I 57 -24.34 2.74 47.85
C ILE I 57 -25.29 3.92 47.64
N GLN I 58 -24.79 5.13 47.83
CA GLN I 58 -25.61 6.32 47.66
C GLN I 58 -26.56 6.17 46.48
N PHE I 59 -26.07 5.61 45.38
CA PHE I 59 -26.92 5.43 44.22
C PHE I 59 -28.02 4.43 44.55
N SER I 60 -27.62 3.27 45.06
CA SER I 60 -28.58 2.22 45.42
C SER I 60 -29.69 2.79 46.28
N ASP I 61 -29.34 3.62 47.25
CA ASP I 61 -30.33 4.20 48.13
C ASP I 61 -31.24 5.17 47.38
N ASP I 62 -30.66 6.20 46.77
CA ASP I 62 -31.47 7.16 46.03
C ASP I 62 -32.16 6.50 44.84
N ALA I 63 -31.97 5.19 44.72
CA ALA I 63 -32.58 4.43 43.63
C ALA I 63 -34.07 4.71 43.58
N LYS I 64 -34.68 4.64 44.76
CA LYS I 64 -36.12 4.87 44.91
C LYS I 64 -36.43 6.27 44.39
N ARG I 65 -35.76 7.25 44.97
CA ARG I 65 -35.94 8.64 44.59
C ARG I 65 -35.78 8.82 43.08
N PHE I 66 -34.86 8.05 42.49
CA PHE I 66 -34.64 8.16 41.05
C PHE I 66 -35.82 7.62 40.30
N ALA I 67 -36.21 6.40 40.66
CA ALA I 67 -37.32 5.71 40.04
C ALA I 67 -38.53 6.62 40.02
N GLU I 68 -38.67 7.40 41.08
CA GLU I 68 -39.77 8.35 41.23
C GLU I 68 -39.83 9.30 40.04
N ILE I 69 -38.66 9.58 39.45
CA ILE I 69 -38.57 10.50 38.33
C ILE I 69 -38.27 9.84 36.98
N ASN I 70 -38.88 8.69 36.75
CA ASN I 70 -38.74 7.93 35.51
C ASN I 70 -37.32 7.54 35.14
N THR I 71 -36.41 7.48 36.11
CA THR I 71 -35.05 7.11 35.75
C THR I 71 -34.60 5.88 36.50
N GLU I 72 -33.91 4.98 35.79
CA GLU I 72 -33.40 3.76 36.39
C GLU I 72 -31.89 3.93 36.42
N VAL I 73 -31.23 3.37 37.43
CA VAL I 73 -29.77 3.48 37.50
C VAL I 73 -29.16 2.10 37.53
N ILE I 74 -27.91 2.01 37.08
CA ILE I 74 -27.20 0.75 37.01
C ILE I 74 -25.69 0.95 37.09
N SER I 75 -25.02 0.12 37.89
CA SER I 75 -23.57 0.24 38.05
C SER I 75 -22.85 -0.63 37.03
N CYS I 76 -21.53 -0.54 37.06
CA CYS I 76 -20.68 -1.30 36.17
C CYS I 76 -19.23 -1.22 36.60
N SER I 77 -18.52 -2.33 36.46
CA SER I 77 -17.12 -2.41 36.80
C SER I 77 -16.57 -3.63 36.08
N CYS I 78 -15.26 -3.75 36.02
CA CYS I 78 -14.68 -4.88 35.33
C CYS I 78 -14.54 -6.13 36.17
N ASP I 79 -15.38 -6.27 37.18
CA ASP I 79 -15.34 -7.44 38.06
C ASP I 79 -16.41 -8.47 37.72
N SER I 80 -16.16 -9.73 38.07
CA SER I 80 -17.12 -10.78 37.76
C SER I 80 -18.42 -10.71 38.51
N GLU I 81 -19.46 -11.18 37.84
CA GLU I 81 -20.81 -11.22 38.39
C GLU I 81 -20.74 -11.89 39.77
N TYR I 82 -19.90 -12.92 39.86
CA TYR I 82 -19.73 -13.66 41.11
C TYR I 82 -19.06 -12.79 42.16
N SER I 83 -18.13 -11.96 41.73
CA SER I 83 -17.44 -11.07 42.64
C SER I 83 -18.42 -10.06 43.19
N HIS I 84 -19.35 -9.63 42.36
CA HIS I 84 -20.35 -8.67 42.79
C HIS I 84 -21.16 -9.30 43.91
N LEU I 85 -21.68 -10.49 43.63
CA LEU I 85 -22.46 -11.23 44.61
C LEU I 85 -21.71 -11.29 45.92
N GLN I 86 -20.57 -11.97 45.93
CA GLN I 86 -19.78 -12.06 47.10
C GLN I 86 -19.78 -10.70 47.87
N TRP I 87 -19.73 -9.57 47.15
CA TRP I 87 -19.54 -8.32 47.83
C TRP I 87 -20.81 -7.92 48.32
N THR I 88 -21.86 -8.42 47.71
CA THR I 88 -23.22 -8.06 48.14
C THR I 88 -23.71 -8.83 49.39
N SER I 89 -23.05 -9.96 49.63
CA SER I 89 -23.39 -10.80 50.76
C SER I 89 -22.86 -10.23 52.07
N VAL I 90 -21.68 -9.61 52.01
CA VAL I 90 -21.10 -9.01 53.21
C VAL I 90 -21.97 -7.85 53.69
N ASP I 91 -22.22 -7.80 55.00
CA ASP I 91 -23.06 -6.75 55.58
C ASP I 91 -22.43 -5.37 55.50
N ARG I 92 -23.19 -4.43 54.96
CA ARG I 92 -22.78 -3.04 54.79
C ARG I 92 -22.04 -2.53 56.02
N LYS I 93 -22.45 -3.00 57.19
CA LYS I 93 -21.86 -2.60 58.46
C LYS I 93 -20.38 -2.99 58.57
N LYS I 94 -20.00 -4.14 58.04
CA LYS I 94 -18.60 -4.56 58.11
C LYS I 94 -17.86 -4.30 56.79
N GLY I 95 -17.92 -3.08 56.30
CA GLY I 95 -17.23 -2.73 55.06
C GLY I 95 -17.78 -3.44 53.83
N GLY I 96 -18.95 -4.06 53.98
CA GLY I 96 -19.54 -4.76 52.87
C GLY I 96 -20.36 -3.83 52.01
N LEU I 97 -21.24 -4.40 51.20
CA LEU I 97 -22.08 -3.61 50.33
C LEU I 97 -23.55 -3.84 50.69
N GLY I 98 -23.89 -5.09 50.98
CA GLY I 98 -25.27 -5.39 51.35
C GLY I 98 -26.20 -5.24 50.16
N PRO I 99 -27.38 -5.88 50.18
CA PRO I 99 -28.36 -5.82 49.10
C PRO I 99 -28.48 -4.46 48.41
N MSE I 100 -28.43 -4.49 47.08
CA MSE I 100 -28.53 -3.26 46.27
C MSE I 100 -29.86 -3.26 45.57
O MSE I 100 -30.41 -4.32 45.25
CB MSE I 100 -27.45 -3.24 45.19
CG MSE I 100 -26.00 -3.29 45.68
SE MSE I 100 -25.39 -1.63 46.45
CE MSE I 100 -25.25 -0.59 44.87
N ALA I 101 -30.38 -2.07 45.28
CA ALA I 101 -31.65 -1.96 44.57
C ALA I 101 -31.33 -1.71 43.10
N ILE I 102 -30.04 -1.72 42.82
CA ILE I 102 -29.54 -1.46 41.48
C ILE I 102 -28.90 -2.68 40.85
N PRO I 103 -29.10 -2.89 39.55
CA PRO I 103 -28.50 -4.03 38.88
C PRO I 103 -27.01 -3.73 38.79
N MSE I 104 -26.14 -4.73 38.91
CA MSE I 104 -24.73 -4.42 38.83
C MSE I 104 -24.05 -5.10 37.65
O MSE I 104 -23.74 -6.28 37.70
CB MSE I 104 -24.05 -4.80 40.12
CG MSE I 104 -24.51 -4.01 41.29
SE MSE I 104 -23.70 -4.83 42.77
CE MSE I 104 -22.03 -3.85 42.86
N LEU I 105 -23.82 -4.32 36.60
CA LEU I 105 -23.17 -4.84 35.41
C LEU I 105 -21.78 -5.36 35.71
N ALA I 106 -21.36 -6.34 34.92
CA ALA I 106 -20.04 -6.91 35.08
C ALA I 106 -19.43 -7.17 33.71
N ASP I 107 -18.58 -6.28 33.20
CA ASP I 107 -18.00 -6.58 31.88
C ASP I 107 -16.59 -7.10 31.98
N LYS I 108 -16.51 -8.41 32.15
CA LYS I 108 -15.24 -9.10 32.26
C LYS I 108 -14.47 -8.86 30.97
N THR I 109 -15.22 -8.52 29.94
CA THR I 109 -14.72 -8.25 28.60
C THR I 109 -14.08 -6.84 28.45
N LYS I 110 -14.52 -5.92 29.30
CA LYS I 110 -14.06 -4.51 29.30
C LYS I 110 -14.63 -3.78 28.12
N ALA I 111 -15.42 -4.48 27.33
CA ALA I 111 -16.04 -3.91 26.14
C ALA I 111 -16.82 -2.64 26.48
N ILE I 112 -17.50 -2.61 27.62
CA ILE I 112 -18.29 -1.46 28.00
C ILE I 112 -17.47 -0.27 28.39
N ALA I 113 -16.51 -0.49 29.30
CA ALA I 113 -15.64 0.58 29.76
C ALA I 113 -15.05 1.28 28.56
N ARG I 114 -14.53 0.48 27.64
CA ARG I 114 -13.97 1.06 26.45
C ARG I 114 -15.01 1.85 25.68
N ALA I 115 -16.20 1.29 25.48
CA ALA I 115 -17.24 1.99 24.72
C ALA I 115 -17.54 3.38 25.24
N TYR I 116 -17.45 3.54 26.55
CA TYR I 116 -17.75 4.84 27.13
C TYR I 116 -16.50 5.65 27.40
N GLY I 117 -15.36 5.08 27.02
CA GLY I 117 -14.07 5.75 27.16
C GLY I 117 -13.77 6.11 28.59
N VAL I 118 -13.95 5.12 29.45
CA VAL I 118 -13.75 5.29 30.86
C VAL I 118 -12.67 4.32 31.33
N LEU I 119 -12.16 3.51 30.41
CA LEU I 119 -11.19 2.51 30.79
C LEU I 119 -9.78 3.06 30.82
N ASP I 120 -9.02 2.65 31.83
CA ASP I 120 -7.64 3.05 31.96
C ASP I 120 -6.91 1.85 31.46
N GLU I 121 -6.64 1.82 30.17
CA GLU I 121 -5.96 0.71 29.56
C GLU I 121 -4.76 0.21 30.35
N ASP I 122 -4.02 1.12 30.97
CA ASP I 122 -2.85 0.74 31.74
C ASP I 122 -3.14 -0.19 32.92
N SER I 123 -4.15 0.16 33.71
CA SER I 123 -4.50 -0.60 34.90
C SER I 123 -5.52 -1.67 34.66
N GLY I 124 -6.45 -1.42 33.75
CA GLY I 124 -7.45 -2.42 33.46
C GLY I 124 -8.76 -2.21 34.17
N VAL I 125 -8.95 -1.04 34.77
CA VAL I 125 -10.18 -0.73 35.49
C VAL I 125 -10.75 0.58 35.00
N ALA I 126 -11.98 0.89 35.40
CA ALA I 126 -12.62 2.11 34.94
C ALA I 126 -12.54 3.27 35.89
N TYR I 127 -12.67 4.48 35.34
CA TYR I 127 -12.68 5.68 36.16
C TYR I 127 -14.11 5.93 36.64
N ARG I 128 -14.28 6.83 37.60
CA ARG I 128 -15.60 7.14 38.12
C ARG I 128 -16.41 7.86 37.05
N GLY I 129 -16.95 7.09 36.12
CA GLY I 129 -17.72 7.71 35.06
C GLY I 129 -19.19 7.66 35.34
N VAL I 130 -19.92 8.62 34.80
CA VAL I 130 -21.35 8.68 34.98
C VAL I 130 -21.94 9.25 33.72
N PHE I 131 -22.91 8.53 33.16
CA PHE I 131 -23.54 9.00 31.96
C PHE I 131 -25.03 8.92 32.11
N ILE I 132 -25.74 9.83 31.46
CA ILE I 132 -27.19 9.88 31.51
C ILE I 132 -27.73 9.67 30.11
N ILE I 133 -28.47 8.57 29.91
CA ILE I 133 -29.08 8.28 28.62
C ILE I 133 -30.55 8.67 28.74
N ASP I 134 -31.09 9.31 27.71
CA ASP I 134 -32.49 9.71 27.72
C ASP I 134 -33.36 8.57 27.21
N PRO I 135 -34.68 8.69 27.42
CA PRO I 135 -35.67 7.70 27.01
C PRO I 135 -35.60 7.25 25.57
N ASN I 136 -35.02 8.08 24.71
CA ASN I 136 -34.90 7.72 23.30
C ASN I 136 -33.61 6.95 23.06
N GLY I 137 -32.86 6.75 24.12
CA GLY I 137 -31.62 6.00 24.02
C GLY I 137 -30.42 6.82 23.59
N LYS I 138 -30.50 8.12 23.77
CA LYS I 138 -29.40 8.99 23.39
C LYS I 138 -28.60 9.47 24.61
N LEU I 139 -27.29 9.62 24.44
CA LEU I 139 -26.43 10.07 25.53
C LEU I 139 -26.58 11.56 25.70
N ARG I 140 -26.80 12.02 26.93
CA ARG I 140 -26.99 13.44 27.14
C ARG I 140 -26.18 14.08 28.25
N GLN I 141 -25.28 13.31 28.84
CA GLN I 141 -24.47 13.87 29.89
C GLN I 141 -23.24 13.03 30.12
N ILE I 142 -22.09 13.68 30.17
CA ILE I 142 -20.85 12.97 30.43
C ILE I 142 -20.17 13.53 31.66
N ILE I 143 -19.70 12.63 32.50
CA ILE I 143 -19.01 13.03 33.70
C ILE I 143 -17.98 11.98 34.04
N ILE I 144 -16.73 12.38 34.17
CA ILE I 144 -15.70 11.41 34.52
C ILE I 144 -14.81 11.95 35.61
N ASN I 145 -14.97 11.40 36.80
CA ASN I 145 -14.20 11.82 37.98
C ASN I 145 -12.94 11.00 38.07
N ASP I 146 -11.91 11.54 38.71
CA ASP I 146 -10.67 10.79 38.86
C ASP I 146 -10.95 9.65 39.83
N MSE I 147 -10.03 8.69 39.92
CA MSE I 147 -10.18 7.53 40.79
C MSE I 147 -10.38 7.81 42.26
O MSE I 147 -10.98 6.99 42.97
CB MSE I 147 -8.97 6.63 40.63
CG MSE I 147 -8.72 6.22 39.21
SE MSE I 147 -9.85 4.79 38.60
CE MSE I 147 -8.74 3.35 39.24
N PRO I 148 -9.87 8.93 42.78
CA PRO I 148 -10.09 9.17 44.21
C PRO I 148 -11.17 10.17 44.53
N ILE I 149 -11.80 10.73 43.51
CA ILE I 149 -12.82 11.75 43.75
C ILE I 149 -14.27 11.30 43.66
N GLY I 150 -14.94 11.24 44.80
CA GLY I 150 -16.31 10.80 44.80
C GLY I 150 -17.25 11.70 44.03
N ARG I 151 -18.41 11.15 43.65
CA ARG I 151 -19.42 11.89 42.90
C ARG I 151 -20.53 12.37 43.81
N ASN I 152 -21.32 13.32 43.30
CA ASN I 152 -22.44 13.86 44.08
C ASN I 152 -23.72 13.43 43.43
N VAL I 153 -24.33 12.38 43.99
CA VAL I 153 -25.55 11.85 43.42
C VAL I 153 -26.65 12.87 43.24
N GLU I 154 -26.76 13.79 44.18
CA GLU I 154 -27.80 14.80 44.07
C GLU I 154 -27.65 15.55 42.75
N GLU I 155 -26.40 15.84 42.39
CA GLU I 155 -26.15 16.54 41.14
C GLU I 155 -26.66 15.74 39.95
N VAL I 156 -26.36 14.44 39.94
CA VAL I 156 -26.82 13.61 38.84
C VAL I 156 -28.31 13.82 38.69
N ILE I 157 -29.02 13.83 39.82
CA ILE I 157 -30.46 14.03 39.82
C ILE I 157 -30.79 15.39 39.19
N ARG I 158 -30.16 16.44 39.74
CA ARG I 158 -30.36 17.80 39.27
C ARG I 158 -30.35 17.80 37.76
N LEU I 159 -29.32 17.16 37.22
CA LEU I 159 -29.12 17.05 35.79
C LEU I 159 -30.26 16.34 35.11
N VAL I 160 -30.71 15.23 35.71
CA VAL I 160 -31.80 14.50 35.10
C VAL I 160 -33.05 15.37 35.07
N GLU I 161 -33.41 15.89 36.25
CA GLU I 161 -34.58 16.76 36.35
C GLU I 161 -34.40 17.84 35.29
N ALA I 162 -33.23 18.47 35.34
CA ALA I 162 -32.88 19.53 34.40
C ALA I 162 -33.16 19.12 32.97
N LEU I 163 -32.74 17.92 32.61
CA LEU I 163 -32.96 17.46 31.26
C LEU I 163 -34.45 17.37 30.96
N GLN I 164 -35.18 16.74 31.88
CA GLN I 164 -36.62 16.55 31.72
C GLN I 164 -37.33 17.87 31.55
N PHE I 165 -36.92 18.86 32.34
CA PHE I 165 -37.52 20.18 32.25
C PHE I 165 -37.55 20.63 30.79
N VAL I 166 -36.40 20.56 30.14
CA VAL I 166 -36.29 20.96 28.75
C VAL I 166 -37.20 20.16 27.82
N GLU I 167 -37.49 18.93 28.20
CA GLU I 167 -38.34 18.10 27.35
C GLU I 167 -39.73 18.67 27.24
N GLU I 168 -40.32 19.06 28.37
CA GLU I 168 -41.66 19.62 28.36
C GLU I 168 -41.74 21.03 27.78
N HIS I 169 -40.85 21.91 28.23
CA HIS I 169 -40.86 23.31 27.78
C HIS I 169 -39.89 23.72 26.65
N GLY I 170 -38.76 24.37 26.98
CA GLY I 170 -37.84 24.80 25.93
C GLY I 170 -36.45 25.37 26.19
N GLU I 171 -35.99 25.49 27.44
CA GLU I 171 -34.64 26.04 27.75
C GLU I 171 -34.32 26.15 29.26
N VAL I 172 -33.05 25.99 29.65
CA VAL I 172 -32.67 26.08 31.08
C VAL I 172 -31.44 26.95 31.44
N CYS I 173 -31.19 27.09 32.75
CA CYS I 173 -30.07 27.89 33.28
C CYS I 173 -29.37 27.08 34.40
N PRO I 174 -28.55 27.75 35.27
CA PRO I 174 -27.83 27.07 36.37
C PRO I 174 -28.60 26.77 37.67
N ALA J 5 -8.10 12.36 21.31
CA ALA J 5 -8.01 12.26 22.79
C ALA J 5 -7.27 13.24 23.72
N ALA J 6 -7.95 13.39 24.85
CA ALA J 6 -7.60 14.13 26.05
C ALA J 6 -7.97 13.14 27.13
N LYS J 7 -7.00 12.49 27.76
CA LYS J 7 -7.24 11.51 28.82
C LYS J 7 -7.02 12.07 30.23
N LEU J 8 -7.52 11.36 31.24
CA LEU J 8 -7.36 11.75 32.64
C LEU J 8 -5.96 11.40 33.10
N ASN J 9 -5.47 12.12 34.08
CA ASN J 9 -4.13 11.88 34.62
C ASN J 9 -3.04 11.96 33.57
N HIS J 10 -3.35 12.61 32.46
CA HIS J 10 -2.39 12.83 31.39
C HIS J 10 -2.39 14.33 31.18
N PRO J 11 -1.22 14.90 30.91
CA PRO J 11 -1.15 16.33 30.71
C PRO J 11 -2.22 16.89 29.80
N ALA J 12 -3.05 17.79 30.34
CA ALA J 12 -4.14 18.38 29.55
C ALA J 12 -3.64 18.94 28.26
N PRO J 13 -4.50 19.00 27.26
CA PRO J 13 -4.18 19.52 25.94
C PRO J 13 -3.74 20.96 26.08
N GLU J 14 -2.57 21.28 25.55
CA GLU J 14 -2.10 22.64 25.63
C GLU J 14 -2.97 23.53 24.78
N PHE J 15 -3.34 24.69 25.31
CA PHE J 15 -4.11 25.63 24.51
C PHE J 15 -3.33 26.91 24.51
N ASP J 16 -3.34 27.61 23.39
CA ASP J 16 -2.57 28.84 23.27
C ASP J 16 -3.30 29.70 22.24
N ASP J 17 -4.10 30.66 22.69
CA ASP J 17 -4.81 31.46 21.72
C ASP J 17 -5.25 32.80 22.34
N MSE J 18 -5.81 33.67 21.52
CA MSE J 18 -6.26 34.96 21.98
C MSE J 18 -7.35 34.89 23.01
O MSE J 18 -8.21 34.02 22.96
CB MSE J 18 -6.73 35.81 20.81
CG MSE J 18 -5.60 36.34 19.95
SE MSE J 18 -4.57 37.55 20.98
CE MSE J 18 -4.94 39.20 20.05
N ALA J 19 -7.31 35.83 23.94
CA ALA J 19 -8.31 35.89 25.00
C ALA J 19 -8.54 37.34 25.40
N LEU J 20 -9.78 37.65 25.68
CA LEU J 20 -10.16 38.99 26.10
C LEU J 20 -9.94 39.07 27.59
N MSE J 21 -8.81 39.63 27.98
CA MSE J 21 -8.45 39.78 29.38
C MSE J 21 -9.56 40.44 30.19
O MSE J 21 -10.49 41.03 29.64
CB MSE J 21 -7.17 40.56 29.46
CG MSE J 21 -6.05 39.86 28.76
SE MSE J 21 -5.96 38.00 29.32
CE MSE J 21 -4.55 38.07 30.61
N PRO J 22 -9.48 40.35 31.53
CA PRO J 22 -10.49 40.95 32.39
C PRO J 22 -10.73 42.41 32.07
N ASN J 23 -9.66 43.19 32.12
CA ASN J 23 -9.74 44.64 31.85
C ASN J 23 -10.31 44.99 30.48
N GLY J 24 -9.53 44.75 29.43
CA GLY J 24 -10.03 45.04 28.10
C GLY J 24 -8.99 44.79 27.03
N THR J 25 -7.83 44.29 27.44
CA THR J 25 -6.74 44.01 26.53
C THR J 25 -7.00 42.72 25.77
N PHE J 26 -6.20 42.51 24.72
CA PHE J 26 -6.26 41.31 23.94
C PHE J 26 -4.91 40.63 24.18
N LYS J 27 -4.89 39.53 24.92
CA LYS J 27 -3.64 38.85 25.18
C LYS J 27 -3.75 37.37 24.79
N LYS J 28 -2.67 36.82 24.26
CA LYS J 28 -2.64 35.43 23.88
C LYS J 28 -2.31 34.61 25.14
N VAL J 29 -3.26 33.82 25.60
CA VAL J 29 -3.08 33.01 26.80
C VAL J 29 -2.74 31.56 26.53
N SER J 30 -1.88 30.97 27.35
CA SER J 30 -1.50 29.56 27.19
C SER J 30 -1.70 28.73 28.47
N LEU J 31 -2.08 27.46 28.34
CA LEU J 31 -2.31 26.71 29.55
C LEU J 31 -1.05 26.58 30.41
N SER J 32 0.12 26.71 29.80
CA SER J 32 1.35 26.58 30.57
C SER J 32 1.56 27.79 31.46
N SER J 33 0.97 28.89 31.09
CA SER J 33 1.09 30.09 31.89
C SER J 33 0.61 29.76 33.29
N TYR J 34 -0.41 28.94 33.40
CA TYR J 34 -0.97 28.60 34.70
C TYR J 34 -0.25 27.50 35.46
N LYS J 35 0.85 27.02 34.92
CA LYS J 35 1.56 25.95 35.60
C LYS J 35 1.85 26.40 37.00
N GLY J 36 1.13 25.84 37.96
CA GLY J 36 1.33 26.21 39.34
C GLY J 36 0.01 26.27 40.07
N LYS J 37 -1.05 26.64 39.36
CA LYS J 37 -2.38 26.74 39.95
C LYS J 37 -3.33 25.73 39.31
N TYR J 38 -4.49 25.56 39.92
CA TYR J 38 -5.50 24.68 39.35
C TYR J 38 -6.21 25.54 38.32
N VAL J 39 -6.64 24.94 37.22
CA VAL J 39 -7.33 25.71 36.20
C VAL J 39 -8.68 25.11 35.87
N VAL J 40 -9.65 25.98 35.64
CA VAL J 40 -10.98 25.53 35.28
C VAL J 40 -11.28 26.09 33.90
N LEU J 41 -11.28 25.21 32.91
CA LEU J 41 -11.55 25.62 31.54
C LEU J 41 -12.97 25.20 31.27
N PHE J 42 -13.79 26.09 30.74
CA PHE J 42 -15.17 25.71 30.45
C PHE J 42 -15.60 26.29 29.12
N PHE J 43 -16.43 25.55 28.39
CA PHE J 43 -16.85 26.02 27.09
C PHE J 43 -18.32 26.40 27.00
N TYR J 44 -18.64 27.21 26.00
CA TYR J 44 -20.01 27.60 25.75
C TYR J 44 -20.11 27.76 24.26
N PRO J 45 -21.26 27.40 23.69
CA PRO J 45 -21.57 27.45 22.26
C PRO J 45 -21.28 28.74 21.53
N MSE J 46 -22.19 29.69 21.64
CA MSE J 46 -22.06 30.97 20.96
C MSE J 46 -22.08 32.16 21.90
O MSE J 46 -22.33 32.00 23.09
CB MSE J 46 -23.12 31.09 19.91
CG MSE J 46 -22.97 29.98 18.92
SE MSE J 46 -24.47 29.84 17.81
CE MSE J 46 -25.47 28.56 18.83
N ASP J 47 -21.85 33.35 21.37
CA ASP J 47 -21.74 34.51 22.22
C ASP J 47 -22.98 35.30 22.56
N PHE J 48 -23.68 35.83 21.58
CA PHE J 48 -24.86 36.62 21.89
C PHE J 48 -26.15 35.79 21.97
N THR J 49 -26.21 34.90 22.95
CA THR J 49 -27.36 34.04 23.14
C THR J 49 -28.27 34.57 24.26
N PHE J 50 -29.42 35.10 23.82
CA PHE J 50 -30.48 35.70 24.65
C PHE J 50 -30.55 35.21 26.08
N VAL J 51 -30.47 33.90 26.23
CA VAL J 51 -30.41 33.33 27.54
C VAL J 51 -29.14 32.46 27.56
N CYS J 52 -28.56 32.34 28.76
CA CYS J 52 -27.44 31.46 29.01
C CYS J 52 -26.05 32.08 29.13
N PRO J 53 -26.10 33.34 29.71
CA PRO J 53 -24.93 34.17 30.13
C PRO J 53 -24.66 33.72 31.51
N THR J 54 -25.81 33.80 32.14
CA THR J 54 -26.02 33.42 33.49
C THR J 54 -24.92 32.46 33.83
N GLU J 55 -24.85 31.36 33.10
CA GLU J 55 -23.84 30.35 33.36
C GLU J 55 -22.44 30.96 33.30
N ILE J 56 -22.14 31.56 32.17
CA ILE J 56 -20.85 32.20 31.97
C ILE J 56 -20.55 33.16 33.13
N ILE J 57 -21.52 33.99 33.47
CA ILE J 57 -21.37 34.97 34.55
C ILE J 57 -21.06 34.32 35.88
N GLN J 58 -21.90 33.37 36.29
CA GLN J 58 -21.69 32.70 37.57
C GLN J 58 -20.23 32.41 37.81
N PHE J 59 -19.54 31.95 36.78
CA PHE J 59 -18.12 31.66 36.90
C PHE J 59 -17.37 32.96 37.20
N SER J 60 -17.61 33.97 36.38
CA SER J 60 -16.93 35.25 36.56
C SER J 60 -17.08 35.75 37.98
N ASP J 61 -18.28 35.63 38.53
CA ASP J 61 -18.52 36.09 39.89
C ASP J 61 -17.76 35.24 40.89
N ASP J 62 -18.03 33.94 40.92
CA ASP J 62 -17.32 33.07 41.86
C ASP J 62 -15.82 33.06 41.58
N ALA J 63 -15.39 33.86 40.62
CA ALA J 63 -13.99 33.95 40.25
C ALA J 63 -13.15 34.22 41.47
N LYS J 64 -13.63 35.18 42.26
CA LYS J 64 -12.96 35.60 43.49
C LYS J 64 -12.84 34.38 44.40
N ARG J 65 -14.00 33.80 44.68
CA ARG J 65 -14.09 32.63 45.54
C ARG J 65 -13.15 31.53 45.06
N PHE J 66 -13.00 31.42 43.74
CA PHE J 66 -12.11 30.40 43.18
C PHE J 66 -10.66 30.74 43.48
N ALA J 67 -10.30 31.97 43.14
CA ALA J 67 -8.94 32.45 43.34
C ALA J 67 -8.50 32.18 44.77
N GLU J 68 -9.46 32.30 45.67
CA GLU J 68 -9.23 32.09 47.10
C GLU J 68 -8.67 30.69 47.34
N ILE J 69 -9.04 29.76 46.47
CA ILE J 69 -8.59 28.38 46.61
C ILE J 69 -7.55 27.91 45.57
N ASN J 70 -6.64 28.82 45.21
CA ASN J 70 -5.57 28.57 44.26
C ASN J 70 -6.01 28.14 42.87
N THR J 71 -7.23 28.45 42.49
CA THR J 71 -7.66 28.06 41.16
C THR J 71 -8.07 29.26 40.30
N GLU J 72 -7.63 29.23 39.05
CA GLU J 72 -7.95 30.29 38.11
C GLU J 72 -8.97 29.69 37.11
N VAL J 73 -9.90 30.50 36.62
CA VAL J 73 -10.85 29.96 35.67
C VAL J 73 -10.77 30.75 34.39
N ILE J 74 -11.15 30.12 33.29
CA ILE J 74 -11.12 30.77 31.98
C ILE J 74 -12.14 30.11 31.05
N SER J 75 -12.87 30.95 30.31
CA SER J 75 -13.88 30.51 29.37
C SER J 75 -13.31 30.29 27.98
N CYS J 76 -14.15 29.81 27.08
CA CYS J 76 -13.73 29.54 25.73
C CYS J 76 -14.95 29.25 24.86
N SER J 77 -14.88 29.72 23.61
CA SER J 77 -15.94 29.55 22.64
C SER J 77 -15.33 29.78 21.28
N CYS J 78 -16.01 29.38 20.23
CA CYS J 78 -15.46 29.57 18.91
C CYS J 78 -15.74 30.94 18.33
N ASP J 79 -15.95 31.93 19.19
CA ASP J 79 -16.23 33.28 18.70
C ASP J 79 -15.02 34.17 18.75
N SER J 80 -15.00 35.22 17.93
CA SER J 80 -13.85 36.12 17.91
C SER J 80 -13.64 36.97 19.14
N GLU J 81 -12.36 37.21 19.43
CA GLU J 81 -11.94 38.06 20.53
C GLU J 81 -12.75 39.35 20.48
N TYR J 82 -12.97 39.85 19.27
CA TYR J 82 -13.73 41.08 19.09
C TYR J 82 -15.18 40.88 19.47
N SER J 83 -15.72 39.70 19.14
CA SER J 83 -17.10 39.40 19.46
C SER J 83 -17.25 39.32 20.98
N HIS J 84 -16.22 38.81 21.66
CA HIS J 84 -16.29 38.73 23.10
C HIS J 84 -16.37 40.15 23.65
N LEU J 85 -15.44 41.00 23.23
CA LEU J 85 -15.43 42.39 23.69
C LEU J 85 -16.82 42.99 23.55
N GLN J 86 -17.30 43.09 22.33
CA GLN J 86 -18.61 43.64 22.07
C GLN J 86 -19.66 43.14 23.04
N TRP J 87 -19.58 41.87 23.42
CA TRP J 87 -20.56 41.32 24.35
C TRP J 87 -20.28 41.80 25.77
N THR J 88 -19.02 42.09 26.06
CA THR J 88 -18.65 42.53 27.39
C THR J 88 -19.02 44.00 27.58
N SER J 89 -19.21 44.72 26.47
CA SER J 89 -19.55 46.13 26.55
C SER J 89 -21.00 46.34 26.92
N VAL J 90 -21.88 45.48 26.41
CA VAL J 90 -23.30 45.60 26.74
C VAL J 90 -23.52 45.34 28.22
N ASP J 91 -24.37 46.17 28.84
CA ASP J 91 -24.63 46.04 30.28
C ASP J 91 -25.41 44.79 30.65
N ARG J 92 -24.87 44.06 31.62
CA ARG J 92 -25.45 42.82 32.10
C ARG J 92 -26.96 42.94 32.26
N LYS J 93 -27.40 44.14 32.62
CA LYS J 93 -28.82 44.41 32.84
C LYS J 93 -29.67 44.24 31.58
N LYS J 94 -29.13 44.61 30.42
CA LYS J 94 -29.88 44.49 29.18
C LYS J 94 -29.44 43.26 28.36
N GLY J 95 -29.44 42.10 29.00
CA GLY J 95 -29.06 40.87 28.33
C GLY J 95 -27.61 40.81 27.89
N GLY J 96 -26.82 41.75 28.41
CA GLY J 96 -25.41 41.80 28.09
C GLY J 96 -24.60 40.89 28.99
N LEU J 97 -23.30 41.09 29.03
CA LEU J 97 -22.43 40.27 29.83
C LEU J 97 -21.73 41.14 30.89
N GLY J 98 -21.34 42.34 30.48
CA GLY J 98 -20.68 43.23 31.41
C GLY J 98 -19.32 42.72 31.82
N PRO J 99 -18.41 43.60 32.28
CA PRO J 99 -17.05 43.21 32.69
C PRO J 99 -16.94 41.86 33.39
N MSE J 100 -15.99 41.05 32.90
CA MSE J 100 -15.75 39.72 33.46
C MSE J 100 -14.44 39.75 34.19
O MSE J 100 -13.55 40.54 33.86
CB MSE J 100 -15.64 38.68 32.35
CG MSE J 100 -16.81 38.62 31.39
SE MSE J 100 -18.36 37.74 32.11
CE MSE J 100 -17.68 35.94 32.25
N ALA J 101 -14.30 38.87 35.19
CA ALA J 101 -13.07 38.79 35.98
C ALA J 101 -12.27 37.61 35.43
N ILE J 102 -12.82 37.02 34.39
CA ILE J 102 -12.25 35.87 33.75
C ILE J 102 -11.77 36.15 32.35
N PRO J 103 -10.62 35.57 31.97
CA PRO J 103 -10.12 35.80 30.60
C PRO J 103 -11.06 35.00 29.69
N MSE J 104 -11.35 35.48 28.50
CA MSE J 104 -12.24 34.73 27.63
C MSE J 104 -11.55 34.26 26.36
O MSE J 104 -11.30 35.05 25.45
CB MSE J 104 -13.45 35.58 27.28
CG MSE J 104 -14.36 35.92 28.44
SE MSE J 104 -15.77 37.09 27.84
CE MSE J 104 -17.04 35.81 27.25
N LEU J 105 -11.21 32.99 26.31
CA LEU J 105 -10.54 32.43 25.15
C LEU J 105 -11.40 32.51 23.91
N ALA J 106 -10.74 32.62 22.76
CA ALA J 106 -11.45 32.69 21.49
C ALA J 106 -10.73 31.83 20.46
N ASP J 107 -11.20 30.61 20.20
CA ASP J 107 -10.48 29.82 19.21
C ASP J 107 -11.18 29.77 17.88
N LYS J 108 -10.91 30.79 17.09
CA LYS J 108 -11.50 30.93 15.78
C LYS J 108 -11.10 29.71 14.96
N THR J 109 -10.03 29.08 15.39
CA THR J 109 -9.45 27.92 14.75
C THR J 109 -10.18 26.61 15.10
N LYS J 110 -10.87 26.61 16.24
CA LYS J 110 -11.59 25.43 16.72
C LYS J 110 -10.64 24.36 17.22
N ALA J 111 -9.34 24.67 17.17
CA ALA J 111 -8.29 23.77 17.60
C ALA J 111 -8.52 23.29 19.04
N ILE J 112 -8.93 24.20 19.91
CA ILE J 112 -9.13 23.86 21.32
C ILE J 112 -10.31 22.97 21.58
N ALA J 113 -11.46 23.34 21.02
CA ALA J 113 -12.68 22.57 21.19
C ALA J 113 -12.40 21.15 20.77
N ARG J 114 -11.72 20.98 19.64
CA ARG J 114 -11.41 19.65 19.20
C ARG J 114 -10.48 18.96 20.20
N ALA J 115 -9.46 19.65 20.67
CA ALA J 115 -8.52 19.06 21.61
C ALA J 115 -9.18 18.43 22.81
N TYR J 116 -10.22 19.09 23.31
CA TYR J 116 -10.93 18.60 24.47
C TYR J 116 -12.14 17.74 24.12
N GLY J 117 -12.36 17.54 22.83
CA GLY J 117 -13.48 16.72 22.37
C GLY J 117 -14.82 17.25 22.84
N VAL J 118 -15.03 18.53 22.60
CA VAL J 118 -16.22 19.21 23.01
C VAL J 118 -16.90 19.83 21.77
N LEU J 119 -16.26 19.72 20.63
CA LEU J 119 -16.79 20.32 19.44
C LEU J 119 -17.83 19.48 18.77
N ASP J 120 -18.89 20.12 18.29
CA ASP J 120 -19.93 19.44 17.58
C ASP J 120 -19.58 19.74 16.14
N GLU J 121 -18.83 18.85 15.51
CA GLU J 121 -18.41 19.08 14.15
C GLU J 121 -19.53 19.52 13.23
N ASP J 122 -20.72 19.02 13.46
CA ASP J 122 -21.86 19.35 12.61
C ASP J 122 -22.26 20.81 12.63
N SER J 123 -22.33 21.39 13.83
CA SER J 123 -22.74 22.78 14.01
C SER J 123 -21.58 23.75 14.05
N GLY J 124 -20.44 23.33 14.57
CA GLY J 124 -19.30 24.20 14.57
C GLY J 124 -19.09 24.95 15.85
N VAL J 125 -19.80 24.53 16.90
CA VAL J 125 -19.71 25.16 18.21
C VAL J 125 -19.43 24.12 19.29
N ALA J 126 -19.07 24.57 20.49
CA ALA J 126 -18.75 23.62 21.55
C ALA J 126 -19.88 23.34 22.49
N TYR J 127 -19.81 22.19 23.15
CA TYR J 127 -20.83 21.81 24.13
C TYR J 127 -20.44 22.40 25.48
N ARG J 128 -21.35 22.38 26.43
CA ARG J 128 -21.03 22.90 27.75
C ARG J 128 -20.01 22.00 28.42
N GLY J 129 -18.76 22.14 28.05
CA GLY J 129 -17.73 21.33 28.68
C GLY J 129 -17.05 22.04 29.82
N VAL J 130 -16.55 21.26 30.76
CA VAL J 130 -15.84 21.82 31.90
C VAL J 130 -14.74 20.85 32.28
N PHE J 131 -13.52 21.35 32.33
CA PHE J 131 -12.39 20.53 32.70
C PHE J 131 -11.60 21.19 33.81
N ILE J 132 -11.02 20.38 34.69
CA ILE J 132 -10.20 20.86 35.80
C ILE J 132 -8.79 20.32 35.62
N ILE J 133 -7.83 21.23 35.43
CA ILE J 133 -6.43 20.86 35.28
C ILE J 133 -5.75 21.16 36.61
N ASP J 134 -4.92 20.24 37.07
CA ASP J 134 -4.22 20.45 38.34
C ASP J 134 -2.95 21.24 38.12
N PRO J 135 -2.35 21.74 39.21
CA PRO J 135 -1.12 22.53 39.20
C PRO J 135 0.05 21.94 38.45
N ASN J 136 0.02 20.64 38.21
CA ASN J 136 1.12 20.01 37.48
C ASN J 136 0.77 19.95 36.00
N GLY J 137 -0.39 20.50 35.67
CA GLY J 137 -0.82 20.55 34.28
C GLY J 137 -1.48 19.30 33.76
N LYS J 138 -2.02 18.50 34.66
CA LYS J 138 -2.67 17.26 34.27
C LYS J 138 -4.20 17.40 34.37
N LEU J 139 -4.90 16.74 33.45
CA LEU J 139 -6.36 16.78 33.42
C LEU J 139 -6.90 15.85 34.49
N ARG J 140 -7.82 16.33 35.31
CA ARG J 140 -8.32 15.50 36.40
C ARG J 140 -9.82 15.46 36.56
N GLN J 141 -10.54 16.05 35.61
CA GLN J 141 -11.99 16.06 35.71
C GLN J 141 -12.61 16.41 34.38
N ILE J 142 -13.53 15.57 33.94
CA ILE J 142 -14.23 15.83 32.69
C ILE J 142 -15.72 15.95 32.93
N ILE J 143 -16.32 16.93 32.30
CA ILE J 143 -17.74 17.15 32.44
C ILE J 143 -18.24 17.77 31.15
N ILE J 144 -19.22 17.14 30.53
CA ILE J 144 -19.78 17.70 29.32
C ILE J 144 -21.30 17.68 29.38
N ASN J 145 -21.88 18.87 29.51
CA ASN J 145 -23.32 19.05 29.60
C ASN J 145 -23.89 19.28 28.22
N ASP J 146 -25.14 18.90 27.99
CA ASP J 146 -25.73 19.11 26.66
C ASP J 146 -25.89 20.61 26.46
N MSE J 147 -26.18 21.03 25.25
CA MSE J 147 -26.34 22.43 24.93
C MSE J 147 -27.38 23.20 25.72
O MSE J 147 -27.24 24.39 25.92
CB MSE J 147 -26.68 22.56 23.45
CG MSE J 147 -25.69 21.90 22.53
SE MSE J 147 -24.13 22.95 22.34
CE MSE J 147 -24.79 24.03 20.88
N PRO J 148 -28.45 22.53 26.18
CA PRO J 148 -29.44 23.30 26.94
C PRO J 148 -29.35 23.13 28.43
N ILE J 149 -28.40 22.35 28.90
CA ILE J 149 -28.32 22.11 30.34
C ILE J 149 -27.23 22.86 31.07
N GLY J 150 -27.64 23.85 31.87
CA GLY J 150 -26.69 24.65 32.63
C GLY J 150 -25.85 23.85 33.61
N ARG J 151 -24.74 24.43 34.03
CA ARG J 151 -23.83 23.76 34.95
C ARG J 151 -23.97 24.31 36.35
N ASN J 152 -23.47 23.57 37.35
CA ASN J 152 -23.54 24.02 38.73
C ASN J 152 -22.15 24.37 39.19
N VAL J 153 -21.84 25.66 39.18
CA VAL J 153 -20.52 26.12 39.56
C VAL J 153 -20.07 25.63 40.92
N GLU J 154 -21.00 25.57 41.86
CA GLU J 154 -20.64 25.15 43.20
C GLU J 154 -20.00 23.77 43.12
N GLU J 155 -20.57 22.92 42.28
CA GLU J 155 -20.07 21.55 42.11
C GLU J 155 -18.61 21.58 41.65
N VAL J 156 -18.34 22.38 40.62
CA VAL J 156 -17.00 22.49 40.09
C VAL J 156 -16.08 22.77 41.27
N ILE J 157 -16.50 23.67 42.14
CA ILE J 157 -15.71 24.00 43.33
C ILE J 157 -15.54 22.76 44.20
N ARG J 158 -16.66 22.13 44.53
CA ARG J 158 -16.65 20.93 45.36
C ARG J 158 -15.52 20.03 44.89
N LEU J 159 -15.53 19.80 43.57
CA LEU J 159 -14.58 18.96 42.91
C LEU J 159 -13.15 19.44 43.08
N VAL J 160 -12.96 20.74 42.94
CA VAL J 160 -11.61 21.27 43.08
C VAL J 160 -11.15 21.05 44.50
N GLU J 161 -11.97 21.48 45.47
CA GLU J 161 -11.64 21.31 46.87
C GLU J 161 -11.38 19.83 47.08
N ALA J 162 -12.32 19.02 46.63
CA ALA J 162 -12.18 17.57 46.73
C ALA J 162 -10.81 17.09 46.22
N LEU J 163 -10.40 17.59 45.07
CA LEU J 163 -9.13 17.18 44.53
C LEU J 163 -7.99 17.57 45.45
N GLN J 164 -8.01 18.82 45.90
CA GLN J 164 -6.96 19.34 46.77
C GLN J 164 -6.86 18.53 48.05
N PHE J 165 -8.01 18.15 48.59
CA PHE J 165 -8.04 17.37 49.80
C PHE J 165 -7.12 16.16 49.64
N VAL J 166 -7.44 15.33 48.65
CA VAL J 166 -6.66 14.14 48.38
C VAL J 166 -5.17 14.43 48.21
N GLU J 167 -4.87 15.63 47.74
CA GLU J 167 -3.47 16.00 47.53
C GLU J 167 -2.78 16.24 48.87
N GLU J 168 -3.33 17.16 49.64
CA GLU J 168 -2.79 17.53 50.95
C GLU J 168 -2.49 16.28 51.76
N HIS J 169 -3.56 15.65 52.21
CA HIS J 169 -3.50 14.44 53.01
C HIS J 169 -2.94 13.30 52.17
N GLY J 170 -3.54 12.11 52.23
CA GLY J 170 -3.03 11.00 51.45
C GLY J 170 -1.54 10.66 51.64
CL CL K . -5.56 32.63 0.13
CL CL L . -9.25 29.02 -12.89
CL CL M . 12.74 13.29 -28.14
CL CL N . 8.47 1.01 -32.38
CL CL O . 19.07 -23.35 -15.34
CL CL P . 8.87 -30.57 -10.36
CL CL Q . 4.62 -26.02 19.95
CL CL R . -8.21 -21.79 23.61
CL CL S . -10.00 8.66 30.25
CL CL T . -19.37 15.21 22.35
#